data_8VKA
#
_entry.id   8VKA
#
_cell.length_a   58.340
_cell.length_b   119.279
_cell.length_c   173.755
_cell.angle_alpha   90.000
_cell.angle_beta   90.000
_cell.angle_gamma   90.000
#
_symmetry.space_group_name_H-M   'P 21 21 21'
#
loop_
_entity.id
_entity.type
_entity.pdbx_description
1 polymer 'Glycylpeptide N-tetradecanoyltransferase'
2 non-polymer TETRADECANOYL-COA
3 non-polymer "N-[1,5-dimethyl-4-(2-{[(2M)-2'-(piperazin-1-yl)[2,4'-bipyridin]-3-yl]oxy}ethyl)-1H-pyrazole-3-carbonyl]glycine"
4 non-polymer 'CHLORIDE ION'
5 non-polymer GLYCEROL
6 non-polymer 'PENTAETHYLENE GLYCOL'
7 non-polymer 'MAGNESIUM ION'
8 non-polymer 3,6,9,12,15,18-HEXAOXAICOSANE-1,20-DIOL
9 water water
#
_entity_poly.entity_id   1
_entity_poly.type   'polypeptide(L)'
_entity_poly.pdbx_seq_one_letter_code
;GPDYKFWYTQPVPKINDEFNESVNEPFISDNKVEDVRKDEYKLPPGYSWYVCDVKDEKDRSEIYTLLTDNYVEDDDNIFR
FNYSAEFLLWALTSPNYLKTWHIGVKYDASNKLIGFISAIPTDICIHKRTIKMAEVNFLCVHKTLRSKRLAPVLIKEITR
RINLENIWQAIYTAGVYLPKPVSDARYYHRSINVKKLIEIGFSSLNSRLTMSRAIKLYRVEDTLNIKNMRLMKKKDVEGV
HKLLGSYLEQFNLYAVFTKEEIAHWFLPIENVIYTYVNEENGKIKDMISFYSLPSQILGNDKYSTLNAAYSFYNVTTTAT
FKQLMQDAILLAKRNNFDVFNALEVMQNKSVFEDLKFGEGDGSLKYYLYNWKCASFAPAHVGIVLL
;
_entity_poly.pdbx_strand_id   A,B,C
#
loop_
_chem_comp.id
_chem_comp.type
_chem_comp.name
_chem_comp.formula
1PE non-polymer 'PENTAETHYLENE GLYCOL' 'C10 H22 O6'
A1AB7 non-polymer N-[1,5-dimethyl-4-(2-{[(2M)-2'-(piperazin-1-yl)[2,4'-bipyridin]-3-yl]oxy}ethyl)-1H-pyrazole-3-carbonyl]glycine 'C24 H29 N7 O4'
CL non-polymer 'CHLORIDE ION' 'Cl -1'
GOL non-polymer GLYCEROL 'C3 H8 O3'
MG non-polymer 'MAGNESIUM ION' 'Mg 2'
MYA non-polymer TETRADECANOYL-COA 'C35 H62 N7 O17 P3 S'
P33 non-polymer 3,6,9,12,15,18-HEXAOXAICOSANE-1,20-DIOL 'C14 H30 O8'
#
# COMPACT_ATOMS: atom_id res chain seq x y z
N ASP A 3 16.85 -26.94 -30.08
CA ASP A 3 17.20 -26.33 -31.36
C ASP A 3 17.40 -24.83 -31.21
N TYR A 4 16.30 -24.08 -31.36
CA TYR A 4 16.31 -22.61 -31.30
C TYR A 4 17.35 -22.03 -32.27
N LYS A 5 17.36 -22.57 -33.49
N LYS A 5 17.36 -22.57 -33.49
CA LYS A 5 18.33 -22.10 -34.48
CA LYS A 5 18.31 -22.12 -34.50
C LYS A 5 18.10 -20.65 -34.88
C LYS A 5 18.10 -20.65 -34.85
N PHE A 6 16.85 -20.18 -34.82
CA PHE A 6 16.56 -18.78 -35.09
C PHE A 6 16.73 -17.90 -33.85
N TRP A 7 16.10 -18.28 -32.74
CA TRP A 7 16.08 -17.41 -31.57
C TRP A 7 17.46 -17.20 -30.98
N TYR A 8 18.35 -18.19 -31.09
CA TYR A 8 19.71 -17.97 -30.58
C TYR A 8 20.51 -17.00 -31.47
N THR A 9 19.95 -16.50 -32.57
CA THR A 9 20.58 -15.42 -33.31
C THR A 9 20.12 -14.05 -32.84
N GLN A 10 19.08 -13.99 -31.95
CA GLN A 10 18.45 -12.76 -31.54
C GLN A 10 18.96 -12.31 -30.17
N PRO A 11 18.73 -11.04 -29.83
CA PRO A 11 19.13 -10.52 -28.49
C PRO A 11 18.12 -10.86 -27.40
N VAL A 12 18.13 -12.14 -27.01
CA VAL A 12 17.29 -12.65 -25.93
C VAL A 12 18.13 -13.61 -25.12
N PRO A 13 17.71 -13.93 -23.89
CA PRO A 13 18.49 -14.86 -23.06
C PRO A 13 18.47 -16.27 -23.63
N LYS A 14 19.59 -16.97 -23.48
CA LYS A 14 19.61 -18.41 -23.76
C LYS A 14 18.73 -19.14 -22.73
N ILE A 15 18.46 -20.41 -23.01
CA ILE A 15 17.44 -21.13 -22.25
C ILE A 15 17.85 -21.31 -20.78
N ASN A 16 19.15 -21.40 -20.50
CA ASN A 16 19.61 -21.56 -19.11
C ASN A 16 20.09 -20.26 -18.45
N ASP A 17 20.03 -19.13 -19.14
CA ASP A 17 20.54 -17.90 -18.56
C ASP A 17 19.73 -17.53 -17.32
N GLU A 18 20.40 -16.96 -16.33
CA GLU A 18 19.77 -16.50 -15.09
C GLU A 18 20.50 -15.27 -14.61
N PHE A 19 19.77 -14.20 -14.35
CA PHE A 19 20.36 -12.93 -13.92
C PHE A 19 19.83 -12.53 -12.54
N ASN A 20 20.68 -11.89 -11.76
CA ASN A 20 20.28 -11.43 -10.43
C ASN A 20 19.67 -10.03 -10.52
N GLU A 21 19.29 -9.48 -9.38
CA GLU A 21 18.53 -8.24 -9.37
C GLU A 21 19.33 -7.04 -9.83
N SER A 22 20.65 -7.11 -9.78
N SER A 22 20.65 -7.10 -9.77
CA SER A 22 21.49 -5.98 -10.18
CA SER A 22 21.47 -5.97 -10.18
C SER A 22 21.51 -5.76 -11.68
C SER A 22 21.55 -5.78 -11.69
N VAL A 23 20.90 -6.64 -12.47
CA VAL A 23 20.91 -6.56 -13.93
C VAL A 23 19.53 -6.16 -14.43
N ASN A 24 19.47 -5.08 -15.20
CA ASN A 24 18.23 -4.57 -15.78
C ASN A 24 18.58 -3.62 -16.93
N GLU A 25 18.88 -4.15 -18.11
CA GLU A 25 19.46 -3.33 -19.18
C GLU A 25 19.36 -4.11 -20.48
N PRO A 26 19.65 -3.46 -21.61
CA PRO A 26 19.54 -4.15 -22.91
C PRO A 26 20.67 -5.15 -23.11
N PHE A 27 20.45 -6.08 -24.04
CA PHE A 27 21.56 -6.90 -24.56
C PHE A 27 22.45 -6.08 -25.48
N ILE A 28 21.85 -5.27 -26.35
CA ILE A 28 22.54 -4.41 -27.32
C ILE A 28 22.04 -2.98 -27.13
N SER A 29 22.95 -2.09 -26.74
CA SER A 29 22.66 -0.66 -26.63
C SER A 29 23.44 0.10 -27.70
N ASP A 30 23.29 1.43 -27.68
CA ASP A 30 24.00 2.32 -28.59
C ASP A 30 23.55 2.14 -30.04
N ASN A 31 22.30 1.69 -30.25
CA ASN A 31 21.80 1.46 -31.59
C ASN A 31 21.54 2.78 -32.32
N LYS A 32 21.73 2.75 -33.63
CA LYS A 32 21.56 3.93 -34.48
C LYS A 32 20.50 3.64 -35.54
N VAL A 33 19.53 4.53 -35.66
CA VAL A 33 18.51 4.38 -36.69
C VAL A 33 19.10 4.42 -38.10
N GLU A 34 20.20 5.15 -38.28
N GLU A 34 20.20 5.15 -38.28
CA GLU A 34 20.78 5.28 -39.61
CA GLU A 34 20.77 5.28 -39.61
C GLU A 34 21.31 3.96 -40.14
C GLU A 34 21.37 3.99 -40.13
N ASP A 35 21.73 3.07 -39.25
CA ASP A 35 22.29 1.78 -39.64
C ASP A 35 21.24 0.69 -39.86
N VAL A 36 19.97 0.96 -39.59
CA VAL A 36 18.91 -0.02 -39.78
C VAL A 36 18.70 -0.27 -41.27
N ARG A 37 18.48 -1.53 -41.63
CA ARG A 37 18.31 -1.90 -43.03
C ARG A 37 17.13 -1.16 -43.61
N LYS A 38 17.29 -0.61 -44.81
CA LYS A 38 16.21 0.11 -45.48
C LYS A 38 15.39 -0.74 -46.46
N ASP A 39 15.83 -1.95 -46.77
CA ASP A 39 15.15 -2.83 -47.71
C ASP A 39 14.32 -3.85 -46.95
N GLU A 40 13.16 -4.19 -47.50
CA GLU A 40 12.31 -5.23 -46.93
C GLU A 40 12.99 -6.59 -47.07
N TYR A 41 12.74 -7.46 -46.10
CA TYR A 41 13.27 -8.82 -46.17
C TYR A 41 12.67 -9.58 -47.35
N LYS A 42 13.46 -10.50 -47.89
CA LYS A 42 13.03 -11.27 -49.04
C LYS A 42 12.02 -12.32 -48.62
N LEU A 43 11.00 -12.51 -49.47
CA LEU A 43 10.01 -13.57 -49.37
C LEU A 43 10.18 -14.54 -50.52
N PRO A 44 9.70 -15.77 -50.40
CA PRO A 44 9.82 -16.74 -51.51
C PRO A 44 9.14 -16.19 -52.76
N PRO A 45 9.52 -16.69 -53.93
CA PRO A 45 8.83 -16.24 -55.16
C PRO A 45 7.34 -16.46 -55.09
N GLY A 46 6.59 -15.43 -55.46
CA GLY A 46 5.14 -15.48 -55.44
C GLY A 46 4.45 -14.91 -54.22
N TYR A 47 5.19 -14.31 -53.29
CA TYR A 47 4.63 -13.69 -52.10
C TYR A 47 5.12 -12.25 -52.00
N SER A 48 4.26 -11.37 -51.44
CA SER A 48 4.58 -9.96 -51.34
CA SER A 48 4.57 -9.95 -51.35
C SER A 48 4.12 -9.42 -50.00
N TRP A 49 4.80 -8.38 -49.53
CA TRP A 49 4.42 -7.69 -48.31
C TRP A 49 3.19 -6.84 -48.57
N TYR A 50 2.34 -6.73 -47.55
CA TYR A 50 1.11 -5.94 -47.64
C TYR A 50 0.89 -5.21 -46.32
N VAL A 51 0.78 -3.89 -46.38
CA VAL A 51 0.44 -3.09 -45.21
C VAL A 51 -1.09 -3.03 -45.09
N CYS A 52 -1.59 -3.51 -43.95
CA CYS A 52 -3.02 -3.54 -43.69
C CYS A 52 -3.51 -2.24 -43.04
N ASP A 53 -4.67 -1.75 -43.50
CA ASP A 53 -5.36 -0.61 -42.89
C ASP A 53 -6.57 -1.17 -42.10
N VAL A 54 -6.39 -1.35 -40.80
N VAL A 54 -6.39 -1.35 -40.80
CA VAL A 54 -7.43 -1.97 -40.00
CA VAL A 54 -7.43 -1.97 -40.00
C VAL A 54 -8.65 -1.07 -39.82
C VAL A 54 -8.65 -1.07 -39.82
N LYS A 55 -8.54 0.21 -40.16
CA LYS A 55 -9.70 1.10 -40.13
C LYS A 55 -10.58 0.94 -41.36
N ASP A 56 -10.10 0.24 -42.38
CA ASP A 56 -10.92 -0.11 -43.53
C ASP A 56 -11.61 -1.45 -43.26
N GLU A 57 -12.93 -1.47 -43.45
CA GLU A 57 -13.69 -2.67 -43.06
C GLU A 57 -13.23 -3.90 -43.82
N LYS A 58 -12.83 -3.73 -45.09
CA LYS A 58 -12.48 -4.88 -45.90
C LYS A 58 -11.12 -5.47 -45.52
N ASP A 59 -10.09 -4.62 -45.37
CA ASP A 59 -8.82 -5.10 -44.86
C ASP A 59 -8.98 -5.77 -43.48
N ARG A 60 -9.78 -5.18 -42.63
CA ARG A 60 -10.03 -5.72 -41.30
C ARG A 60 -10.67 -7.09 -41.39
N SER A 61 -11.58 -7.29 -42.36
N SER A 61 -11.59 -7.28 -42.37
CA SER A 61 -12.24 -8.58 -42.51
CA SER A 61 -12.27 -8.56 -42.48
C SER A 61 -11.28 -9.64 -43.07
C SER A 61 -11.36 -9.63 -43.09
N GLU A 62 -10.36 -9.24 -43.94
N GLU A 62 -10.37 -9.23 -43.88
CA GLU A 62 -9.34 -10.18 -44.40
CA GLU A 62 -9.39 -10.20 -44.38
C GLU A 62 -8.49 -10.70 -43.25
C GLU A 62 -8.50 -10.71 -43.23
N ILE A 63 -8.10 -9.82 -42.32
CA ILE A 63 -7.36 -10.28 -41.13
C ILE A 63 -8.24 -11.20 -40.27
N TYR A 64 -9.50 -10.81 -40.07
CA TYR A 64 -10.42 -11.63 -39.30
C TYR A 64 -10.52 -13.03 -39.89
N THR A 65 -10.65 -13.14 -41.20
CA THR A 65 -10.82 -14.43 -41.82
C THR A 65 -9.58 -15.29 -41.62
N LEU A 66 -8.38 -14.71 -41.82
CA LEU A 66 -7.14 -15.43 -41.54
C LEU A 66 -7.10 -15.95 -40.11
N LEU A 67 -7.35 -15.10 -39.11
CA LEU A 67 -7.25 -15.54 -37.72
C LEU A 67 -8.34 -16.56 -37.36
N THR A 68 -9.56 -16.33 -37.80
CA THR A 68 -10.64 -17.27 -37.46
C THR A 68 -10.29 -18.69 -37.88
N ASP A 69 -9.61 -18.85 -39.01
CA ASP A 69 -9.31 -20.16 -39.54
C ASP A 69 -7.96 -20.70 -39.13
N ASN A 70 -7.03 -19.87 -38.67
CA ASN A 70 -5.64 -20.31 -38.53
C ASN A 70 -4.93 -19.90 -37.24
N TYR A 71 -5.60 -19.21 -36.30
CA TYR A 71 -4.93 -18.66 -35.14
C TYR A 71 -4.90 -19.69 -34.00
N VAL A 72 -4.79 -19.23 -32.75
CA VAL A 72 -4.34 -20.10 -31.67
C VAL A 72 -5.39 -21.15 -31.33
N GLU A 73 -4.92 -22.39 -31.13
CA GLU A 73 -5.79 -23.45 -30.64
C GLU A 73 -5.26 -23.94 -29.31
N ASP A 74 -6.12 -24.59 -28.54
CA ASP A 74 -5.69 -25.16 -27.26
C ASP A 74 -4.86 -26.41 -27.49
N ASP A 75 -4.23 -26.88 -26.41
CA ASP A 75 -3.28 -27.98 -26.52
C ASP A 75 -3.90 -29.22 -27.16
N ASP A 76 -5.19 -29.42 -27.01
CA ASP A 76 -5.87 -30.60 -27.54
C ASP A 76 -6.59 -30.35 -28.85
N ASN A 77 -6.54 -29.15 -29.38
CA ASN A 77 -7.21 -28.80 -30.62
C ASN A 77 -8.73 -28.96 -30.50
N ILE A 78 -9.25 -28.58 -29.32
CA ILE A 78 -10.70 -28.52 -29.12
C ILE A 78 -11.25 -27.13 -29.45
N PHE A 79 -10.48 -26.08 -29.17
CA PHE A 79 -10.92 -24.71 -29.29
C PHE A 79 -9.96 -23.98 -30.21
N ARG A 80 -10.47 -22.93 -30.86
N ARG A 80 -10.48 -22.95 -30.89
CA ARG A 80 -9.66 -21.94 -31.57
CA ARG A 80 -9.66 -21.94 -31.56
C ARG A 80 -10.23 -20.56 -31.30
C ARG A 80 -10.24 -20.56 -31.27
N PHE A 81 -9.36 -19.63 -30.93
CA PHE A 81 -9.80 -18.26 -30.67
C PHE A 81 -10.52 -17.66 -31.89
N ASN A 82 -11.59 -16.89 -31.61
CA ASN A 82 -12.37 -16.23 -32.64
C ASN A 82 -12.57 -14.75 -32.29
N TYR A 83 -11.46 -14.02 -32.27
CA TYR A 83 -11.50 -12.57 -32.12
C TYR A 83 -12.45 -11.95 -33.13
N SER A 84 -13.30 -11.03 -32.65
CA SER A 84 -14.22 -10.36 -33.54
C SER A 84 -13.49 -9.25 -34.30
N ALA A 85 -14.10 -8.84 -35.42
CA ALA A 85 -13.50 -7.77 -36.21
C ALA A 85 -13.50 -6.44 -35.45
N GLU A 86 -14.59 -6.15 -34.73
CA GLU A 86 -14.60 -4.98 -33.85
C GLU A 86 -13.55 -5.07 -32.76
N PHE A 87 -13.27 -6.29 -32.25
CA PHE A 87 -12.22 -6.45 -31.25
C PHE A 87 -10.86 -6.07 -31.85
N LEU A 88 -10.58 -6.54 -33.08
CA LEU A 88 -9.29 -6.26 -33.72
C LEU A 88 -9.10 -4.77 -33.93
N LEU A 89 -10.16 -4.08 -34.35
CA LEU A 89 -10.12 -2.62 -34.43
C LEU A 89 -9.68 -2.00 -33.11
N TRP A 90 -10.32 -2.40 -32.02
CA TRP A 90 -9.99 -1.86 -30.70
C TRP A 90 -8.53 -2.15 -30.34
N ALA A 91 -8.11 -3.40 -30.50
CA ALA A 91 -6.79 -3.79 -30.05
C ALA A 91 -5.66 -3.18 -30.86
N LEU A 92 -5.89 -2.80 -32.12
CA LEU A 92 -4.83 -2.37 -33.02
C LEU A 92 -4.79 -0.87 -33.27
N THR A 93 -5.74 -0.09 -32.74
CA THR A 93 -5.78 1.35 -32.97
C THR A 93 -5.67 2.14 -31.68
N SER A 94 -4.83 1.69 -30.76
CA SER A 94 -4.53 2.46 -29.55
C SER A 94 -3.81 3.76 -29.89
N PRO A 95 -3.79 4.71 -28.94
CA PRO A 95 -3.22 6.04 -29.24
C PRO A 95 -1.81 5.97 -29.85
N ASN A 96 -1.62 6.74 -30.93
CA ASN A 96 -0.35 6.86 -31.62
C ASN A 96 0.09 5.57 -32.27
N TYR A 97 -0.84 4.69 -32.63
CA TYR A 97 -0.48 3.49 -33.35
C TYR A 97 0.06 3.83 -34.74
N LEU A 98 0.88 2.91 -35.28
CA LEU A 98 1.46 3.03 -36.61
C LEU A 98 0.85 1.99 -37.54
N LYS A 99 0.22 2.48 -38.63
CA LYS A 99 -0.35 1.60 -39.63
C LYS A 99 0.70 0.67 -40.23
N THR A 100 1.93 1.14 -40.39
CA THR A 100 2.99 0.31 -40.97
C THR A 100 3.52 -0.76 -40.04
N TRP A 101 3.04 -0.85 -38.80
CA TRP A 101 3.34 -1.97 -37.92
C TRP A 101 2.25 -3.06 -37.97
N HIS A 102 1.29 -2.93 -38.88
CA HIS A 102 0.29 -3.98 -39.13
C HIS A 102 0.61 -4.56 -40.50
N ILE A 103 1.42 -5.63 -40.55
N ILE A 103 1.37 -5.66 -40.51
CA ILE A 103 1.98 -6.09 -41.81
CA ILE A 103 2.02 -6.17 -41.72
C ILE A 103 1.49 -7.49 -42.12
C ILE A 103 1.40 -7.52 -42.09
N GLY A 104 1.14 -7.70 -43.39
CA GLY A 104 0.65 -8.97 -43.86
C GLY A 104 1.50 -9.48 -45.02
N VAL A 105 1.27 -10.74 -45.38
CA VAL A 105 1.92 -11.36 -46.52
C VAL A 105 0.85 -11.97 -47.40
N LYS A 106 0.84 -11.60 -48.67
N LYS A 106 0.84 -11.60 -48.68
CA LYS A 106 -0.17 -12.08 -49.61
CA LYS A 106 -0.14 -12.05 -49.64
C LYS A 106 0.43 -13.08 -50.59
C LYS A 106 0.45 -13.10 -50.57
N TYR A 107 -0.37 -14.09 -50.95
CA TYR A 107 -0.04 -14.99 -52.05
C TYR A 107 -0.52 -14.32 -53.33
N ASP A 108 0.41 -13.93 -54.19
CA ASP A 108 0.07 -13.04 -55.30
C ASP A 108 -0.88 -13.68 -56.31
N ALA A 109 -0.79 -14.98 -56.52
CA ALA A 109 -1.58 -15.59 -57.59
C ALA A 109 -3.07 -15.55 -57.28
N SER A 110 -3.46 -15.49 -56.00
CA SER A 110 -4.86 -15.41 -55.62
C SER A 110 -5.19 -14.11 -54.90
N ASN A 111 -4.19 -13.30 -54.55
CA ASN A 111 -4.39 -12.07 -53.81
C ASN A 111 -4.95 -12.33 -52.42
N LYS A 112 -4.59 -13.47 -51.83
CA LYS A 112 -5.08 -13.87 -50.52
C LYS A 112 -4.04 -13.61 -49.42
N LEU A 113 -4.53 -13.20 -48.26
CA LEU A 113 -3.69 -13.02 -47.07
C LEU A 113 -3.38 -14.37 -46.44
N ILE A 114 -2.09 -14.70 -46.29
CA ILE A 114 -1.66 -15.97 -45.70
C ILE A 114 -0.73 -15.80 -44.50
N GLY A 115 -0.44 -14.57 -44.09
CA GLY A 115 0.40 -14.33 -42.93
C GLY A 115 0.20 -12.95 -42.36
N PHE A 116 0.45 -12.79 -41.06
CA PHE A 116 0.21 -11.51 -40.40
C PHE A 116 1.03 -11.41 -39.13
N ILE A 117 1.40 -10.17 -38.78
CA ILE A 117 1.94 -9.85 -37.46
C ILE A 117 1.69 -8.37 -37.21
N SER A 118 1.53 -8.00 -35.93
CA SER A 118 1.27 -6.62 -35.58
C SER A 118 2.00 -6.20 -34.30
N ALA A 119 2.15 -4.89 -34.13
CA ALA A 119 2.67 -4.31 -32.91
C ALA A 119 2.00 -2.97 -32.66
N ILE A 120 1.99 -2.57 -31.39
CA ILE A 120 1.54 -1.23 -30.98
C ILE A 120 2.53 -0.64 -29.99
N PRO A 121 2.71 0.68 -29.97
CA PRO A 121 3.68 1.29 -29.04
C PRO A 121 3.10 1.45 -27.65
N THR A 122 3.96 1.27 -26.65
N THR A 122 3.96 1.26 -26.65
CA THR A 122 3.53 1.35 -25.26
CA THR A 122 3.54 1.29 -25.25
C THR A 122 4.73 1.66 -24.36
C THR A 122 4.73 1.68 -24.38
N ASP A 123 4.45 2.34 -23.26
CA ASP A 123 5.44 2.61 -22.23
C ASP A 123 5.36 1.52 -21.15
N ILE A 124 6.45 0.77 -20.98
CA ILE A 124 6.51 -0.37 -20.08
C ILE A 124 7.49 -0.08 -18.94
N CYS A 125 7.07 -0.38 -17.71
CA CYS A 125 7.94 -0.25 -16.55
C CYS A 125 8.38 -1.65 -16.13
N ILE A 126 9.68 -1.93 -16.20
CA ILE A 126 10.25 -3.22 -15.83
C ILE A 126 11.28 -2.95 -14.74
N HIS A 127 11.05 -3.53 -13.56
CA HIS A 127 11.94 -3.36 -12.41
C HIS A 127 12.23 -1.89 -12.17
N LYS A 128 11.18 -1.09 -12.24
CA LYS A 128 11.14 0.33 -11.90
C LYS A 128 11.74 1.23 -13.00
N ARG A 129 12.20 0.68 -14.11
CA ARG A 129 12.66 1.48 -15.24
C ARG A 129 11.58 1.51 -16.31
N THR A 130 11.25 2.71 -16.81
CA THR A 130 10.21 2.87 -17.84
C THR A 130 10.87 3.02 -19.21
N ILE A 131 10.48 2.15 -20.13
CA ILE A 131 11.08 2.04 -21.44
C ILE A 131 9.97 2.06 -22.50
N LYS A 132 10.19 2.77 -23.61
CA LYS A 132 9.26 2.75 -24.73
C LYS A 132 9.44 1.44 -25.49
N MET A 133 8.34 0.72 -25.71
CA MET A 133 8.42 -0.63 -26.28
C MET A 133 7.31 -0.84 -27.30
N ALA A 134 7.50 -1.82 -28.13
CA ALA A 134 6.47 -2.34 -29.01
C ALA A 134 5.87 -3.58 -28.35
N GLU A 135 4.54 -3.65 -28.37
CA GLU A 135 3.79 -4.80 -27.86
C GLU A 135 3.33 -5.59 -29.08
N VAL A 136 3.87 -6.82 -29.23
CA VAL A 136 3.68 -7.63 -30.43
C VAL A 136 2.60 -8.69 -30.21
N ASN A 137 1.79 -8.96 -31.25
CA ASN A 137 0.63 -9.83 -31.09
C ASN A 137 0.14 -10.27 -32.47
N PHE A 138 -0.72 -11.29 -32.46
CA PHE A 138 -1.45 -11.77 -33.64
C PHE A 138 -0.51 -12.27 -34.76
N LEU A 139 0.64 -12.83 -34.41
CA LEU A 139 1.44 -13.57 -35.38
C LEU A 139 0.67 -14.83 -35.83
N CYS A 140 0.52 -15.00 -37.14
CA CYS A 140 -0.27 -16.09 -37.68
C CYS A 140 0.19 -16.43 -39.10
N VAL A 141 0.42 -17.72 -39.34
CA VAL A 141 0.72 -18.25 -40.68
C VAL A 141 -0.33 -19.30 -41.07
N HIS A 142 -0.79 -19.20 -42.32
CA HIS A 142 -1.82 -20.10 -42.80
C HIS A 142 -1.43 -21.56 -42.60
N LYS A 143 -2.41 -22.36 -42.22
CA LYS A 143 -2.13 -23.76 -41.88
C LYS A 143 -1.46 -24.52 -43.00
N THR A 144 -1.72 -24.14 -44.25
CA THR A 144 -1.12 -24.82 -45.39
C THR A 144 0.34 -24.45 -45.64
N LEU A 145 0.89 -23.50 -44.87
CA LEU A 145 2.25 -23.03 -45.04
C LEU A 145 3.08 -23.15 -43.77
N ARG A 146 2.70 -24.06 -42.87
CA ARG A 146 3.42 -24.24 -41.61
C ARG A 146 4.77 -24.94 -41.79
N SER A 147 5.70 -24.61 -40.90
CA SER A 147 7.02 -25.22 -40.81
C SER A 147 7.87 -24.93 -42.04
N LYS A 148 7.63 -23.81 -42.70
CA LYS A 148 8.43 -23.37 -43.83
C LYS A 148 9.33 -22.20 -43.50
N ARG A 149 9.47 -21.90 -42.22
CA ARG A 149 10.33 -20.81 -41.74
C ARG A 149 9.84 -19.44 -42.21
N LEU A 150 8.52 -19.29 -42.37
N LEU A 150 8.53 -19.28 -42.36
CA LEU A 150 7.98 -17.97 -42.66
CA LEU A 150 8.00 -17.96 -42.65
C LEU A 150 7.87 -17.11 -41.41
C LEU A 150 7.86 -17.10 -41.41
N ALA A 151 7.61 -17.71 -40.25
CA ALA A 151 7.49 -16.92 -39.03
C ALA A 151 8.74 -16.12 -38.71
N PRO A 152 9.96 -16.68 -38.84
CA PRO A 152 11.15 -15.84 -38.62
C PRO A 152 11.24 -14.65 -39.55
N VAL A 153 10.71 -14.75 -40.76
CA VAL A 153 10.76 -13.61 -41.66
C VAL A 153 9.79 -12.53 -41.18
N LEU A 154 8.59 -12.94 -40.74
CA LEU A 154 7.65 -11.95 -40.21
C LEU A 154 8.23 -11.23 -39.02
N ILE A 155 8.92 -11.96 -38.13
CA ILE A 155 9.51 -11.37 -36.94
C ILE A 155 10.62 -10.40 -37.31
N LYS A 156 11.50 -10.79 -38.24
CA LYS A 156 12.60 -9.89 -38.60
C LYS A 156 12.10 -8.63 -39.30
N GLU A 157 11.04 -8.74 -40.10
CA GLU A 157 10.55 -7.56 -40.81
C GLU A 157 9.92 -6.56 -39.83
N ILE A 158 9.14 -7.05 -38.86
N ILE A 158 9.13 -7.05 -38.88
CA ILE A 158 8.51 -6.13 -37.93
CA ILE A 158 8.51 -6.14 -37.92
C ILE A 158 9.56 -5.54 -37.00
C ILE A 158 9.57 -5.53 -37.01
N THR A 159 10.59 -6.31 -36.64
CA THR A 159 11.70 -5.76 -35.86
C THR A 159 12.34 -4.61 -36.61
N ARG A 160 12.54 -4.77 -37.92
CA ARG A 160 13.15 -3.72 -38.73
C ARG A 160 12.31 -2.44 -38.71
N ARG A 161 11.00 -2.59 -38.88
N ARG A 161 11.00 -2.58 -38.86
CA ARG A 161 10.13 -1.41 -38.91
CA ARG A 161 10.13 -1.41 -38.91
C ARG A 161 10.03 -0.73 -37.54
C ARG A 161 10.03 -0.73 -37.55
N ILE A 162 10.04 -1.51 -36.46
CA ILE A 162 10.05 -0.91 -35.11
C ILE A 162 11.38 -0.18 -34.87
N ASN A 163 12.49 -0.79 -35.29
CA ASN A 163 13.78 -0.13 -35.15
C ASN A 163 13.84 1.18 -35.92
N LEU A 164 13.18 1.25 -37.08
CA LEU A 164 13.19 2.50 -37.86
C LEU A 164 12.59 3.66 -37.10
N GLU A 165 11.75 3.40 -36.10
CA GLU A 165 11.18 4.44 -35.26
C GLU A 165 12.00 4.70 -33.99
N ASN A 166 13.22 4.16 -33.90
CA ASN A 166 14.09 4.36 -32.76
C ASN A 166 13.56 3.68 -31.49
N ILE A 167 12.92 2.53 -31.65
CA ILE A 167 12.46 1.69 -30.55
C ILE A 167 13.14 0.35 -30.67
N TRP A 168 13.70 -0.13 -29.57
CA TRP A 168 14.65 -1.25 -29.58
C TRP A 168 14.30 -2.35 -28.59
N GLN A 169 13.17 -2.26 -27.89
CA GLN A 169 12.69 -3.27 -26.96
C GLN A 169 11.25 -3.62 -27.30
N ALA A 170 10.87 -4.87 -26.99
CA ALA A 170 9.50 -5.30 -27.21
C ALA A 170 9.06 -6.22 -26.09
N ILE A 171 7.74 -6.43 -26.01
CA ILE A 171 7.09 -7.34 -25.07
C ILE A 171 6.06 -8.18 -25.84
N TYR A 172 5.98 -9.45 -25.48
CA TYR A 172 5.03 -10.35 -26.10
C TYR A 172 4.76 -11.51 -25.15
N THR A 173 3.66 -12.23 -25.41
CA THR A 173 3.28 -13.42 -24.65
C THR A 173 2.95 -14.53 -25.65
N ALA A 174 3.17 -15.77 -25.22
CA ALA A 174 2.89 -16.95 -26.01
C ALA A 174 2.66 -18.16 -25.10
N GLY A 175 1.90 -19.12 -25.59
CA GLY A 175 1.73 -20.37 -24.89
C GLY A 175 2.88 -21.35 -25.01
N VAL A 176 3.71 -21.21 -26.03
CA VAL A 176 4.86 -22.09 -26.22
C VAL A 176 6.06 -21.52 -25.46
N TYR A 177 6.96 -22.41 -25.09
CA TYR A 177 8.15 -22.04 -24.31
C TYR A 177 9.28 -21.65 -25.26
N LEU A 178 9.69 -20.41 -25.19
CA LEU A 178 10.79 -19.89 -26.01
C LEU A 178 11.87 -19.31 -25.11
N PRO A 179 13.06 -19.00 -25.64
CA PRO A 179 14.08 -18.30 -24.83
C PRO A 179 13.75 -16.82 -24.78
N LYS A 180 13.54 -16.27 -23.57
N LYS A 180 13.56 -16.28 -23.57
CA LYS A 180 13.35 -17.02 -22.32
CA LYS A 180 13.35 -17.02 -22.32
C LYS A 180 12.32 -16.22 -21.49
C LYS A 180 12.31 -16.23 -21.50
N PRO A 181 11.35 -16.90 -20.89
CA PRO A 181 10.31 -16.16 -20.16
C PRO A 181 10.87 -15.36 -18.99
N VAL A 182 10.33 -14.15 -18.81
CA VAL A 182 10.56 -13.45 -17.54
C VAL A 182 9.55 -13.87 -16.47
N SER A 183 8.38 -14.37 -16.87
CA SER A 183 7.40 -14.95 -15.96
C SER A 183 6.53 -15.95 -16.72
N ASP A 184 5.82 -16.79 -15.97
CA ASP A 184 4.98 -17.86 -16.52
C ASP A 184 3.75 -18.01 -15.64
N ALA A 185 2.56 -17.95 -16.24
CA ALA A 185 1.33 -17.86 -15.47
C ALA A 185 0.30 -18.86 -15.99
N ARG A 186 -0.11 -19.78 -15.14
CA ARG A 186 -1.21 -20.70 -15.45
C ARG A 186 -2.52 -19.92 -15.56
N TYR A 187 -3.47 -20.48 -16.30
CA TYR A 187 -4.79 -19.89 -16.46
C TYR A 187 -5.83 -20.81 -15.83
N TYR A 188 -6.92 -20.19 -15.36
CA TYR A 188 -8.00 -20.81 -14.62
C TYR A 188 -9.34 -20.37 -15.22
N HIS A 189 -10.39 -21.14 -14.94
N HIS A 189 -10.38 -21.17 -14.97
CA HIS A 189 -11.71 -20.89 -15.47
CA HIS A 189 -11.72 -20.91 -15.49
C HIS A 189 -12.75 -21.03 -14.37
C HIS A 189 -12.74 -21.01 -14.36
N ARG A 190 -13.79 -20.21 -14.47
CA ARG A 190 -14.92 -20.25 -13.54
C ARG A 190 -16.21 -20.43 -14.35
N SER A 191 -16.85 -21.59 -14.24
N SER A 191 -16.85 -21.58 -14.21
CA SER A 191 -18.02 -21.90 -15.03
CA SER A 191 -18.03 -21.89 -15.02
C SER A 191 -19.20 -20.99 -14.64
C SER A 191 -19.19 -20.98 -14.64
N ILE A 192 -19.98 -20.59 -15.65
CA ILE A 192 -21.20 -19.82 -15.45
C ILE A 192 -22.37 -20.58 -16.07
N ASN A 193 -22.29 -20.84 -17.36
CA ASN A 193 -23.29 -21.65 -18.07
C ASN A 193 -22.90 -23.12 -17.93
N VAL A 194 -23.37 -23.76 -16.86
CA VAL A 194 -22.86 -25.08 -16.47
C VAL A 194 -23.26 -26.15 -17.49
N LYS A 195 -24.50 -26.13 -17.95
N LYS A 195 -24.51 -26.12 -17.95
N LYS A 195 -24.51 -26.12 -17.95
CA LYS A 195 -24.97 -27.18 -18.85
CA LYS A 195 -24.96 -27.18 -18.84
CA LYS A 195 -24.97 -27.18 -18.84
C LYS A 195 -24.24 -27.12 -20.19
C LYS A 195 -24.27 -27.11 -20.20
C LYS A 195 -24.28 -27.12 -20.20
N LYS A 196 -24.00 -25.90 -20.69
CA LYS A 196 -23.30 -25.77 -21.97
C LYS A 196 -21.88 -26.30 -21.89
N LEU A 197 -21.16 -25.97 -20.81
CA LEU A 197 -19.82 -26.48 -20.62
C LEU A 197 -19.79 -28.00 -20.49
N ILE A 198 -20.84 -28.59 -19.90
CA ILE A 198 -20.94 -30.03 -19.83
C ILE A 198 -21.20 -30.63 -21.20
N GLU A 199 -22.13 -30.05 -21.95
N GLU A 199 -22.13 -30.04 -21.95
CA GLU A 199 -22.53 -30.62 -23.23
CA GLU A 199 -22.53 -30.62 -23.23
C GLU A 199 -21.37 -30.69 -24.22
C GLU A 199 -21.37 -30.69 -24.22
N ILE A 200 -20.49 -29.69 -24.20
CA ILE A 200 -19.38 -29.66 -25.16
C ILE A 200 -18.20 -30.51 -24.70
N GLY A 201 -18.29 -31.14 -23.54
CA GLY A 201 -17.25 -32.04 -23.09
C GLY A 201 -16.08 -31.39 -22.40
N PHE A 202 -16.26 -30.20 -21.84
CA PHE A 202 -15.17 -29.56 -21.12
C PHE A 202 -15.23 -29.81 -19.61
N SER A 203 -16.42 -29.74 -19.03
CA SER A 203 -16.61 -30.01 -17.61
C SER A 203 -16.97 -31.48 -17.39
N SER A 204 -16.55 -32.02 -16.26
CA SER A 204 -16.72 -33.43 -15.95
C SER A 204 -17.60 -33.61 -14.72
N LEU A 205 -18.38 -34.68 -14.73
CA LEU A 205 -19.25 -35.05 -13.63
C LEU A 205 -18.84 -36.41 -13.11
N ASN A 206 -19.28 -36.72 -11.89
CA ASN A 206 -19.03 -38.03 -11.27
C ASN A 206 -20.11 -38.27 -10.22
N SER A 207 -19.98 -39.39 -9.50
CA SER A 207 -21.00 -39.76 -8.53
C SER A 207 -21.18 -38.70 -7.44
N ARG A 208 -20.10 -38.01 -7.07
CA ARG A 208 -20.21 -36.95 -6.07
C ARG A 208 -20.80 -35.68 -6.68
N LEU A 209 -20.38 -35.33 -7.89
CA LEU A 209 -20.81 -34.10 -8.55
C LEU A 209 -21.72 -34.49 -9.72
N THR A 210 -23.00 -34.71 -9.41
CA THR A 210 -24.01 -34.93 -10.43
C THR A 210 -24.35 -33.61 -11.14
N MET A 211 -25.13 -33.72 -12.22
N MET A 211 -25.17 -33.72 -12.20
CA MET A 211 -25.53 -32.54 -12.99
CA MET A 211 -25.52 -32.54 -13.00
C MET A 211 -26.25 -31.53 -12.11
C MET A 211 -26.29 -31.51 -12.16
N SER A 212 -27.28 -31.97 -11.39
CA SER A 212 -28.05 -31.03 -10.56
C SER A 212 -27.17 -30.39 -9.49
N ARG A 213 -26.25 -31.16 -8.91
N ARG A 213 -26.24 -31.15 -8.92
CA ARG A 213 -25.36 -30.60 -7.91
CA ARG A 213 -25.37 -30.58 -7.90
C ARG A 213 -24.41 -29.58 -8.52
C ARG A 213 -24.39 -29.59 -8.51
N ALA A 214 -23.92 -29.85 -9.73
CA ALA A 214 -23.04 -28.88 -10.39
C ALA A 214 -23.77 -27.57 -10.66
N ILE A 215 -24.99 -27.66 -11.16
CA ILE A 215 -25.79 -26.46 -11.38
C ILE A 215 -25.92 -25.67 -10.08
N LYS A 216 -26.22 -26.38 -8.99
N LYS A 216 -26.23 -26.37 -8.98
CA LYS A 216 -26.34 -25.71 -7.69
CA LYS A 216 -26.34 -25.71 -7.69
C LYS A 216 -25.02 -25.10 -7.24
C LYS A 216 -25.02 -25.10 -7.25
N LEU A 217 -23.93 -25.84 -7.40
CA LEU A 217 -22.63 -25.36 -6.93
C LEU A 217 -22.25 -24.01 -7.56
N TYR A 218 -22.48 -23.84 -8.85
CA TYR A 218 -22.00 -22.66 -9.56
C TYR A 218 -23.04 -21.55 -9.65
N ARG A 219 -24.25 -21.76 -9.11
N ARG A 219 -24.24 -21.76 -9.10
N ARG A 219 -24.24 -21.76 -9.10
CA ARG A 219 -25.26 -20.72 -9.11
CA ARG A 219 -25.26 -20.71 -9.12
CA ARG A 219 -25.26 -20.72 -9.11
C ARG A 219 -24.77 -19.50 -8.33
C ARG A 219 -24.77 -19.50 -8.33
C ARG A 219 -24.78 -19.50 -8.32
N VAL A 220 -25.07 -18.32 -8.84
CA VAL A 220 -24.69 -17.06 -8.20
C VAL A 220 -25.92 -16.23 -7.90
N GLU A 221 -25.88 -15.50 -6.78
CA GLU A 221 -26.93 -14.56 -6.41
C GLU A 221 -26.85 -13.32 -7.27
N ASP A 222 -28.00 -12.80 -7.66
CA ASP A 222 -28.07 -11.64 -8.55
C ASP A 222 -28.15 -10.34 -7.77
N THR A 223 -27.26 -10.16 -6.79
CA THR A 223 -27.14 -8.92 -6.04
C THR A 223 -25.67 -8.58 -5.89
N LEU A 224 -25.34 -7.32 -6.13
CA LEU A 224 -23.96 -6.86 -6.06
C LEU A 224 -23.51 -6.59 -4.63
N ASN A 225 -22.25 -6.96 -4.33
CA ASN A 225 -21.67 -6.63 -3.05
C ASN A 225 -21.42 -5.13 -2.95
N ILE A 226 -21.04 -4.52 -4.06
CA ILE A 226 -20.80 -3.08 -4.18
C ILE A 226 -22.00 -2.52 -4.96
N LYS A 227 -22.99 -1.99 -4.24
CA LYS A 227 -24.31 -1.85 -4.89
C LYS A 227 -24.32 -0.81 -6.00
N ASN A 228 -23.44 0.19 -5.95
CA ASN A 228 -23.42 1.26 -6.94
C ASN A 228 -22.46 1.02 -8.12
N MET A 229 -21.97 -0.21 -8.28
N MET A 229 -21.98 -0.20 -8.30
CA MET A 229 -21.17 -0.51 -9.47
CA MET A 229 -21.13 -0.49 -9.44
C MET A 229 -21.96 -0.17 -10.71
C MET A 229 -21.91 -0.26 -10.74
N ARG A 230 -21.34 0.56 -11.63
CA ARG A 230 -22.05 1.02 -12.82
C ARG A 230 -21.08 1.15 -13.98
N LEU A 231 -21.63 1.12 -15.19
CA LEU A 231 -20.79 1.19 -16.39
C LEU A 231 -19.99 2.49 -16.44
N MET A 232 -18.71 2.37 -16.80
CA MET A 232 -17.82 3.52 -16.91
C MET A 232 -18.25 4.46 -18.02
N LYS A 233 -18.09 5.76 -17.77
CA LYS A 233 -18.39 6.80 -18.74
C LYS A 233 -17.18 7.70 -18.93
N LYS A 234 -17.26 8.57 -19.93
N LYS A 234 -17.26 8.57 -19.93
CA LYS A 234 -16.13 9.46 -20.22
CA LYS A 234 -16.14 9.47 -20.23
C LYS A 234 -15.76 10.33 -19.03
C LYS A 234 -15.77 10.32 -19.03
N LYS A 235 -16.75 10.70 -18.20
CA LYS A 235 -16.46 11.50 -17.01
C LYS A 235 -15.61 10.76 -15.97
N ASP A 236 -15.44 9.45 -16.12
CA ASP A 236 -14.70 8.64 -15.15
C ASP A 236 -13.24 8.41 -15.51
N VAL A 237 -12.76 8.93 -16.65
CA VAL A 237 -11.40 8.65 -17.12
C VAL A 237 -10.37 9.11 -16.10
N GLU A 238 -10.45 10.36 -15.66
CA GLU A 238 -9.45 10.89 -14.72
C GLU A 238 -9.37 10.03 -13.45
N GLY A 239 -10.51 9.61 -12.93
CA GLY A 239 -10.50 8.85 -11.69
C GLY A 239 -9.95 7.45 -11.86
N VAL A 240 -10.31 6.79 -12.97
CA VAL A 240 -9.74 5.46 -13.26
C VAL A 240 -8.24 5.56 -13.47
N HIS A 241 -7.80 6.62 -14.13
CA HIS A 241 -6.37 6.84 -14.32
C HIS A 241 -5.62 6.89 -12.99
N LYS A 242 -6.16 7.64 -12.01
CA LYS A 242 -5.53 7.71 -10.69
C LYS A 242 -5.62 6.37 -9.93
N LEU A 243 -6.78 5.70 -9.97
CA LEU A 243 -6.94 4.48 -9.18
C LEU A 243 -6.03 3.37 -9.71
N LEU A 244 -6.06 3.15 -11.02
CA LEU A 244 -5.26 2.08 -11.61
C LEU A 244 -3.77 2.41 -11.56
N GLY A 245 -3.41 3.66 -11.85
CA GLY A 245 -2.00 4.04 -11.75
C GLY A 245 -1.43 3.73 -10.38
N SER A 246 -2.17 4.11 -9.34
N SER A 246 -2.17 4.11 -9.34
CA SER A 246 -1.68 3.88 -7.99
CA SER A 246 -1.67 3.87 -7.99
C SER A 246 -1.54 2.38 -7.71
C SER A 246 -1.54 2.38 -7.71
N TYR A 247 -2.49 1.58 -8.20
CA TYR A 247 -2.44 0.13 -7.96
C TYR A 247 -1.24 -0.54 -8.64
N LEU A 248 -0.91 -0.12 -9.85
CA LEU A 248 0.04 -0.90 -10.64
C LEU A 248 1.49 -0.70 -10.21
N GLU A 249 1.80 0.39 -9.52
CA GLU A 249 3.18 0.67 -9.18
C GLU A 249 3.81 -0.39 -8.29
N GLN A 250 3.04 -1.27 -7.66
CA GLN A 250 3.62 -2.28 -6.79
C GLN A 250 4.24 -3.46 -7.54
N PHE A 251 4.02 -3.59 -8.85
CA PHE A 251 4.43 -4.76 -9.60
C PHE A 251 5.78 -4.55 -10.31
N ASN A 252 6.39 -5.68 -10.70
CA ASN A 252 7.67 -5.64 -11.40
C ASN A 252 7.54 -5.41 -12.90
N LEU A 253 6.32 -5.45 -13.45
CA LEU A 253 6.10 -5.32 -14.89
C LEU A 253 4.68 -4.82 -15.12
N TYR A 254 4.54 -3.64 -15.71
CA TYR A 254 3.22 -3.05 -15.93
C TYR A 254 3.33 -1.91 -16.92
N ALA A 255 2.19 -1.56 -17.52
CA ALA A 255 2.15 -0.46 -18.47
C ALA A 255 1.89 0.87 -17.76
N VAL A 256 2.53 1.93 -18.24
CA VAL A 256 2.31 3.29 -17.76
C VAL A 256 1.32 3.95 -18.70
N PHE A 257 0.10 4.20 -18.22
CA PHE A 257 -0.97 4.72 -19.05
C PHE A 257 -0.99 6.24 -19.04
N THR A 258 -1.26 6.84 -20.20
CA THR A 258 -1.69 8.23 -20.26
C THR A 258 -3.21 8.29 -20.13
N LYS A 259 -3.74 9.51 -19.95
N LYS A 259 -3.75 9.50 -19.96
CA LYS A 259 -5.19 9.67 -19.88
CA LYS A 259 -5.19 9.67 -19.88
C LYS A 259 -5.85 9.20 -21.17
C LYS A 259 -5.85 9.22 -21.17
N GLU A 260 -5.27 9.58 -22.32
CA GLU A 260 -5.81 9.13 -23.60
C GLU A 260 -5.84 7.61 -23.69
N GLU A 261 -4.84 6.93 -23.15
CA GLU A 261 -4.78 5.48 -23.22
C GLU A 261 -5.83 4.85 -22.30
N ILE A 262 -6.10 5.49 -21.16
CA ILE A 262 -7.16 5.00 -20.29
C ILE A 262 -8.50 5.04 -21.01
N ALA A 263 -8.80 6.13 -21.70
CA ALA A 263 -10.07 6.21 -22.40
C ALA A 263 -10.20 5.12 -23.46
N HIS A 264 -9.11 4.87 -24.21
CA HIS A 264 -9.18 3.86 -25.26
C HIS A 264 -9.38 2.46 -24.68
N TRP A 265 -8.59 2.09 -23.68
CA TRP A 265 -8.59 0.70 -23.23
C TRP A 265 -9.76 0.35 -22.33
N PHE A 266 -10.43 1.31 -21.72
CA PHE A 266 -11.46 0.96 -20.73
C PHE A 266 -12.87 1.45 -21.05
N LEU A 267 -13.07 2.48 -21.85
CA LEU A 267 -14.44 2.92 -22.13
C LEU A 267 -15.19 1.78 -22.82
N PRO A 268 -16.37 1.40 -22.34
N PRO A 268 -16.40 1.45 -22.39
CA PRO A 268 -16.96 0.14 -22.78
CA PRO A 268 -17.00 0.16 -22.78
C PRO A 268 -17.43 0.15 -24.22
C PRO A 268 -17.46 0.15 -24.23
N ILE A 269 -17.32 -1.02 -24.84
CA ILE A 269 -17.77 -1.28 -26.21
C ILE A 269 -18.50 -2.60 -26.16
N GLU A 270 -19.76 -2.61 -26.57
CA GLU A 270 -20.56 -3.84 -26.52
C GLU A 270 -19.86 -4.98 -27.26
N ASN A 271 -19.79 -6.14 -26.63
CA ASN A 271 -19.18 -7.35 -27.17
C ASN A 271 -17.67 -7.24 -27.37
N VAL A 272 -17.01 -6.31 -26.68
CA VAL A 272 -15.56 -6.19 -26.77
C VAL A 272 -14.95 -5.95 -25.39
N ILE A 273 -15.28 -4.83 -24.75
CA ILE A 273 -14.67 -4.46 -23.48
C ILE A 273 -15.74 -3.91 -22.55
N TYR A 274 -15.73 -4.37 -21.30
CA TYR A 274 -16.68 -4.00 -20.27
C TYR A 274 -15.93 -3.45 -19.06
N THR A 275 -16.30 -2.27 -18.61
CA THR A 275 -15.68 -1.67 -17.42
C THR A 275 -16.77 -1.09 -16.55
N TYR A 276 -16.73 -1.42 -15.27
CA TYR A 276 -17.64 -0.89 -14.26
C TYR A 276 -16.86 -0.21 -13.13
N VAL A 277 -17.46 0.81 -12.54
CA VAL A 277 -16.80 1.61 -11.51
C VAL A 277 -17.77 1.90 -10.37
N ASN A 278 -17.21 2.08 -9.17
CA ASN A 278 -17.93 2.59 -8.00
C ASN A 278 -17.44 3.99 -7.71
N GLU A 279 -18.37 4.97 -7.80
CA GLU A 279 -18.07 6.36 -7.52
C GLU A 279 -18.65 6.77 -6.18
N GLU A 280 -17.83 7.37 -5.32
N GLU A 280 -17.82 7.37 -5.32
CA GLU A 280 -18.26 7.81 -4.01
CA GLU A 280 -18.25 7.81 -3.99
C GLU A 280 -17.58 9.14 -3.68
C GLU A 280 -17.57 9.13 -3.68
N ASN A 281 -18.36 10.13 -3.31
CA ASN A 281 -17.84 11.45 -2.96
C ASN A 281 -17.00 12.04 -4.10
N GLY A 282 -17.45 11.82 -5.33
CA GLY A 282 -16.75 12.32 -6.49
C GLY A 282 -15.51 11.56 -6.89
N LYS A 283 -15.22 10.43 -6.24
CA LYS A 283 -13.98 9.68 -6.47
C LYS A 283 -14.29 8.28 -6.94
N ILE A 284 -13.47 7.77 -7.86
CA ILE A 284 -13.53 6.38 -8.30
C ILE A 284 -12.76 5.54 -7.30
N LYS A 285 -13.46 4.69 -6.53
CA LYS A 285 -12.84 3.88 -5.49
C LYS A 285 -12.68 2.41 -5.82
N ASP A 286 -13.42 1.89 -6.80
CA ASP A 286 -13.36 0.48 -7.20
C ASP A 286 -13.60 0.37 -8.68
N MET A 287 -13.00 -0.63 -9.33
CA MET A 287 -13.20 -0.85 -10.75
C MET A 287 -13.05 -2.34 -11.08
N ILE A 288 -13.85 -2.77 -12.07
CA ILE A 288 -13.91 -4.13 -12.60
C ILE A 288 -13.85 -4.01 -14.13
N SER A 289 -13.00 -4.81 -14.77
CA SER A 289 -13.03 -4.86 -16.24
C SER A 289 -12.75 -6.26 -16.78
N PHE A 290 -13.42 -6.58 -17.89
CA PHE A 290 -13.19 -7.84 -18.60
C PHE A 290 -13.51 -7.65 -20.08
N TYR A 291 -12.79 -8.38 -20.93
CA TYR A 291 -13.03 -8.29 -22.36
C TYR A 291 -13.59 -9.61 -22.89
N SER A 292 -14.16 -9.52 -24.10
CA SER A 292 -14.87 -10.63 -24.72
C SER A 292 -14.00 -11.34 -25.75
N LEU A 293 -13.75 -12.63 -25.55
CA LEU A 293 -12.97 -13.42 -26.50
C LEU A 293 -13.61 -14.80 -26.65
N PRO A 294 -14.43 -15.00 -27.67
CA PRO A 294 -15.04 -16.31 -27.86
C PRO A 294 -14.08 -17.28 -28.50
N SER A 295 -14.27 -18.56 -28.20
CA SER A 295 -13.55 -19.64 -28.84
C SER A 295 -14.50 -20.47 -29.70
N GLN A 296 -14.10 -20.73 -30.94
CA GLN A 296 -14.84 -21.66 -31.79
C GLN A 296 -14.70 -23.06 -31.21
N ILE A 297 -15.81 -23.81 -31.22
CA ILE A 297 -15.81 -25.20 -30.77
C ILE A 297 -15.70 -26.07 -32.01
N LEU A 298 -14.49 -26.55 -32.28
CA LEU A 298 -14.19 -27.15 -33.57
C LEU A 298 -14.98 -28.42 -33.76
N GLY A 299 -15.73 -28.49 -34.86
CA GLY A 299 -16.52 -29.66 -35.19
C GLY A 299 -17.90 -29.71 -34.59
N ASN A 300 -18.23 -28.84 -33.63
CA ASN A 300 -19.53 -28.88 -32.97
C ASN A 300 -20.60 -28.30 -33.88
N ASP A 301 -21.66 -29.06 -34.11
N ASP A 301 -21.66 -29.06 -34.11
CA ASP A 301 -22.75 -28.64 -34.99
CA ASP A 301 -22.74 -28.63 -34.99
C ASP A 301 -23.90 -28.00 -34.23
C ASP A 301 -23.90 -28.00 -34.23
N LYS A 302 -23.87 -27.99 -32.90
CA LYS A 302 -24.91 -27.34 -32.11
C LYS A 302 -24.54 -25.90 -31.75
N TYR A 303 -23.33 -25.69 -31.22
CA TYR A 303 -22.87 -24.39 -30.77
C TYR A 303 -21.74 -23.89 -31.66
N SER A 304 -21.79 -22.61 -32.02
CA SER A 304 -20.70 -22.01 -32.78
C SER A 304 -19.50 -21.70 -31.89
N THR A 305 -19.74 -21.08 -30.74
CA THR A 305 -18.65 -20.57 -29.91
C THR A 305 -18.95 -20.76 -28.44
N LEU A 306 -17.89 -20.86 -27.66
CA LEU A 306 -17.97 -20.69 -26.21
C LEU A 306 -17.64 -19.23 -25.91
N ASN A 307 -18.60 -18.53 -25.29
CA ASN A 307 -18.50 -17.08 -25.12
C ASN A 307 -17.86 -16.77 -23.77
N ALA A 308 -16.57 -16.47 -23.77
CA ALA A 308 -15.80 -16.31 -22.55
C ALA A 308 -15.50 -14.84 -22.30
N ALA A 309 -15.58 -14.45 -21.04
CA ALA A 309 -15.04 -13.19 -20.54
C ALA A 309 -13.67 -13.44 -19.92
N TYR A 310 -12.74 -12.53 -20.17
CA TYR A 310 -11.38 -12.62 -19.69
C TYR A 310 -11.10 -11.45 -18.74
N SER A 311 -10.69 -11.77 -17.52
CA SER A 311 -10.35 -10.77 -16.51
C SER A 311 -9.27 -9.83 -17.05
N PHE A 312 -9.46 -8.52 -16.85
CA PHE A 312 -8.59 -7.51 -17.41
C PHE A 312 -7.89 -6.83 -16.23
N TYR A 313 -8.40 -5.73 -15.70
CA TYR A 313 -7.82 -5.05 -14.55
C TYR A 313 -8.90 -4.79 -13.50
N ASN A 314 -8.65 -5.21 -12.26
CA ASN A 314 -9.60 -5.09 -11.16
C ASN A 314 -8.90 -4.52 -9.93
N VAL A 315 -9.50 -3.48 -9.33
CA VAL A 315 -8.94 -2.77 -8.19
C VAL A 315 -10.05 -2.44 -7.21
N THR A 316 -9.81 -2.67 -5.91
CA THR A 316 -10.78 -2.34 -4.88
C THR A 316 -10.14 -1.62 -3.70
N THR A 317 -10.82 -0.59 -3.20
CA THR A 317 -10.43 0.07 -1.96
C THR A 317 -11.50 0.07 -0.89
N THR A 318 -12.75 -0.24 -1.23
CA THR A 318 -13.84 -0.23 -0.26
C THR A 318 -14.29 -1.63 0.14
N ALA A 319 -13.83 -2.67 -0.56
CA ALA A 319 -14.24 -4.04 -0.25
C ALA A 319 -13.03 -4.96 -0.35
N THR A 320 -13.22 -6.22 0.04
CA THR A 320 -12.18 -7.22 -0.12
C THR A 320 -12.08 -7.62 -1.60
N PHE A 321 -10.89 -8.06 -2.00
CA PHE A 321 -10.73 -8.54 -3.37
C PHE A 321 -11.66 -9.72 -3.67
N LYS A 322 -11.89 -10.59 -2.68
CA LYS A 322 -12.86 -11.68 -2.91
C LYS A 322 -14.24 -11.12 -3.25
N GLN A 323 -14.70 -10.10 -2.52
CA GLN A 323 -16.02 -9.53 -2.81
C GLN A 323 -16.05 -8.89 -4.19
N LEU A 324 -14.95 -8.24 -4.58
CA LEU A 324 -14.93 -7.56 -5.89
C LEU A 324 -15.04 -8.55 -7.03
N MET A 325 -14.27 -9.65 -6.96
CA MET A 325 -14.27 -10.62 -8.04
C MET A 325 -15.55 -11.44 -8.06
N GLN A 326 -16.21 -11.59 -6.90
CA GLN A 326 -17.55 -12.15 -6.91
C GLN A 326 -18.50 -11.28 -7.72
N ASP A 327 -18.38 -9.96 -7.61
CA ASP A 327 -19.20 -9.06 -8.43
C ASP A 327 -18.79 -9.11 -9.90
N ALA A 328 -17.50 -9.23 -10.17
CA ALA A 328 -17.06 -9.39 -11.56
C ALA A 328 -17.72 -10.60 -12.23
N ILE A 329 -17.75 -11.73 -11.54
CA ILE A 329 -18.41 -12.92 -12.09
C ILE A 329 -19.89 -12.66 -12.33
N LEU A 330 -20.55 -11.97 -11.42
CA LEU A 330 -21.99 -11.70 -11.59
C LEU A 330 -22.23 -10.78 -12.79
N LEU A 331 -21.37 -9.77 -12.97
CA LEU A 331 -21.50 -8.87 -14.12
C LEU A 331 -21.22 -9.58 -15.43
N ALA A 332 -20.29 -10.52 -15.44
CA ALA A 332 -20.11 -11.35 -16.64
C ALA A 332 -21.36 -12.18 -16.91
N LYS A 333 -21.94 -12.76 -15.86
N LYS A 333 -21.94 -12.76 -15.86
CA LYS A 333 -23.16 -13.53 -16.03
CA LYS A 333 -23.15 -13.53 -16.08
C LYS A 333 -24.28 -12.65 -16.55
C LYS A 333 -24.29 -12.64 -16.57
N ARG A 334 -24.42 -11.44 -16.02
CA ARG A 334 -25.48 -10.54 -16.44
C ARG A 334 -25.35 -10.13 -17.92
N ASN A 335 -24.17 -10.22 -18.49
CA ASN A 335 -23.96 -9.95 -19.90
C ASN A 335 -23.90 -11.21 -20.75
N ASN A 336 -24.38 -12.33 -20.22
CA ASN A 336 -24.63 -13.56 -20.96
CA ASN A 336 -24.63 -13.56 -20.97
C ASN A 336 -23.37 -14.30 -21.35
N PHE A 337 -22.27 -14.10 -20.62
CA PHE A 337 -21.06 -14.88 -20.88
C PHE A 337 -21.17 -16.29 -20.29
N ASP A 338 -20.46 -17.23 -20.94
CA ASP A 338 -20.56 -18.64 -20.58
C ASP A 338 -19.55 -19.05 -19.49
N VAL A 339 -18.43 -18.35 -19.40
CA VAL A 339 -17.34 -18.72 -18.51
C VAL A 339 -16.49 -17.48 -18.28
N PHE A 340 -15.84 -17.43 -17.12
CA PHE A 340 -14.99 -16.30 -16.71
C PHE A 340 -13.57 -16.85 -16.55
N ASN A 341 -12.64 -16.41 -17.40
CA ASN A 341 -11.26 -16.85 -17.44
C ASN A 341 -10.31 -15.80 -16.87
N ALA A 342 -9.19 -16.28 -16.29
CA ALA A 342 -8.24 -15.40 -15.63
C ALA A 342 -6.88 -16.09 -15.51
N LEU A 343 -5.84 -15.28 -15.46
CA LEU A 343 -4.47 -15.72 -15.21
C LEU A 343 -4.09 -15.51 -13.75
N GLU A 344 -3.08 -16.23 -13.30
CA GLU A 344 -2.55 -16.05 -11.95
C GLU A 344 -1.55 -14.89 -11.87
N VAL A 345 -1.94 -13.73 -12.39
CA VAL A 345 -1.16 -12.52 -12.24
C VAL A 345 -1.83 -11.61 -11.22
N MET A 346 -1.10 -10.58 -10.79
CA MET A 346 -1.59 -9.63 -9.78
C MET A 346 -2.08 -10.43 -8.58
N GLN A 347 -3.24 -10.08 -8.01
CA GLN A 347 -3.73 -10.78 -6.82
C GLN A 347 -4.70 -11.91 -7.14
N ASN A 348 -4.79 -12.33 -8.40
CA ASN A 348 -5.90 -13.17 -8.84
C ASN A 348 -5.89 -14.52 -8.14
N LYS A 349 -4.70 -15.07 -7.88
N LYS A 349 -4.70 -15.08 -7.89
CA LYS A 349 -4.60 -16.42 -7.32
CA LYS A 349 -4.62 -16.44 -7.35
C LYS A 349 -5.32 -16.53 -5.98
C LYS A 349 -5.25 -16.56 -5.97
N SER A 350 -5.36 -15.45 -5.20
N SER A 350 -5.39 -15.45 -5.25
CA SER A 350 -5.91 -15.50 -3.86
CA SER A 350 -5.90 -15.51 -3.88
C SER A 350 -7.41 -15.78 -3.82
C SER A 350 -7.40 -15.80 -3.82
N VAL A 351 -8.12 -15.66 -4.94
CA VAL A 351 -9.56 -15.88 -4.94
C VAL A 351 -9.99 -17.14 -5.68
N PHE A 352 -9.06 -17.85 -6.33
CA PHE A 352 -9.45 -18.95 -7.20
C PHE A 352 -10.15 -20.07 -6.43
N GLU A 353 -9.59 -20.47 -5.28
CA GLU A 353 -10.19 -21.56 -4.54
C GLU A 353 -11.58 -21.17 -4.02
N ASP A 354 -11.68 -20.06 -3.29
CA ASP A 354 -12.95 -19.70 -2.67
C ASP A 354 -14.04 -19.46 -3.71
N LEU A 355 -13.71 -18.87 -4.83
CA LEU A 355 -14.70 -18.54 -5.86
C LEU A 355 -14.89 -19.68 -6.88
N LYS A 356 -14.33 -20.86 -6.60
CA LYS A 356 -14.63 -22.08 -7.35
C LYS A 356 -14.10 -22.06 -8.78
N PHE A 357 -12.94 -21.44 -9.00
CA PHE A 357 -12.25 -21.56 -10.27
C PHE A 357 -11.65 -22.97 -10.38
N GLY A 358 -11.45 -23.41 -11.60
CA GLY A 358 -10.74 -24.67 -11.87
C GLY A 358 -9.47 -24.40 -12.66
N GLU A 359 -8.42 -25.17 -12.38
CA GLU A 359 -7.13 -24.95 -13.03
C GLU A 359 -7.16 -25.44 -14.47
N GLY A 360 -6.58 -24.65 -15.38
CA GLY A 360 -6.45 -25.03 -16.77
C GLY A 360 -5.27 -25.98 -16.99
N ASP A 361 -5.06 -26.33 -18.26
N ASP A 361 -5.06 -26.32 -18.26
CA ASP A 361 -4.06 -27.32 -18.62
CA ASP A 361 -4.07 -27.32 -18.63
C ASP A 361 -2.83 -26.72 -19.28
C ASP A 361 -2.79 -26.71 -19.22
N GLY A 362 -2.66 -25.40 -19.20
CA GLY A 362 -1.48 -24.77 -19.77
C GLY A 362 -1.15 -23.47 -19.06
N SER A 363 -0.14 -22.76 -19.59
CA SER A 363 0.28 -21.49 -19.02
C SER A 363 0.63 -20.52 -20.15
N LEU A 364 0.63 -19.25 -19.80
CA LEU A 364 1.00 -18.15 -20.69
C LEU A 364 2.34 -17.56 -20.23
N LYS A 365 3.31 -17.53 -21.12
CA LYS A 365 4.65 -17.05 -20.80
C LYS A 365 4.81 -15.60 -21.27
N TYR A 366 5.49 -14.80 -20.45
CA TYR A 366 5.75 -13.38 -20.72
C TYR A 366 7.21 -13.20 -21.11
N TYR A 367 7.46 -12.42 -22.16
CA TYR A 367 8.77 -12.29 -22.78
C TYR A 367 9.09 -10.82 -23.03
N LEU A 368 10.38 -10.50 -22.92
CA LEU A 368 10.94 -9.24 -23.39
C LEU A 368 12.00 -9.49 -24.46
N TYR A 369 12.10 -8.56 -25.40
CA TYR A 369 13.06 -8.62 -26.49
C TYR A 369 14.13 -7.56 -26.27
N ASN A 370 15.37 -7.98 -26.27
CA ASN A 370 16.53 -7.11 -26.06
C ASN A 370 16.50 -6.44 -24.69
N TRP A 371 16.22 -7.26 -23.66
CA TRP A 371 16.28 -6.80 -22.27
C TRP A 371 16.63 -7.96 -21.37
N LYS A 372 17.64 -7.76 -20.51
CA LYS A 372 18.04 -8.78 -19.55
C LYS A 372 17.75 -8.29 -18.13
N CYS A 373 17.07 -9.14 -17.37
CA CYS A 373 16.74 -8.84 -15.98
C CYS A 373 16.44 -10.16 -15.26
N ALA A 374 16.32 -10.09 -13.93
CA ALA A 374 15.86 -11.22 -13.16
C ALA A 374 14.40 -11.54 -13.49
N SER A 375 14.07 -12.84 -13.45
CA SER A 375 12.68 -13.24 -13.64
C SER A 375 11.94 -13.16 -12.29
N PHE A 376 10.64 -13.45 -12.31
CA PHE A 376 9.84 -13.30 -11.10
C PHE A 376 8.55 -14.10 -11.24
N ALA A 377 7.98 -14.44 -10.10
CA ALA A 377 6.72 -15.16 -10.07
C ALA A 377 5.60 -14.30 -10.65
N PRO A 378 4.56 -14.92 -11.18
CA PRO A 378 3.53 -14.15 -11.90
C PRO A 378 2.69 -13.23 -11.00
N ALA A 379 2.69 -13.44 -9.68
CA ALA A 379 1.99 -12.48 -8.83
C ALA A 379 2.64 -11.09 -8.88
N HIS A 380 3.85 -10.99 -9.45
CA HIS A 380 4.50 -9.71 -9.66
C HIS A 380 4.29 -9.17 -11.06
N VAL A 381 3.59 -9.90 -11.92
CA VAL A 381 3.20 -9.41 -13.24
C VAL A 381 1.96 -8.54 -13.07
N GLY A 382 2.00 -7.35 -13.67
CA GLY A 382 0.93 -6.37 -13.54
C GLY A 382 0.44 -5.86 -14.88
N ILE A 383 0.53 -6.70 -15.91
CA ILE A 383 0.07 -6.33 -17.24
C ILE A 383 -0.66 -7.52 -17.87
N VAL A 384 -1.72 -7.22 -18.62
CA VAL A 384 -2.52 -8.22 -19.33
C VAL A 384 -2.53 -7.84 -20.80
N LEU A 385 -1.99 -8.72 -21.65
CA LEU A 385 -2.06 -8.52 -23.09
C LEU A 385 -3.27 -9.24 -23.68
N LEU A 386 -3.71 -8.77 -24.83
CA LEU A 386 -4.98 -9.21 -25.38
C LEU A 386 -4.87 -10.47 -26.23
N PRO B 2 -20.84 -25.63 16.16
CA PRO B 2 -21.70 -24.70 15.41
C PRO B 2 -22.70 -23.94 16.29
N ASP B 3 -22.75 -24.26 17.58
CA ASP B 3 -23.57 -23.53 18.53
C ASP B 3 -22.78 -22.44 19.25
N TYR B 4 -21.50 -22.68 19.53
CA TYR B 4 -20.59 -21.66 20.10
C TYR B 4 -21.20 -21.00 21.34
N LYS B 5 -21.69 -21.84 22.26
CA LYS B 5 -22.28 -21.31 23.49
C LYS B 5 -21.31 -20.44 24.28
N PHE B 6 -20.02 -20.74 24.22
CA PHE B 6 -19.08 -19.87 24.92
C PHE B 6 -18.62 -18.69 24.05
N TRP B 7 -18.23 -18.95 22.81
CA TRP B 7 -17.60 -17.89 22.03
C TRP B 7 -18.55 -16.76 21.70
N TYR B 8 -19.85 -17.04 21.58
CA TYR B 8 -20.79 -15.97 21.33
C TYR B 8 -21.07 -15.10 22.55
N THR B 9 -20.58 -15.43 23.74
CA THR B 9 -20.58 -14.50 24.85
C THR B 9 -19.40 -13.50 24.83
N GLN B 10 -18.45 -13.67 23.89
CA GLN B 10 -17.23 -12.92 23.84
C GLN B 10 -17.24 -11.88 22.73
N PRO B 11 -16.41 -10.83 22.84
CA PRO B 11 -16.36 -9.78 21.79
C PRO B 11 -15.53 -10.21 20.58
N VAL B 12 -16.08 -11.14 19.80
CA VAL B 12 -15.51 -11.59 18.54
C VAL B 12 -16.66 -11.57 17.56
N PRO B 13 -16.39 -11.62 16.23
CA PRO B 13 -17.48 -11.63 15.25
C PRO B 13 -18.25 -12.94 15.28
N LYS B 14 -19.54 -12.87 14.95
CA LYS B 14 -20.31 -14.08 14.69
C LYS B 14 -19.82 -14.72 13.40
N ILE B 15 -20.19 -16.00 13.21
N ILE B 15 -20.18 -16.00 13.20
CA ILE B 15 -19.61 -16.79 12.14
CA ILE B 15 -19.59 -16.78 12.13
C ILE B 15 -20.01 -16.29 10.76
C ILE B 15 -19.96 -16.22 10.76
N ASN B 16 -21.09 -15.51 10.65
CA ASN B 16 -21.54 -14.99 9.37
C ASN B 16 -21.20 -13.51 9.20
N ASP B 17 -20.58 -12.89 10.20
CA ASP B 17 -20.28 -11.47 10.13
C ASP B 17 -19.27 -11.18 9.04
N GLU B 18 -19.43 -10.02 8.41
CA GLU B 18 -18.51 -9.53 7.37
C GLU B 18 -18.48 -8.00 7.46
N PHE B 19 -17.28 -7.43 7.45
CA PHE B 19 -17.11 -5.98 7.56
C PHE B 19 -16.34 -5.47 6.36
N ASN B 20 -16.69 -4.28 5.90
CA ASN B 20 -15.99 -3.68 4.77
C ASN B 20 -14.76 -2.90 5.26
N GLU B 21 -14.04 -2.29 4.31
CA GLU B 21 -12.71 -1.78 4.62
C GLU B 21 -12.76 -0.52 5.48
N SER B 22 -13.90 0.15 5.57
CA SER B 22 -14.01 1.33 6.43
C SER B 22 -14.16 1.00 7.91
N VAL B 23 -14.12 -0.26 8.29
CA VAL B 23 -14.29 -0.67 9.68
C VAL B 23 -12.95 -1.23 10.15
N ASN B 24 -12.42 -0.67 11.24
CA ASN B 24 -11.18 -1.10 11.85
C ASN B 24 -11.13 -0.57 13.28
N GLU B 25 -11.76 -1.26 14.22
CA GLU B 25 -11.98 -0.70 15.56
C GLU B 25 -12.38 -1.82 16.50
N PRO B 26 -12.38 -1.57 17.81
CA PRO B 26 -12.78 -2.61 18.76
C PRO B 26 -14.28 -2.90 18.71
N PHE B 27 -14.65 -4.07 19.22
CA PHE B 27 -16.05 -4.29 19.58
C PHE B 27 -16.46 -3.52 20.83
N ILE B 28 -15.58 -3.47 21.83
N ILE B 28 -15.57 -3.47 21.82
CA ILE B 28 -15.85 -2.81 23.11
CA ILE B 28 -15.84 -2.82 23.11
C ILE B 28 -14.73 -1.81 23.36
C ILE B 28 -14.72 -1.81 23.36
N SER B 29 -15.07 -0.53 23.38
CA SER B 29 -14.15 0.54 23.72
CA SER B 29 -14.15 0.54 23.72
C SER B 29 -14.51 1.10 25.10
N ASP B 30 -13.73 2.07 25.54
CA ASP B 30 -13.96 2.70 26.84
C ASP B 30 -13.91 1.65 27.96
N ASN B 31 -12.83 0.88 27.98
CA ASN B 31 -12.60 -0.12 29.01
C ASN B 31 -11.81 0.50 30.16
N LYS B 32 -12.09 0.01 31.37
CA LYS B 32 -11.47 0.58 32.57
C LYS B 32 -10.84 -0.54 33.39
N VAL B 33 -9.56 -0.37 33.71
CA VAL B 33 -8.87 -1.33 34.57
C VAL B 33 -9.57 -1.44 35.92
N GLU B 34 -10.06 -0.33 36.45
CA GLU B 34 -10.64 -0.32 37.78
C GLU B 34 -11.85 -1.22 37.90
N ASP B 35 -12.54 -1.51 36.80
CA ASP B 35 -13.75 -2.33 36.83
C ASP B 35 -13.48 -3.80 36.59
N VAL B 36 -12.25 -4.19 36.23
CA VAL B 36 -11.92 -5.58 35.96
C VAL B 36 -12.04 -6.40 37.25
N ARG B 37 -12.55 -7.61 37.13
CA ARG B 37 -12.57 -8.56 38.22
C ARG B 37 -11.17 -8.77 38.79
N LYS B 38 -11.07 -8.65 40.12
N LYS B 38 -11.06 -8.66 40.12
CA LYS B 38 -9.80 -8.86 40.80
CA LYS B 38 -9.79 -8.86 40.80
C LYS B 38 -9.66 -10.24 41.40
C LYS B 38 -9.66 -10.25 41.39
N ASP B 39 -10.76 -10.99 41.54
CA ASP B 39 -10.72 -12.36 42.03
C ASP B 39 -10.51 -13.35 40.88
N GLU B 40 -9.80 -14.44 41.17
CA GLU B 40 -9.57 -15.46 40.17
C GLU B 40 -10.87 -16.23 39.89
N TYR B 41 -11.00 -16.74 38.67
CA TYR B 41 -12.14 -17.57 38.33
C TYR B 41 -12.11 -18.86 39.15
N LYS B 42 -13.28 -19.38 39.47
N LYS B 42 -13.29 -19.37 39.49
CA LYS B 42 -13.37 -20.55 40.34
CA LYS B 42 -13.40 -20.55 40.31
C LYS B 42 -13.18 -21.81 39.51
C LYS B 42 -13.15 -21.81 39.49
N LEU B 43 -12.50 -22.79 40.10
CA LEU B 43 -12.29 -24.12 39.55
C LEU B 43 -13.06 -25.16 40.36
N PRO B 44 -13.24 -26.36 39.81
CA PRO B 44 -13.88 -27.44 40.60
C PRO B 44 -13.05 -27.85 41.78
N PRO B 45 -13.67 -28.39 42.84
CA PRO B 45 -12.90 -28.87 43.99
C PRO B 45 -11.83 -29.87 43.57
N GLY B 46 -10.67 -29.76 44.20
CA GLY B 46 -9.52 -30.58 43.85
C GLY B 46 -8.56 -29.99 42.85
N TYR B 47 -8.84 -28.79 42.33
CA TYR B 47 -8.02 -28.14 41.31
C TYR B 47 -7.66 -26.74 41.76
N SER B 48 -6.47 -26.27 41.36
CA SER B 48 -6.01 -24.97 41.81
C SER B 48 -5.19 -24.30 40.71
N TRP B 49 -5.19 -22.98 40.73
CA TRP B 49 -4.38 -22.17 39.83
C TRP B 49 -2.92 -22.23 40.24
N TYR B 50 -2.04 -22.17 39.25
CA TYR B 50 -0.60 -22.24 39.49
C TYR B 50 0.07 -21.30 38.49
N VAL B 51 0.77 -20.29 38.97
CA VAL B 51 1.54 -19.38 38.13
C VAL B 51 2.91 -19.99 37.90
N CYS B 52 3.26 -20.22 36.65
CA CYS B 52 4.50 -20.91 36.30
C CYS B 52 5.64 -19.93 36.08
N ASP B 53 6.82 -20.28 36.61
CA ASP B 53 8.06 -19.58 36.32
C ASP B 53 8.79 -20.41 35.28
N VAL B 54 8.69 -20.00 34.01
CA VAL B 54 9.29 -20.80 32.94
C VAL B 54 10.82 -20.85 33.04
N LYS B 55 11.44 -19.92 33.76
CA LYS B 55 12.88 -19.98 33.96
C LYS B 55 13.27 -20.98 35.03
N ASP B 56 12.32 -21.50 35.80
CA ASP B 56 12.58 -22.51 36.81
C ASP B 56 12.55 -23.89 36.18
N GLU B 57 13.61 -24.67 36.41
CA GLU B 57 13.71 -25.99 35.77
C GLU B 57 12.53 -26.89 36.13
N LYS B 58 12.11 -26.87 37.39
CA LYS B 58 10.98 -27.70 37.81
C LYS B 58 9.70 -27.33 37.07
N ASP B 59 9.31 -26.05 37.10
CA ASP B 59 8.09 -25.64 36.40
C ASP B 59 8.19 -25.94 34.90
N ARG B 60 9.31 -25.61 34.28
CA ARG B 60 9.44 -25.82 32.83
C ARG B 60 9.29 -27.30 32.47
N SER B 61 9.88 -28.19 33.28
N SER B 61 9.87 -28.18 33.28
CA SER B 61 9.74 -29.62 33.03
CA SER B 61 9.74 -29.62 33.03
C SER B 61 8.30 -30.07 33.16
C SER B 61 8.30 -30.07 33.16
N GLU B 62 7.54 -29.45 34.07
CA GLU B 62 6.12 -29.78 34.18
C GLU B 62 5.33 -29.33 32.95
N ILE B 63 5.58 -28.12 32.46
CA ILE B 63 4.93 -27.68 31.23
C ILE B 63 5.32 -28.59 30.07
N TYR B 64 6.61 -28.92 29.95
CA TYR B 64 7.05 -29.76 28.84
C TYR B 64 6.35 -31.10 28.84
N THR B 65 6.26 -31.74 30.02
CA THR B 65 5.60 -33.04 30.10
C THR B 65 4.12 -32.96 29.71
N LEU B 66 3.41 -31.90 30.13
CA LEU B 66 2.00 -31.78 29.76
C LEU B 66 1.85 -31.66 28.24
N LEU B 67 2.64 -30.77 27.63
CA LEU B 67 2.53 -30.54 26.19
C LEU B 67 2.96 -31.76 25.40
N THR B 68 4.08 -32.40 25.78
CA THR B 68 4.56 -33.56 25.03
C THR B 68 3.49 -34.65 24.94
N ASP B 69 2.69 -34.82 25.99
CA ASP B 69 1.71 -35.89 26.02
C ASP B 69 0.32 -35.47 25.56
N ASN B 70 0.02 -34.17 25.52
CA ASN B 70 -1.35 -33.72 25.35
C ASN B 70 -1.58 -32.57 24.39
N TYR B 71 -0.56 -32.08 23.67
CA TYR B 71 -0.75 -30.88 22.86
C TYR B 71 -1.21 -31.28 21.47
N VAL B 72 -0.89 -30.47 20.46
CA VAL B 72 -1.61 -30.48 19.19
C VAL B 72 -1.23 -31.71 18.37
N GLU B 73 -2.26 -32.40 17.86
CA GLU B 73 -2.08 -33.50 16.94
C GLU B 73 -2.71 -33.15 15.60
N ASP B 74 -2.30 -33.86 14.54
CA ASP B 74 -2.88 -33.62 13.24
C ASP B 74 -4.27 -34.26 13.14
N ASP B 75 -4.98 -33.94 12.06
N ASP B 75 -4.99 -33.94 12.07
CA ASP B 75 -6.34 -34.43 11.89
CA ASP B 75 -6.33 -34.47 11.88
C ASP B 75 -6.41 -35.94 11.97
C ASP B 75 -6.30 -35.99 11.80
N ASP B 76 -5.45 -36.64 11.37
CA ASP B 76 -5.43 -38.09 11.36
C ASP B 76 -4.74 -38.69 12.58
N ASN B 77 -4.29 -37.87 13.52
CA ASN B 77 -3.71 -38.36 14.77
C ASN B 77 -2.47 -39.23 14.51
N ILE B 78 -1.60 -38.77 13.62
N ILE B 78 -1.60 -38.77 13.62
CA ILE B 78 -0.38 -39.48 13.28
CA ILE B 78 -0.38 -39.49 13.30
C ILE B 78 0.81 -38.81 13.95
C ILE B 78 0.82 -38.81 13.96
N PHE B 79 0.71 -37.50 14.18
CA PHE B 79 1.78 -36.73 14.76
C PHE B 79 1.29 -35.92 15.96
N ARG B 80 2.19 -35.67 16.89
CA ARG B 80 1.93 -34.70 17.97
C ARG B 80 3.16 -33.82 18.11
N PHE B 81 2.96 -32.49 18.13
CA PHE B 81 4.06 -31.56 18.31
C PHE B 81 4.83 -31.87 19.59
N ASN B 82 6.15 -31.71 19.54
CA ASN B 82 7.07 -32.01 20.63
C ASN B 82 8.03 -30.83 20.79
N TYR B 83 7.49 -29.69 21.21
CA TYR B 83 8.30 -28.52 21.51
C TYR B 83 9.33 -28.83 22.58
N SER B 84 10.59 -28.42 22.35
CA SER B 84 11.61 -28.72 23.34
C SER B 84 11.50 -27.74 24.51
N ALA B 85 12.13 -28.11 25.63
CA ALA B 85 12.14 -27.25 26.81
C ALA B 85 12.86 -25.92 26.56
N GLU B 86 13.96 -25.97 25.80
CA GLU B 86 14.65 -24.73 25.44
C GLU B 86 13.82 -23.87 24.51
N PHE B 87 13.08 -24.51 23.60
CA PHE B 87 12.18 -23.75 22.72
C PHE B 87 11.15 -22.99 23.55
N LEU B 88 10.56 -23.67 24.54
CA LEU B 88 9.53 -23.01 25.36
C LEU B 88 10.11 -21.83 26.13
N LEU B 89 11.33 -21.97 26.62
CA LEU B 89 12.01 -20.84 27.27
C LEU B 89 12.07 -19.65 26.32
N TRP B 90 12.53 -19.88 25.08
CA TRP B 90 12.69 -18.81 24.10
C TRP B 90 11.36 -18.15 23.77
N ALA B 91 10.33 -18.96 23.49
CA ALA B 91 9.05 -18.42 23.06
C ALA B 91 8.32 -17.64 24.15
N LEU B 92 8.58 -17.90 25.43
CA LEU B 92 7.79 -17.33 26.52
C LEU B 92 8.52 -16.24 27.30
N THR B 93 9.78 -15.95 26.99
CA THR B 93 10.57 -14.98 27.75
C THR B 93 11.03 -13.81 26.88
N SER B 94 10.17 -13.35 25.99
CA SER B 94 10.48 -12.23 25.12
C SER B 94 10.53 -10.91 25.92
N PRO B 95 11.00 -9.83 25.30
CA PRO B 95 11.17 -8.57 26.05
C PRO B 95 9.88 -8.11 26.70
N ASN B 96 10.01 -7.75 27.98
CA ASN B 96 8.91 -7.24 28.79
C ASN B 96 7.81 -8.26 29.05
N TYR B 97 8.13 -9.55 28.97
CA TYR B 97 7.13 -10.55 29.26
C TYR B 97 6.75 -10.49 30.75
N LEU B 98 5.56 -10.98 31.06
CA LEU B 98 5.03 -11.00 32.41
C LEU B 98 4.83 -12.45 32.85
N LYS B 99 5.39 -12.78 34.01
CA LYS B 99 5.23 -14.11 34.58
C LYS B 99 3.77 -14.39 34.92
N THR B 100 2.99 -13.33 35.22
CA THR B 100 1.59 -13.52 35.55
C THR B 100 0.73 -13.88 34.36
N TRP B 101 1.28 -13.91 33.14
CA TRP B 101 0.55 -14.37 31.97
C TRP B 101 0.90 -15.81 31.57
N HIS B 102 1.65 -16.54 32.40
CA HIS B 102 1.93 -17.96 32.21
C HIS B 102 1.21 -18.73 33.30
N ILE B 103 0.04 -19.29 33.01
CA ILE B 103 -0.79 -19.90 34.05
C ILE B 103 -1.15 -21.35 33.73
N GLY B 104 -1.19 -22.18 34.76
CA GLY B 104 -1.70 -23.53 34.64
C GLY B 104 -2.71 -23.88 35.72
N VAL B 105 -3.26 -25.07 35.59
CA VAL B 105 -4.16 -25.65 36.58
C VAL B 105 -3.55 -26.98 37.04
N LYS B 106 -3.51 -27.18 38.35
CA LYS B 106 -2.98 -28.39 38.94
C LYS B 106 -4.11 -29.23 39.51
N TYR B 107 -3.95 -30.55 39.40
CA TYR B 107 -4.76 -31.50 40.16
C TYR B 107 -4.04 -31.72 41.49
N ASP B 108 -4.66 -31.28 42.58
CA ASP B 108 -3.94 -31.17 43.84
C ASP B 108 -3.63 -32.52 44.46
N ALA B 109 -4.46 -33.53 44.23
CA ALA B 109 -4.21 -34.83 44.89
C ALA B 109 -2.89 -35.42 44.44
N SER B 110 -2.50 -35.19 43.18
CA SER B 110 -1.23 -35.68 42.67
C SER B 110 -0.22 -34.57 42.42
N ASN B 111 -0.63 -33.30 42.56
CA ASN B 111 0.26 -32.18 42.29
C ASN B 111 0.75 -32.20 40.84
N LYS B 112 -0.16 -32.46 39.92
CA LYS B 112 0.14 -32.67 38.51
C LYS B 112 -0.50 -31.55 37.69
N LEU B 113 0.24 -31.01 36.72
CA LEU B 113 -0.27 -30.00 35.82
C LEU B 113 -1.18 -30.65 34.79
N ILE B 114 -2.44 -30.23 34.74
CA ILE B 114 -3.39 -30.77 33.77
C ILE B 114 -3.93 -29.73 32.82
N GLY B 115 -3.47 -28.48 32.90
CA GLY B 115 -3.92 -27.45 31.98
C GLY B 115 -2.97 -26.29 31.98
N PHE B 116 -2.92 -25.56 30.85
CA PHE B 116 -1.94 -24.47 30.67
C PHE B 116 -2.45 -23.51 29.59
N ILE B 117 -2.10 -22.24 29.75
CA ILE B 117 -2.28 -21.24 28.70
C ILE B 117 -1.28 -20.11 28.94
N SER B 118 -0.86 -19.44 27.87
CA SER B 118 0.17 -18.42 28.01
C SER B 118 -0.05 -17.26 27.02
N ALA B 119 0.60 -16.14 27.31
CA ALA B 119 0.57 -14.95 26.46
C ALA B 119 1.83 -14.12 26.67
N ILE B 120 2.23 -13.41 25.63
CA ILE B 120 3.31 -12.44 25.70
C ILE B 120 2.91 -11.13 25.03
N PRO B 121 3.46 -9.99 25.44
CA PRO B 121 3.01 -8.70 24.89
C PRO B 121 3.71 -8.41 23.58
N THR B 122 3.00 -7.75 22.67
CA THR B 122 3.53 -7.39 21.37
C THR B 122 2.74 -6.23 20.78
N ASP B 123 3.40 -5.46 19.92
CA ASP B 123 2.75 -4.38 19.17
C ASP B 123 2.38 -4.90 17.79
N ILE B 124 1.09 -4.81 17.44
CA ILE B 124 0.53 -5.40 16.23
C ILE B 124 -0.05 -4.29 15.37
N CYS B 125 0.27 -4.29 14.07
CA CYS B 125 -0.30 -3.35 13.11
C CYS B 125 -1.36 -4.07 12.29
N ILE B 126 -2.62 -3.60 12.40
CA ILE B 126 -3.74 -4.17 11.66
C ILE B 126 -4.37 -3.08 10.82
N HIS B 127 -4.36 -3.26 9.50
CA HIS B 127 -4.91 -2.29 8.58
C HIS B 127 -4.35 -0.90 8.86
N LYS B 128 -3.03 -0.84 9.05
CA LYS B 128 -2.23 0.36 9.25
C LYS B 128 -2.45 1.02 10.59
N ARG B 129 -3.08 0.35 11.56
CA ARG B 129 -3.26 0.87 12.91
C ARG B 129 -2.50 -0.02 13.88
N THR B 130 -1.63 0.59 14.69
CA THR B 130 -0.80 -0.16 15.63
C THR B 130 -1.45 -0.17 17.01
N ILE B 131 -1.63 -1.37 17.56
CA ILE B 131 -2.32 -1.60 18.83
C ILE B 131 -1.42 -2.49 19.69
N LYS B 132 -1.34 -2.18 20.99
CA LYS B 132 -0.72 -3.11 21.94
C LYS B 132 -1.62 -4.31 22.18
N MET B 133 -1.10 -5.53 21.98
CA MET B 133 -1.90 -6.74 22.09
C MET B 133 -1.19 -7.79 22.93
N ALA B 134 -1.96 -8.80 23.32
CA ALA B 134 -1.40 -10.06 23.82
C ALA B 134 -1.42 -11.11 22.72
N GLU B 135 -0.33 -11.87 22.56
CA GLU B 135 -0.28 -13.03 21.67
C GLU B 135 -0.43 -14.30 22.50
N VAL B 136 -1.51 -15.06 22.27
CA VAL B 136 -1.90 -16.19 23.11
C VAL B 136 -1.51 -17.51 22.44
N ASN B 137 -0.97 -18.45 23.22
CA ASN B 137 -0.40 -19.67 22.69
C ASN B 137 -0.41 -20.76 23.77
N PHE B 138 -0.27 -22.00 23.29
CA PHE B 138 0.00 -23.16 24.12
C PHE B 138 -1.14 -23.50 25.07
N LEU B 139 -2.37 -23.20 24.68
CA LEU B 139 -3.55 -23.70 25.38
C LEU B 139 -3.61 -25.22 25.30
N CYS B 140 -3.71 -25.88 26.46
CA CYS B 140 -3.64 -27.33 26.50
C CYS B 140 -4.41 -27.84 27.71
N VAL B 141 -5.24 -28.85 27.50
CA VAL B 141 -5.96 -29.55 28.58
C VAL B 141 -5.65 -31.04 28.48
N HIS B 142 -5.29 -31.65 29.60
CA HIS B 142 -4.96 -33.06 29.66
C HIS B 142 -6.02 -33.93 29.00
N LYS B 143 -5.58 -34.96 28.30
CA LYS B 143 -6.51 -35.82 27.56
C LYS B 143 -7.62 -36.41 28.44
N THR B 144 -7.32 -36.71 29.68
CA THR B 144 -8.32 -37.34 30.54
C THR B 144 -9.42 -36.38 30.99
N LEU B 145 -9.25 -35.08 30.77
CA LEU B 145 -10.19 -34.06 31.24
C LEU B 145 -10.85 -33.31 30.08
N ARG B 146 -10.82 -33.88 28.87
CA ARG B 146 -11.37 -33.17 27.72
C ARG B 146 -12.90 -33.12 27.79
N SER B 147 -13.46 -32.06 27.20
CA SER B 147 -14.90 -31.88 27.05
C SER B 147 -15.62 -31.64 28.39
N LYS B 148 -14.93 -31.04 29.35
CA LYS B 148 -15.51 -30.69 30.64
C LYS B 148 -15.58 -29.18 30.83
N ARG B 149 -15.32 -28.39 29.77
CA ARG B 149 -15.46 -26.93 29.78
C ARG B 149 -14.35 -26.26 30.59
N LEU B 150 -13.18 -26.88 30.65
N LEU B 150 -13.18 -26.88 30.65
CA LEU B 150 -12.04 -26.23 31.31
CA LEU B 150 -12.03 -26.24 31.30
C LEU B 150 -11.39 -25.17 30.43
C LEU B 150 -11.41 -25.16 30.43
N ALA B 151 -11.38 -25.36 29.11
CA ALA B 151 -10.75 -24.38 28.23
C ALA B 151 -11.39 -23.00 28.36
N PRO B 152 -12.71 -22.84 28.38
CA PRO B 152 -13.26 -21.48 28.56
C PRO B 152 -12.80 -20.84 29.86
N VAL B 153 -12.57 -21.63 30.91
CA VAL B 153 -12.12 -21.04 32.17
C VAL B 153 -10.69 -20.55 32.04
N LEU B 154 -9.83 -21.33 31.37
CA LEU B 154 -8.46 -20.88 31.10
C LEU B 154 -8.45 -19.58 30.29
N ILE B 155 -9.29 -19.51 29.24
CA ILE B 155 -9.39 -18.32 28.40
C ILE B 155 -9.89 -17.10 29.21
N LYS B 156 -10.90 -17.29 30.05
CA LYS B 156 -11.45 -16.18 30.79
C LYS B 156 -10.44 -15.68 31.80
N GLU B 157 -9.68 -16.60 32.45
CA GLU B 157 -8.68 -16.18 33.44
C GLU B 157 -7.52 -15.40 32.80
N ILE B 158 -7.04 -15.82 31.62
CA ILE B 158 -5.92 -15.08 31.07
C ILE B 158 -6.42 -13.75 30.48
N THR B 159 -7.66 -13.69 29.96
CA THR B 159 -8.24 -12.41 29.56
C THR B 159 -8.24 -11.43 30.73
N ARG B 160 -8.65 -11.90 31.91
CA ARG B 160 -8.69 -11.05 33.10
C ARG B 160 -7.30 -10.49 33.44
N ARG B 161 -6.28 -11.35 33.36
CA ARG B 161 -4.93 -10.95 33.73
C ARG B 161 -4.35 -10.00 32.68
N ILE B 162 -4.70 -10.18 31.42
CA ILE B 162 -4.28 -9.25 30.38
C ILE B 162 -4.95 -7.90 30.55
N ASN B 163 -6.26 -7.89 30.86
CA ASN B 163 -6.99 -6.66 31.07
C ASN B 163 -6.43 -5.86 32.24
N LEU B 164 -5.93 -6.54 33.30
CA LEU B 164 -5.33 -5.84 34.44
C LEU B 164 -4.05 -5.11 34.05
N GLU B 165 -3.56 -5.29 32.83
CA GLU B 165 -2.43 -4.53 32.30
C GLU B 165 -2.87 -3.42 31.35
N ASN B 166 -4.18 -3.12 31.30
CA ASN B 166 -4.72 -2.13 30.37
C ASN B 166 -4.53 -2.53 28.91
N ILE B 167 -4.65 -3.82 28.63
N ILE B 167 -4.64 -3.83 28.63
CA ILE B 167 -4.58 -4.37 27.27
CA ILE B 167 -4.58 -4.39 27.29
C ILE B 167 -5.90 -5.07 26.99
C ILE B 167 -5.92 -5.07 27.00
N TRP B 168 -6.51 -4.75 25.84
CA TRP B 168 -7.88 -5.16 25.54
C TRP B 168 -8.04 -5.90 24.23
N GLN B 169 -6.93 -6.21 23.56
CA GLN B 169 -6.94 -6.94 22.30
C GLN B 169 -5.94 -8.08 22.36
N ALA B 170 -6.19 -9.13 21.56
CA ALA B 170 -5.22 -10.21 21.44
C ALA B 170 -5.18 -10.77 20.03
N ILE B 171 -4.09 -11.46 19.73
CA ILE B 171 -3.92 -12.18 18.46
C ILE B 171 -3.60 -13.63 18.78
N TYR B 172 -4.21 -14.57 18.04
CA TYR B 172 -3.95 -15.99 18.22
C TYR B 172 -4.28 -16.74 16.93
N THR B 173 -3.73 -17.95 16.82
CA THR B 173 -3.98 -18.81 15.69
C THR B 173 -4.44 -20.18 16.18
N ALA B 174 -5.10 -20.92 15.28
CA ALA B 174 -5.55 -22.26 15.62
C ALA B 174 -5.89 -23.02 14.35
N GLY B 175 -5.76 -24.34 14.43
CA GLY B 175 -6.21 -25.22 13.37
C GLY B 175 -7.70 -25.42 13.29
N VAL B 176 -8.42 -25.18 14.38
CA VAL B 176 -9.87 -25.35 14.38
C VAL B 176 -10.52 -24.04 13.93
N TYR B 177 -11.72 -24.17 13.38
CA TYR B 177 -12.51 -23.05 12.89
C TYR B 177 -13.36 -22.51 14.03
N LEU B 178 -13.14 -21.26 14.39
CA LEU B 178 -13.84 -20.58 15.47
C LEU B 178 -14.34 -19.26 14.94
N PRO B 179 -15.21 -18.57 15.70
CA PRO B 179 -15.66 -17.23 15.28
C PRO B 179 -14.61 -16.19 15.65
N LYS B 180 -14.09 -15.48 14.65
CA LYS B 180 -14.18 -15.76 13.22
C LYS B 180 -12.81 -15.37 12.64
N PRO B 181 -12.26 -16.15 11.70
CA PRO B 181 -10.91 -15.86 11.19
C PRO B 181 -10.83 -14.54 10.42
N VAL B 182 -9.75 -13.81 10.65
CA VAL B 182 -9.46 -12.68 9.78
C VAL B 182 -8.72 -13.13 8.53
N SER B 183 -8.04 -14.30 8.57
CA SER B 183 -7.39 -14.90 7.40
C SER B 183 -7.16 -16.37 7.70
N ASP B 184 -6.90 -17.17 6.66
CA ASP B 184 -6.79 -18.61 6.75
C ASP B 184 -5.73 -19.07 5.76
N ALA B 185 -4.75 -19.82 6.25
CA ALA B 185 -3.57 -20.16 5.45
C ALA B 185 -3.31 -21.66 5.45
N ARG B 186 -3.36 -22.26 4.27
CA ARG B 186 -2.92 -23.64 4.13
C ARG B 186 -1.42 -23.75 4.39
N TYR B 187 -0.98 -24.91 4.90
CA TYR B 187 0.45 -25.19 5.06
C TYR B 187 0.91 -26.22 4.04
N TYR B 188 2.20 -26.17 3.74
CA TYR B 188 2.85 -26.95 2.68
C TYR B 188 4.16 -27.52 3.24
N HIS B 189 4.64 -28.60 2.60
N HIS B 189 4.63 -28.61 2.62
CA HIS B 189 5.86 -29.28 3.04
CA HIS B 189 5.86 -29.29 3.04
C HIS B 189 6.79 -29.48 1.86
C HIS B 189 6.79 -29.46 1.85
N ARG B 190 8.10 -29.40 2.13
CA ARG B 190 9.14 -29.70 1.14
C ARG B 190 10.02 -30.82 1.70
N SER B 191 9.98 -31.97 1.05
N SER B 191 9.98 -31.98 1.06
CA SER B 191 10.69 -33.14 1.55
CA SER B 191 10.69 -33.14 1.55
C SER B 191 12.20 -32.97 1.40
C SER B 191 12.20 -32.97 1.40
N ILE B 192 12.94 -33.44 2.42
CA ILE B 192 14.39 -33.42 2.38
C ILE B 192 14.93 -34.84 2.56
N ASN B 193 14.64 -35.44 3.72
CA ASN B 193 15.01 -36.83 3.99
C ASN B 193 13.92 -37.73 3.41
N VAL B 194 14.05 -38.03 2.11
CA VAL B 194 12.97 -38.69 1.38
C VAL B 194 12.68 -40.06 1.96
N LYS B 195 13.72 -40.85 2.22
CA LYS B 195 13.53 -42.23 2.63
C LYS B 195 12.74 -42.31 3.92
N LYS B 196 13.04 -41.43 4.88
CA LYS B 196 12.35 -41.46 6.17
C LYS B 196 10.88 -41.07 6.01
N LEU B 197 10.61 -40.03 5.20
CA LEU B 197 9.23 -39.59 4.99
C LEU B 197 8.39 -40.64 4.28
N ILE B 198 9.03 -41.49 3.47
CA ILE B 198 8.32 -42.61 2.87
C ILE B 198 8.07 -43.70 3.90
N GLU B 199 9.08 -44.03 4.69
CA GLU B 199 8.96 -45.16 5.60
C GLU B 199 7.88 -44.92 6.65
N ILE B 200 7.77 -43.68 7.14
CA ILE B 200 6.75 -43.38 8.15
C ILE B 200 5.39 -43.21 7.53
N GLY B 201 5.25 -43.45 6.22
CA GLY B 201 3.97 -43.44 5.56
C GLY B 201 3.44 -42.08 5.20
N PHE B 202 4.26 -41.03 5.28
CA PHE B 202 3.78 -39.68 4.97
C PHE B 202 3.72 -39.43 3.47
N SER B 203 4.85 -39.56 2.78
CA SER B 203 4.91 -39.26 1.36
C SER B 203 4.35 -40.40 0.54
N SER B 204 3.75 -40.05 -0.59
CA SER B 204 3.06 -41.00 -1.44
C SER B 204 3.85 -41.21 -2.72
N LEU B 205 3.90 -42.47 -3.17
CA LEU B 205 4.56 -42.86 -4.40
C LEU B 205 3.54 -43.42 -5.38
N ASN B 206 3.93 -43.52 -6.64
CA ASN B 206 3.09 -44.16 -7.65
C ASN B 206 3.96 -44.57 -8.83
N SER B 207 3.31 -45.13 -9.86
CA SER B 207 4.07 -45.70 -10.97
C SER B 207 4.94 -44.66 -11.66
N ARG B 208 4.57 -43.38 -11.56
CA ARG B 208 5.40 -42.33 -12.13
C ARG B 208 6.53 -41.93 -11.17
N LEU B 209 6.18 -41.61 -9.93
CA LEU B 209 7.17 -41.21 -8.92
C LEU B 209 7.52 -42.42 -8.07
N THR B 210 8.50 -43.19 -8.53
CA THR B 210 9.01 -44.32 -7.78
C THR B 210 10.00 -43.85 -6.72
N MET B 211 10.43 -44.78 -5.88
CA MET B 211 11.36 -44.47 -4.81
C MET B 211 12.59 -43.75 -5.36
N SER B 212 13.23 -44.30 -6.40
CA SER B 212 14.48 -43.71 -6.88
C SER B 212 14.23 -42.38 -7.56
N ARG B 213 13.11 -42.23 -8.26
CA ARG B 213 12.81 -40.95 -8.89
C ARG B 213 12.57 -39.87 -7.84
N ALA B 214 11.91 -40.23 -6.73
CA ALA B 214 11.68 -39.25 -5.67
C ALA B 214 12.98 -38.78 -5.05
N ILE B 215 13.90 -39.71 -4.81
CA ILE B 215 15.21 -39.34 -4.28
C ILE B 215 15.91 -38.37 -5.23
N LYS B 216 15.88 -38.67 -6.54
CA LYS B 216 16.48 -37.76 -7.50
C LYS B 216 15.73 -36.41 -7.54
N LEU B 217 14.41 -36.47 -7.54
CA LEU B 217 13.63 -35.24 -7.68
C LEU B 217 13.94 -34.24 -6.57
N TYR B 218 14.04 -34.71 -5.33
CA TYR B 218 14.20 -33.86 -4.17
C TYR B 218 15.65 -33.63 -3.78
N ARG B 219 16.60 -34.17 -4.54
N ARG B 219 16.60 -34.18 -4.54
CA ARG B 219 18.02 -33.94 -4.28
CA ARG B 219 18.01 -33.93 -4.29
C ARG B 219 18.33 -32.46 -4.42
C ARG B 219 18.32 -32.44 -4.42
N VAL B 220 19.10 -31.93 -3.48
CA VAL B 220 19.52 -30.52 -3.48
C VAL B 220 21.02 -30.40 -3.69
N GLU B 221 21.43 -29.43 -4.51
CA GLU B 221 22.84 -29.16 -4.71
C GLU B 221 23.38 -28.41 -3.51
N ASP B 222 24.55 -28.83 -3.03
CA ASP B 222 25.13 -28.26 -1.81
C ASP B 222 25.94 -26.99 -2.08
N THR B 223 25.39 -26.08 -2.86
CA THR B 223 26.04 -24.79 -3.12
C THR B 223 25.00 -23.69 -3.04
N LEU B 224 25.29 -22.65 -2.29
CA LEU B 224 24.34 -21.57 -2.08
C LEU B 224 24.26 -20.69 -3.32
N ASN B 225 23.07 -20.14 -3.56
CA ASN B 225 22.92 -19.14 -4.61
C ASN B 225 23.45 -17.78 -4.17
N ILE B 226 23.35 -17.47 -2.88
CA ILE B 226 23.93 -16.26 -2.28
C ILE B 226 25.13 -16.73 -1.46
N LYS B 227 26.31 -16.61 -2.01
CA LYS B 227 27.41 -17.42 -1.49
C LYS B 227 27.90 -16.96 -0.12
N ASN B 228 27.66 -15.71 0.27
CA ASN B 228 28.16 -15.20 1.54
C ASN B 228 27.15 -15.25 2.68
N MET B 229 26.01 -15.93 2.49
N MET B 229 26.01 -15.94 2.49
CA MET B 229 25.04 -16.07 3.58
CA MET B 229 25.05 -16.07 3.58
C MET B 229 25.70 -16.72 4.79
C MET B 229 25.71 -16.72 4.78
N ARG B 230 25.63 -16.06 5.95
CA ARG B 230 26.27 -16.54 7.16
C ARG B 230 25.34 -16.37 8.35
N LEU B 231 25.64 -17.11 9.42
CA LEU B 231 24.86 -16.99 10.65
C LEU B 231 24.88 -15.57 11.18
N MET B 232 23.72 -15.11 11.64
CA MET B 232 23.58 -13.77 12.19
C MET B 232 24.35 -13.63 13.50
N LYS B 233 24.97 -12.47 13.66
N LYS B 233 24.98 -12.47 13.66
CA LYS B 233 25.74 -12.13 14.85
CA LYS B 233 25.74 -12.14 14.85
C LYS B 233 25.09 -10.93 15.52
C LYS B 233 25.07 -10.94 15.53
N LYS B 234 25.55 -10.62 16.73
CA LYS B 234 24.97 -9.53 17.49
C LYS B 234 25.10 -8.20 16.74
N LYS B 235 26.26 -7.96 16.10
CA LYS B 235 26.47 -6.73 15.35
C LYS B 235 25.50 -6.55 14.19
N ASP B 236 24.75 -7.58 13.80
CA ASP B 236 23.83 -7.49 12.68
C ASP B 236 22.43 -6.99 13.06
N VAL B 237 22.18 -6.74 14.35
CA VAL B 237 20.82 -6.51 14.84
C VAL B 237 20.19 -5.30 14.16
N GLU B 238 20.92 -4.18 14.14
CA GLU B 238 20.36 -2.96 13.55
C GLU B 238 20.10 -3.13 12.05
N GLY B 239 21.00 -3.78 11.33
CA GLY B 239 20.75 -4.03 9.91
C GLY B 239 19.53 -4.89 9.65
N VAL B 240 19.31 -5.92 10.48
CA VAL B 240 18.12 -6.75 10.32
C VAL B 240 16.85 -6.00 10.73
N HIS B 241 16.93 -5.20 11.79
CA HIS B 241 15.80 -4.37 12.16
C HIS B 241 15.33 -3.50 10.99
N LYS B 242 16.26 -2.91 10.26
CA LYS B 242 15.91 -2.01 9.17
C LYS B 242 15.37 -2.79 7.97
N LEU B 243 16.02 -3.90 7.62
CA LEU B 243 15.56 -4.68 6.47
C LEU B 243 14.16 -5.23 6.70
N LEU B 244 13.97 -5.92 7.81
CA LEU B 244 12.68 -6.56 8.07
C LEU B 244 11.58 -5.53 8.31
N GLY B 245 11.88 -4.48 9.08
CA GLY B 245 10.86 -3.47 9.35
C GLY B 245 10.34 -2.81 8.09
N SER B 246 11.24 -2.51 7.14
N SER B 246 11.23 -2.51 7.14
CA SER B 246 10.79 -1.94 5.87
CA SER B 246 10.80 -1.94 5.87
C SER B 246 10.00 -2.95 5.06
C SER B 246 10.00 -2.94 5.05
N TYR B 247 10.40 -4.20 5.07
CA TYR B 247 9.71 -5.22 4.29
C TYR B 247 8.28 -5.43 4.79
N LEU B 248 8.06 -5.43 6.10
CA LEU B 248 6.78 -5.84 6.66
C LEU B 248 5.68 -4.79 6.50
N GLU B 249 6.04 -3.54 6.22
CA GLU B 249 5.05 -2.48 6.12
C GLU B 249 4.04 -2.71 5.01
N GLN B 250 4.34 -3.56 4.03
CA GLN B 250 3.41 -3.79 2.94
C GLN B 250 2.21 -4.66 3.31
N PHE B 251 2.22 -5.32 4.46
CA PHE B 251 1.20 -6.29 4.80
C PHE B 251 0.07 -5.69 5.66
N ASN B 252 -1.08 -6.37 5.63
CA ASN B 252 -2.25 -5.91 6.39
C ASN B 252 -2.18 -6.27 7.87
N LEU B 253 -1.34 -7.24 8.25
CA LEU B 253 -1.20 -7.68 9.63
C LEU B 253 0.27 -8.04 9.86
N TYR B 254 0.92 -7.34 10.79
CA TYR B 254 2.31 -7.68 11.12
C TYR B 254 2.68 -7.15 12.50
N ALA B 255 3.80 -7.65 13.03
CA ALA B 255 4.33 -7.16 14.30
C ALA B 255 5.30 -6.01 14.06
N VAL B 256 5.24 -5.00 14.92
CA VAL B 256 6.19 -3.91 14.92
C VAL B 256 7.30 -4.23 15.93
N PHE B 257 8.53 -4.41 15.44
CA PHE B 257 9.64 -4.88 16.27
C PHE B 257 10.46 -3.72 16.80
N THR B 258 10.84 -3.80 18.07
CA THR B 258 11.93 -2.97 18.59
C THR B 258 13.27 -3.69 18.37
N LYS B 259 14.36 -2.94 18.56
CA LYS B 259 15.69 -3.52 18.46
C LYS B 259 15.85 -4.70 19.43
N GLU B 260 15.44 -4.53 20.68
CA GLU B 260 15.53 -5.61 21.67
C GLU B 260 14.74 -6.83 21.22
N GLU B 261 13.57 -6.64 20.61
CA GLU B 261 12.79 -7.78 20.16
C GLU B 261 13.46 -8.48 18.97
N ILE B 262 14.10 -7.73 18.08
CA ILE B 262 14.84 -8.34 16.97
C ILE B 262 15.94 -9.25 17.50
N ALA B 263 16.69 -8.77 18.48
CA ALA B 263 17.74 -9.58 19.06
C ALA B 263 17.20 -10.88 19.66
N HIS B 264 16.06 -10.80 20.37
CA HIS B 264 15.52 -12.01 21.00
C HIS B 264 15.03 -13.02 19.98
N TRP B 265 14.29 -12.56 18.97
CA TRP B 265 13.60 -13.48 18.08
C TRP B 265 14.48 -14.02 16.95
N PHE B 266 15.62 -13.41 16.67
CA PHE B 266 16.41 -13.86 15.52
C PHE B 266 17.83 -14.34 15.82
N LEU B 267 18.46 -13.93 16.92
CA LEU B 267 19.84 -14.38 17.18
C LEU B 267 19.85 -15.89 17.40
N PRO B 268 20.74 -16.64 16.75
CA PRO B 268 20.56 -18.10 16.67
C PRO B 268 20.79 -18.83 17.98
N ILE B 269 20.01 -19.88 18.16
CA ILE B 269 20.10 -20.82 19.27
C ILE B 269 19.98 -22.23 18.68
N GLU B 270 21.03 -23.04 18.86
CA GLU B 270 21.05 -24.38 18.29
C GLU B 270 19.81 -25.18 18.68
N ASN B 271 19.21 -25.86 17.69
CA ASN B 271 18.00 -26.65 17.85
C ASN B 271 16.79 -25.82 18.26
N VAL B 272 16.76 -24.52 17.94
CA VAL B 272 15.64 -23.66 18.28
C VAL B 272 15.34 -22.68 17.16
N ILE B 273 16.25 -21.73 16.91
CA ILE B 273 16.06 -20.68 15.92
C ILE B 273 17.36 -20.48 15.14
N TYR B 274 17.24 -20.38 13.82
CA TYR B 274 18.37 -20.25 12.91
C TYR B 274 18.11 -19.04 12.02
N THR B 275 19.09 -18.15 11.94
CA THR B 275 18.99 -16.93 11.13
C THR B 275 20.30 -16.71 10.41
N TYR B 276 20.21 -16.51 9.10
CA TYR B 276 21.34 -16.25 8.22
C TYR B 276 21.15 -14.91 7.52
N VAL B 277 22.26 -14.19 7.32
CA VAL B 277 22.23 -12.89 6.68
C VAL B 277 23.27 -12.83 5.56
N ASN B 278 23.04 -11.90 4.63
CA ASN B 278 24.02 -11.56 3.58
C ASN B 278 24.37 -10.08 3.73
N GLU B 279 25.63 -9.80 4.05
CA GLU B 279 26.11 -8.45 4.27
C GLU B 279 26.95 -8.02 3.07
N GLU B 280 26.61 -6.87 2.50
CA GLU B 280 27.33 -6.31 1.35
C GLU B 280 27.60 -4.84 1.60
N ASN B 281 28.88 -4.46 1.48
N ASN B 281 28.87 -4.45 1.49
CA ASN B 281 29.30 -3.07 1.70
CA ASN B 281 29.27 -3.05 1.68
C ASN B 281 28.72 -2.52 3.00
C ASN B 281 28.73 -2.50 3.01
N GLY B 282 28.80 -3.31 4.06
CA GLY B 282 28.35 -2.89 5.36
C GLY B 282 26.85 -2.81 5.55
N LYS B 283 26.07 -3.43 4.66
N LYS B 283 26.08 -3.45 4.68
CA LYS B 283 24.61 -3.41 4.80
CA LYS B 283 24.62 -3.41 4.74
C LYS B 283 24.07 -4.83 4.73
C LYS B 283 24.07 -4.84 4.71
N ILE B 284 23.06 -5.09 5.53
CA ILE B 284 22.35 -6.37 5.48
C ILE B 284 21.30 -6.28 4.39
N LYS B 285 21.44 -7.08 3.33
CA LYS B 285 20.57 -7.00 2.16
C LYS B 285 19.66 -8.21 1.95
N ASP B 286 19.90 -9.32 2.65
CA ASP B 286 19.09 -10.51 2.55
C ASP B 286 19.13 -11.22 3.90
N MET B 287 18.02 -11.89 4.23
CA MET B 287 17.98 -12.69 5.45
C MET B 287 17.09 -13.92 5.24
N ILE B 288 17.43 -14.97 5.98
CA ILE B 288 16.73 -16.26 6.01
C ILE B 288 16.59 -16.66 7.47
N SER B 289 15.41 -17.16 7.85
CA SER B 289 15.26 -17.69 9.20
C SER B 289 14.21 -18.80 9.24
N PHE B 290 14.44 -19.77 10.14
CA PHE B 290 13.54 -20.90 10.33
C PHE B 290 13.75 -21.44 11.73
N TYR B 291 12.68 -22.03 12.31
CA TYR B 291 12.76 -22.56 13.67
C TYR B 291 12.50 -24.07 13.67
N SER B 292 12.95 -24.72 14.73
CA SER B 292 12.93 -26.17 14.87
C SER B 292 11.75 -26.59 15.74
N LEU B 293 10.88 -27.42 15.19
CA LEU B 293 9.77 -28.01 15.94
C LEU B 293 9.60 -29.46 15.53
N PRO B 294 10.09 -30.41 16.32
CA PRO B 294 9.89 -31.82 16.00
C PRO B 294 8.46 -32.26 16.29
N SER B 295 8.05 -33.33 15.60
CA SER B 295 6.78 -34.00 15.87
C SER B 295 7.04 -35.45 16.27
N GLN B 296 6.41 -35.86 17.38
CA GLN B 296 6.44 -37.24 17.79
C GLN B 296 5.61 -38.05 16.79
N ILE B 297 6.15 -39.19 16.37
CA ILE B 297 5.45 -40.10 15.49
C ILE B 297 4.71 -41.12 16.36
N LEU B 298 3.38 -41.04 16.35
CA LEU B 298 2.58 -41.95 17.15
C LEU B 298 2.40 -43.27 16.40
N GLY B 299 2.27 -44.35 17.15
CA GLY B 299 2.01 -45.65 16.56
C GLY B 299 3.17 -46.63 16.53
N ASN B 300 4.20 -46.40 17.34
CA ASN B 300 5.31 -47.35 17.49
C ASN B 300 5.92 -47.71 16.14
N ASP B 301 6.38 -46.69 15.43
CA ASP B 301 7.08 -46.87 14.17
C ASP B 301 8.58 -47.03 14.43
N LYS B 302 9.30 -47.52 13.42
CA LYS B 302 10.76 -47.57 13.51
C LYS B 302 11.33 -46.24 13.99
N TYR B 303 10.74 -45.12 13.55
CA TYR B 303 11.17 -43.80 13.95
C TYR B 303 10.24 -43.26 15.04
N SER B 304 10.80 -42.47 15.95
CA SER B 304 10.04 -41.83 17.00
C SER B 304 9.79 -40.35 16.79
N THR B 305 10.61 -39.67 15.98
CA THR B 305 10.53 -38.21 15.81
CA THR B 305 10.48 -38.23 15.80
C THR B 305 10.75 -37.83 14.36
N LEU B 306 10.01 -36.84 13.90
CA LEU B 306 10.22 -36.21 12.59
C LEU B 306 10.73 -34.79 12.86
N ASN B 307 12.00 -34.52 12.49
CA ASN B 307 12.65 -33.24 12.77
C ASN B 307 12.41 -32.25 11.65
N ALA B 308 11.61 -31.22 11.92
CA ALA B 308 11.14 -30.30 10.89
C ALA B 308 11.62 -28.89 11.18
N ALA B 309 11.96 -28.19 10.12
CA ALA B 309 12.20 -26.75 10.16
C ALA B 309 10.97 -26.03 9.65
N TYR B 310 10.65 -24.87 10.23
CA TYR B 310 9.50 -24.05 9.89
C TYR B 310 9.98 -22.69 9.40
N SER B 311 9.56 -22.32 8.20
CA SER B 311 9.86 -20.99 7.66
C SER B 311 9.39 -19.91 8.60
N PHE B 312 10.24 -18.92 8.87
CA PHE B 312 9.92 -17.86 9.82
C PHE B 312 9.81 -16.58 9.03
N TYR B 313 10.88 -15.76 8.91
CA TYR B 313 10.86 -14.53 8.10
C TYR B 313 12.02 -14.55 7.11
N ASN B 314 11.71 -14.33 5.83
CA ASN B 314 12.70 -14.33 4.76
C ASN B 314 12.56 -13.08 3.90
N VAL B 315 13.66 -12.38 3.65
CA VAL B 315 13.67 -11.14 2.88
C VAL B 315 14.89 -11.12 1.94
N THR B 316 14.66 -10.76 0.67
CA THR B 316 15.76 -10.62 -0.28
C THR B 316 15.64 -9.32 -1.06
N THR B 317 16.79 -8.69 -1.30
CA THR B 317 16.89 -7.56 -2.21
C THR B 317 17.92 -7.75 -3.32
N THR B 318 18.80 -8.74 -3.20
CA THR B 318 19.81 -8.96 -4.24
C THR B 318 19.50 -10.13 -5.16
N ALA B 319 18.61 -11.03 -4.77
CA ALA B 319 18.26 -12.19 -5.56
C ALA B 319 16.75 -12.29 -5.72
N THR B 320 16.29 -13.27 -6.50
CA THR B 320 14.87 -13.53 -6.58
C THR B 320 14.43 -14.32 -5.33
N PHE B 321 13.14 -14.20 -5.01
CA PHE B 321 12.64 -14.93 -3.85
C PHE B 321 12.81 -16.43 -4.04
N LYS B 322 12.72 -16.92 -5.30
CA LYS B 322 12.91 -18.35 -5.53
C LYS B 322 14.34 -18.77 -5.19
N GLN B 323 15.32 -17.96 -5.58
CA GLN B 323 16.71 -18.28 -5.24
C GLN B 323 16.94 -18.21 -3.73
N LEU B 324 16.32 -17.24 -3.05
CA LEU B 324 16.49 -17.13 -1.60
C LEU B 324 15.94 -18.35 -0.87
N MET B 325 14.73 -18.79 -1.26
CA MET B 325 14.13 -19.93 -0.56
C MET B 325 14.81 -21.23 -0.93
N GLN B 326 15.37 -21.33 -2.14
CA GLN B 326 16.21 -22.48 -2.46
C GLN B 326 17.38 -22.57 -1.49
N ASP B 327 17.97 -21.44 -1.15
CA ASP B 327 19.05 -21.46 -0.16
C ASP B 327 18.54 -21.79 1.24
N ALA B 328 17.32 -21.39 1.57
CA ALA B 328 16.79 -21.70 2.90
C ALA B 328 16.60 -23.21 3.07
N ILE B 329 16.17 -23.89 1.98
CA ILE B 329 16.02 -25.33 2.05
C ILE B 329 17.39 -26.00 2.23
N LEU B 330 18.40 -25.50 1.52
CA LEU B 330 19.75 -26.08 1.63
C LEU B 330 20.27 -25.91 3.04
N LEU B 331 20.04 -24.72 3.63
CA LEU B 331 20.55 -24.48 4.98
C LEU B 331 19.85 -25.36 6.01
N ALA B 332 18.56 -25.65 5.79
CA ALA B 332 17.87 -26.60 6.65
C ALA B 332 18.43 -28.01 6.49
N LYS B 333 18.72 -28.40 5.26
CA LYS B 333 19.33 -29.72 5.05
C LYS B 333 20.71 -29.80 5.72
N ARG B 334 21.49 -28.73 5.63
CA ARG B 334 22.82 -28.75 6.22
C ARG B 334 22.74 -28.96 7.72
N ASN B 335 21.67 -28.50 8.36
CA ASN B 335 21.46 -28.66 9.78
C ASN B 335 20.65 -29.90 10.14
N ASN B 336 20.50 -30.84 9.19
CA ASN B 336 20.02 -32.20 9.46
C ASN B 336 18.52 -32.27 9.72
N PHE B 337 17.74 -31.36 9.14
CA PHE B 337 16.29 -31.40 9.23
C PHE B 337 15.73 -32.32 8.15
N ASP B 338 14.60 -32.97 8.48
CA ASP B 338 13.98 -33.95 7.60
C ASP B 338 13.01 -33.35 6.58
N VAL B 339 12.49 -32.15 6.83
CA VAL B 339 11.44 -31.57 6.02
C VAL B 339 11.42 -30.08 6.34
N PHE B 340 10.97 -29.27 5.37
CA PHE B 340 10.86 -27.82 5.49
C PHE B 340 9.40 -27.47 5.30
N ASN B 341 8.77 -26.91 6.33
CA ASN B 341 7.34 -26.57 6.32
C ASN B 341 7.14 -25.06 6.20
N ALA B 342 6.03 -24.67 5.55
CA ALA B 342 5.75 -23.25 5.37
C ALA B 342 4.24 -23.04 5.21
N LEU B 343 3.79 -21.83 5.58
CA LEU B 343 2.43 -21.39 5.37
C LEU B 343 2.35 -20.51 4.13
N GLU B 344 1.16 -20.47 3.52
CA GLU B 344 0.97 -19.60 2.35
C GLU B 344 0.76 -18.14 2.75
N VAL B 345 1.63 -17.61 3.61
CA VAL B 345 1.59 -16.23 4.02
C VAL B 345 2.74 -15.49 3.33
N MET B 346 2.70 -14.16 3.44
CA MET B 346 3.66 -13.27 2.73
C MET B 346 3.76 -13.69 1.26
N GLN B 347 4.95 -13.82 0.68
CA GLN B 347 5.08 -14.23 -0.71
C GLN B 347 5.35 -15.73 -0.85
N ASN B 348 5.16 -16.52 0.24
CA ASN B 348 5.63 -17.90 0.22
C ASN B 348 5.00 -18.72 -0.90
N LYS B 349 3.73 -18.46 -1.20
N LYS B 349 3.74 -18.45 -1.20
CA LYS B 349 3.06 -19.32 -2.16
CA LYS B 349 3.03 -19.28 -2.17
C LYS B 349 3.66 -19.22 -3.56
C LYS B 349 3.65 -19.21 -3.56
N SER B 350 4.36 -18.12 -3.87
CA SER B 350 4.90 -17.95 -5.20
C SER B 350 6.07 -18.89 -5.52
N VAL B 351 6.64 -19.56 -4.53
CA VAL B 351 7.76 -20.48 -4.77
C VAL B 351 7.38 -21.95 -4.59
N PHE B 352 6.15 -22.26 -4.16
CA PHE B 352 5.85 -23.63 -3.73
C PHE B 352 5.93 -24.60 -4.91
N GLU B 353 5.33 -24.25 -6.03
CA GLU B 353 5.33 -25.13 -7.18
C GLU B 353 6.74 -25.40 -7.69
N ASP B 354 7.51 -24.33 -7.93
CA ASP B 354 8.81 -24.51 -8.56
C ASP B 354 9.81 -25.22 -7.65
N LEU B 355 9.67 -25.06 -6.33
CA LEU B 355 10.61 -25.68 -5.40
C LEU B 355 10.11 -27.02 -4.86
N LYS B 356 9.03 -27.56 -5.44
CA LYS B 356 8.58 -28.93 -5.20
C LYS B 356 7.98 -29.11 -3.81
N PHE B 357 7.26 -28.09 -3.35
CA PHE B 357 6.45 -28.23 -2.15
C PHE B 357 5.18 -29.01 -2.45
N GLY B 358 4.70 -29.75 -1.44
CA GLY B 358 3.42 -30.44 -1.50
C GLY B 358 2.41 -29.79 -0.57
N GLU B 359 1.14 -29.78 -0.98
CA GLU B 359 0.10 -29.18 -0.17
C GLU B 359 -0.24 -30.07 1.01
N GLY B 360 -0.42 -29.47 2.19
CA GLY B 360 -0.74 -30.21 3.37
C GLY B 360 -2.24 -30.47 3.54
N ASP B 361 -2.58 -31.06 4.67
CA ASP B 361 -3.92 -31.59 4.91
C ASP B 361 -4.90 -30.58 5.50
N GLY B 362 -4.41 -29.48 6.05
CA GLY B 362 -5.30 -28.52 6.70
C GLY B 362 -4.84 -27.10 6.52
N SER B 363 -5.27 -26.21 7.43
CA SER B 363 -4.86 -24.81 7.35
C SER B 363 -4.85 -24.21 8.75
N LEU B 364 -4.16 -23.08 8.89
CA LEU B 364 -4.04 -22.36 10.14
C LEU B 364 -4.83 -21.06 10.02
N LYS B 365 -5.80 -20.87 10.94
CA LYS B 365 -6.60 -19.66 10.98
C LYS B 365 -5.98 -18.61 11.87
N TYR B 366 -6.04 -17.36 11.44
CA TYR B 366 -5.58 -16.20 12.21
C TYR B 366 -6.78 -15.47 12.81
N TYR B 367 -6.68 -15.13 14.10
CA TYR B 367 -7.79 -14.51 14.83
C TYR B 367 -7.36 -13.27 15.60
N LEU B 368 -8.28 -12.33 15.76
CA LEU B 368 -8.15 -11.19 16.67
C LEU B 368 -9.29 -11.20 17.68
N TYR B 369 -8.99 -10.79 18.91
CA TYR B 369 -9.96 -10.69 19.99
C TYR B 369 -10.29 -9.21 20.20
N ASN B 370 -11.58 -8.90 20.24
CA ASN B 370 -12.09 -7.56 20.46
C ASN B 370 -11.62 -6.58 19.38
N TRP B 371 -11.71 -7.01 18.13
CA TRP B 371 -11.39 -6.15 17.00
C TRP B 371 -12.23 -6.58 15.79
N LYS B 372 -12.89 -5.61 15.17
CA LYS B 372 -13.63 -5.87 13.94
C LYS B 372 -12.94 -5.15 12.77
N CYS B 373 -12.82 -5.86 11.66
CA CYS B 373 -12.16 -5.34 10.46
C CYS B 373 -12.47 -6.30 9.30
N ALA B 374 -12.17 -5.84 8.11
CA ALA B 374 -12.32 -6.67 6.94
C ALA B 374 -11.26 -7.77 6.95
N SER B 375 -11.66 -8.95 6.48
CA SER B 375 -10.73 -10.07 6.36
C SER B 375 -9.93 -9.93 5.07
N PHE B 376 -8.97 -10.83 4.87
CA PHE B 376 -8.08 -10.72 3.73
C PHE B 376 -7.39 -12.05 3.50
N ALA B 377 -6.92 -12.20 2.27
CA ALA B 377 -6.22 -13.41 1.89
C ALA B 377 -4.87 -13.52 2.58
N PRO B 378 -4.41 -14.75 2.82
CA PRO B 378 -3.17 -14.93 3.59
C PRO B 378 -1.92 -14.30 2.98
N ALA B 379 -1.88 -14.01 1.67
CA ALA B 379 -0.73 -13.34 1.12
C ALA B 379 -0.54 -11.96 1.73
N HIS B 380 -1.59 -11.39 2.33
CA HIS B 380 -1.48 -10.11 3.04
C HIS B 380 -1.16 -10.28 4.51
N VAL B 381 -0.96 -11.51 4.97
CA VAL B 381 -0.54 -11.77 6.36
C VAL B 381 0.97 -11.68 6.44
N GLY B 382 1.47 -10.89 7.38
CA GLY B 382 2.90 -10.72 7.53
C GLY B 382 3.39 -11.02 8.94
N ILE B 383 2.80 -12.03 9.59
CA ILE B 383 3.25 -12.45 10.93
C ILE B 383 3.16 -13.97 11.05
N VAL B 384 4.14 -14.57 11.72
CA VAL B 384 4.18 -16.01 11.94
C VAL B 384 4.20 -16.25 13.45
N LEU B 385 3.22 -16.98 13.96
CA LEU B 385 3.15 -17.32 15.38
C LEU B 385 3.74 -18.71 15.62
N LEU B 386 4.43 -18.85 16.75
CA LEU B 386 5.19 -20.07 17.01
C LEU B 386 4.32 -21.29 17.32
N PRO C 2 6.87 31.27 -14.90
CA PRO C 2 6.63 30.15 -15.83
C PRO C 2 7.91 29.42 -16.24
N ASP C 3 9.05 30.11 -16.13
CA ASP C 3 10.33 29.46 -16.41
C ASP C 3 10.81 28.67 -15.19
N TYR C 4 10.73 29.27 -14.01
CA TYR C 4 11.17 28.62 -12.77
C TYR C 4 12.64 28.19 -12.85
N LYS C 5 13.50 29.14 -13.23
CA LYS C 5 14.92 28.82 -13.39
C LYS C 5 15.56 28.37 -12.08
N PHE C 6 15.06 28.84 -10.94
CA PHE C 6 15.62 28.39 -9.68
C PHE C 6 14.91 27.13 -9.18
N TRP C 7 13.57 27.15 -9.10
CA TRP C 7 12.86 26.04 -8.47
C TRP C 7 13.06 24.74 -9.23
N TYR C 8 13.22 24.78 -10.54
N TYR C 8 13.23 24.81 -10.55
CA TYR C 8 13.40 23.52 -11.26
CA TYR C 8 13.50 23.65 -11.39
C TYR C 8 14.79 22.92 -11.06
C TYR C 8 14.73 22.89 -10.95
N THR C 9 15.64 23.53 -10.22
CA THR C 9 16.89 22.91 -9.80
C THR C 9 16.75 22.27 -8.42
N GLN C 10 15.61 22.44 -7.77
CA GLN C 10 15.36 21.97 -6.42
C GLN C 10 14.59 20.67 -6.43
N PRO C 11 14.69 19.88 -5.34
CA PRO C 11 13.85 18.66 -5.22
C PRO C 11 12.40 18.98 -4.86
N VAL C 12 11.67 19.48 -5.86
CA VAL C 12 10.23 19.74 -5.76
C VAL C 12 9.58 19.29 -7.07
N PRO C 13 8.25 19.14 -7.05
CA PRO C 13 7.56 18.70 -8.27
C PRO C 13 7.54 19.78 -9.32
N LYS C 14 7.49 19.35 -10.58
CA LYS C 14 7.27 20.28 -11.68
C LYS C 14 5.78 20.64 -11.75
N ILE C 15 5.49 21.72 -12.48
CA ILE C 15 4.14 22.26 -12.48
C ILE C 15 3.14 21.25 -13.01
N ASN C 16 3.56 20.35 -13.90
CA ASN C 16 2.66 19.35 -14.48
C ASN C 16 2.79 17.99 -13.80
N ASP C 17 3.50 17.90 -12.68
CA ASP C 17 3.65 16.64 -11.97
C ASP C 17 2.39 16.32 -11.17
N GLU C 18 1.91 15.08 -11.30
CA GLU C 18 0.80 14.56 -10.48
C GLU C 18 1.17 13.16 -10.03
N PHE C 19 1.35 12.95 -8.73
CA PHE C 19 1.75 11.66 -8.18
C PHE C 19 0.56 10.92 -7.59
N ASN C 20 0.57 9.61 -7.70
N ASN C 20 0.62 9.60 -7.68
CA ASN C 20 -0.60 8.87 -7.25
CA ASN C 20 -0.46 8.72 -7.26
C ASN C 20 -0.46 8.46 -5.78
C ASN C 20 -0.45 8.51 -5.76
N GLU C 21 -1.55 7.94 -5.24
CA GLU C 21 -1.71 7.81 -3.79
C GLU C 21 -0.67 6.87 -3.17
N SER C 22 -0.17 5.93 -3.93
CA SER C 22 0.77 4.95 -3.39
C SER C 22 2.18 5.51 -3.22
N VAL C 23 2.44 6.74 -3.64
CA VAL C 23 3.75 7.37 -3.51
C VAL C 23 3.73 8.29 -2.31
N ASN C 24 4.75 8.14 -1.44
CA ASN C 24 4.89 8.96 -0.25
C ASN C 24 6.31 8.85 0.26
N GLU C 25 7.24 9.63 -0.31
CA GLU C 25 8.65 9.48 -0.03
C GLU C 25 9.49 10.63 -0.59
N PRO C 26 10.75 10.74 -0.21
CA PRO C 26 11.56 11.86 -0.68
C PRO C 26 11.83 11.78 -2.16
N PHE C 27 12.15 12.93 -2.75
CA PHE C 27 12.77 12.97 -4.07
C PHE C 27 14.21 12.44 -4.02
N ILE C 28 14.96 12.85 -2.99
CA ILE C 28 16.36 12.45 -2.81
C ILE C 28 16.48 11.85 -1.42
N SER C 29 16.93 10.60 -1.35
CA SER C 29 17.09 9.88 -0.10
CA SER C 29 17.09 9.89 -0.10
C SER C 29 18.55 9.52 0.10
N ASP C 30 18.86 9.03 1.30
CA ASP C 30 20.23 8.63 1.64
C ASP C 30 21.19 9.82 1.58
N ASN C 31 20.73 10.98 2.04
CA ASN C 31 21.59 12.15 2.16
C ASN C 31 22.51 11.98 3.36
N LYS C 32 23.70 12.56 3.24
CA LYS C 32 24.74 12.43 4.26
C LYS C 32 25.12 13.80 4.79
N VAL C 33 25.04 13.97 6.11
CA VAL C 33 25.48 15.22 6.70
C VAL C 33 26.93 15.50 6.32
N GLU C 34 27.75 14.46 6.18
CA GLU C 34 29.18 14.67 5.97
C GLU C 34 29.48 15.41 4.67
N ASP C 35 28.59 15.33 3.68
CA ASP C 35 28.83 15.94 2.37
C ASP C 35 28.19 17.31 2.22
N VAL C 36 27.42 17.79 3.20
CA VAL C 36 26.79 19.11 3.13
C VAL C 36 27.85 20.21 3.08
N ARG C 37 27.62 21.22 2.24
CA ARG C 37 28.53 22.35 2.17
C ARG C 37 28.68 22.97 3.55
N LYS C 38 29.93 23.22 3.96
CA LYS C 38 30.22 23.84 5.24
C LYS C 38 30.43 25.34 5.13
N ASP C 39 30.74 25.85 3.96
CA ASP C 39 30.93 27.28 3.74
C ASP C 39 29.59 27.97 3.49
N GLU C 40 29.49 29.20 3.97
CA GLU C 40 28.30 30.01 3.71
C GLU C 40 28.25 30.45 2.25
N TYR C 41 27.03 30.57 1.72
CA TYR C 41 26.84 31.01 0.35
C TYR C 41 27.34 32.45 0.20
N LYS C 42 27.81 32.77 -1.00
N LYS C 42 27.82 32.76 -1.00
CA LYS C 42 28.39 34.06 -1.29
CA LYS C 42 28.40 34.07 -1.26
C LYS C 42 27.32 35.11 -1.53
C LYS C 42 27.32 35.11 -1.52
N LEU C 43 27.59 36.33 -1.08
CA LEU C 43 26.71 37.48 -1.24
C LEU C 43 27.41 38.57 -2.04
N PRO C 44 26.66 39.46 -2.67
N PRO C 44 26.67 39.47 -2.67
CA PRO C 44 27.27 40.58 -3.42
CA PRO C 44 27.30 40.55 -3.44
C PRO C 44 28.16 41.42 -2.52
C PRO C 44 28.10 41.48 -2.54
N PRO C 45 29.09 42.18 -3.10
CA PRO C 45 29.89 43.10 -2.28
C PRO C 45 29.02 44.13 -1.56
N GLY C 46 29.33 44.34 -0.27
CA GLY C 46 28.58 45.26 0.55
C GLY C 46 27.52 44.65 1.45
N TYR C 47 27.30 43.34 1.37
CA TYR C 47 26.29 42.64 2.16
C TYR C 47 26.92 41.49 2.93
N SER C 48 26.37 41.18 4.11
CA SER C 48 26.92 40.13 4.95
CA SER C 48 26.92 40.14 4.97
C SER C 48 25.81 39.36 5.66
N TRP C 49 26.06 38.09 5.93
CA TRP C 49 25.13 37.28 6.72
C TRP C 49 25.14 37.71 8.18
N TYR C 50 24.00 37.54 8.84
CA TYR C 50 23.84 37.93 10.24
C TYR C 50 22.93 36.92 10.93
N VAL C 51 23.42 36.28 11.97
CA VAL C 51 22.62 35.37 12.79
C VAL C 51 21.90 36.17 13.86
N CYS C 52 20.57 36.10 13.84
CA CYS C 52 19.75 36.91 14.72
C CYS C 52 19.43 36.19 16.03
N ASP C 53 19.52 36.92 17.15
CA ASP C 53 19.12 36.44 18.47
C ASP C 53 17.80 37.10 18.83
N VAL C 54 16.68 36.39 18.57
CA VAL C 54 15.35 36.99 18.74
C VAL C 54 15.06 37.36 20.19
N LYS C 55 15.76 36.77 21.16
CA LYS C 55 15.57 37.15 22.56
C LYS C 55 16.28 38.44 22.94
N ASP C 56 17.22 38.91 22.13
CA ASP C 56 17.83 40.21 22.33
C ASP C 56 16.92 41.30 21.78
N GLU C 57 16.68 42.33 22.58
CA GLU C 57 15.74 43.38 22.17
C GLU C 57 16.17 44.05 20.87
N LYS C 58 17.47 44.38 20.75
CA LYS C 58 17.95 45.06 19.56
C LYS C 58 17.71 44.23 18.29
N ASP C 59 18.14 42.96 18.30
CA ASP C 59 17.96 42.12 17.11
C ASP C 59 16.46 41.97 16.78
N ARG C 60 15.66 41.69 17.80
CA ARG C 60 14.23 41.52 17.58
C ARG C 60 13.62 42.77 16.95
N SER C 61 14.02 43.95 17.44
CA SER C 61 13.50 45.19 16.87
CA SER C 61 13.49 45.19 16.87
C SER C 61 13.86 45.33 15.39
N GLU C 62 15.05 44.87 15.01
CA GLU C 62 15.48 44.98 13.63
C GLU C 62 14.64 44.11 12.72
N ILE C 63 14.37 42.87 13.15
CA ILE C 63 13.48 42.00 12.38
C ILE C 63 12.11 42.65 12.28
N TYR C 64 11.62 43.21 13.40
CA TYR C 64 10.30 43.83 13.41
C TYR C 64 10.22 44.97 12.41
N THR C 65 11.25 45.82 12.34
N THR C 65 11.24 45.83 12.35
CA THR C 65 11.18 46.99 11.47
CA THR C 65 11.16 46.99 11.47
C THR C 65 11.26 46.59 10.01
C THR C 65 11.25 46.58 10.01
N LEU C 66 12.05 45.57 9.69
CA LEU C 66 12.11 45.06 8.32
C LEU C 66 10.74 44.56 7.88
N LEU C 67 10.10 43.70 8.72
CA LEU C 67 8.81 43.12 8.33
C LEU C 67 7.72 44.19 8.29
N THR C 68 7.69 45.10 9.27
CA THR C 68 6.65 46.12 9.29
C THR C 68 6.61 46.95 8.00
N ASP C 69 7.77 47.21 7.41
CA ASP C 69 7.87 48.04 6.21
C ASP C 69 7.84 47.29 4.89
N ASN C 70 8.14 46.00 4.87
CA ASN C 70 8.41 45.27 3.63
C ASN C 70 7.75 43.91 3.51
N TYR C 71 6.94 43.46 4.47
CA TYR C 71 6.41 42.10 4.41
C TYR C 71 5.12 42.04 3.58
N VAL C 72 4.31 40.99 3.79
CA VAL C 72 3.23 40.66 2.85
C VAL C 72 2.14 41.72 2.84
N GLU C 73 1.65 42.05 1.63
CA GLU C 73 0.53 42.96 1.42
C GLU C 73 -0.57 42.22 0.65
N ASP C 74 -1.79 42.73 0.77
CA ASP C 74 -2.88 42.15 -0.01
C ASP C 74 -2.76 42.57 -1.48
N ASP C 75 -3.55 41.89 -2.34
CA ASP C 75 -3.44 42.11 -3.79
C ASP C 75 -3.61 43.59 -4.14
N ASP C 76 -4.53 44.27 -3.48
CA ASP C 76 -4.81 45.67 -3.77
C ASP C 76 -3.86 46.61 -3.06
N ASN C 77 -2.93 46.10 -2.25
CA ASN C 77 -1.96 46.93 -1.54
C ASN C 77 -2.67 47.90 -0.59
N ILE C 78 -3.74 47.44 0.04
CA ILE C 78 -4.43 48.24 1.04
C ILE C 78 -3.94 47.93 2.45
N PHE C 79 -3.53 46.70 2.71
CA PHE C 79 -3.09 46.26 4.02
C PHE C 79 -1.69 45.66 3.92
N ARG C 80 -0.97 45.69 5.03
CA ARG C 80 0.29 44.97 5.18
C ARG C 80 0.30 44.31 6.55
N PHE C 81 0.69 43.04 6.60
CA PHE C 81 0.77 42.36 7.89
C PHE C 81 1.71 43.12 8.83
N ASN C 82 1.34 43.20 10.12
CA ASN C 82 2.12 43.88 11.14
C ASN C 82 2.29 42.96 12.35
N TYR C 83 3.04 41.88 12.16
CA TYR C 83 3.39 41.01 13.29
C TYR C 83 4.09 41.80 14.40
N SER C 84 3.60 41.69 15.63
CA SER C 84 4.20 42.43 16.73
C SER C 84 5.52 41.77 17.15
N ALA C 85 6.30 42.52 17.92
CA ALA C 85 7.59 41.99 18.37
C ALA C 85 7.39 40.84 19.36
N GLU C 86 6.39 40.95 20.24
CA GLU C 86 6.10 39.86 21.17
C GLU C 86 5.66 38.61 20.42
N PHE C 87 4.92 38.80 19.32
CA PHE C 87 4.47 37.67 18.49
C PHE C 87 5.66 36.96 17.84
N LEU C 88 6.62 37.72 17.29
CA LEU C 88 7.79 37.09 16.66
C LEU C 88 8.60 36.28 17.69
N LEU C 89 8.75 36.80 18.89
CA LEU C 89 9.40 36.03 19.94
C LEU C 89 8.72 34.68 20.15
N TRP C 90 7.40 34.69 20.34
CA TRP C 90 6.64 33.46 20.52
C TRP C 90 6.74 32.51 19.30
N ALA C 91 6.62 33.05 18.10
CA ALA C 91 6.63 32.20 16.92
C ALA C 91 8.00 31.57 16.62
N LEU C 92 9.09 32.18 17.09
CA LEU C 92 10.43 31.74 16.71
C LEU C 92 11.18 31.00 17.79
N THR C 93 10.67 30.96 19.03
CA THR C 93 11.35 30.28 20.13
C THR C 93 10.56 29.07 20.63
N SER C 94 10.00 28.30 19.72
CA SER C 94 9.28 27.08 20.11
C SER C 94 10.27 26.06 20.68
N PRO C 95 9.77 24.98 21.27
CA PRO C 95 10.66 24.01 21.93
C PRO C 95 11.76 23.50 21.02
N ASN C 96 12.99 23.54 21.54
CA ASN C 96 14.19 23.04 20.87
C ASN C 96 14.51 23.81 19.60
N TYR C 97 14.19 25.11 19.57
CA TYR C 97 14.50 25.90 18.39
C TYR C 97 16.01 26.09 18.27
N LEU C 98 16.45 26.35 17.03
CA LEU C 98 17.87 26.54 16.72
C LEU C 98 18.09 27.99 16.33
N LYS C 99 18.96 28.66 17.06
CA LYS C 99 19.28 30.05 16.75
C LYS C 99 19.88 30.18 15.35
N THR C 100 20.67 29.19 14.92
CA THR C 100 21.29 29.23 13.61
C THR C 100 20.29 29.11 12.46
N TRP C 101 19.00 28.90 12.76
CA TRP C 101 17.98 28.92 11.72
C TRP C 101 17.25 30.27 11.63
N HIS C 102 17.74 31.30 12.32
CA HIS C 102 17.17 32.65 12.26
C HIS C 102 18.22 33.53 11.60
N ILE C 103 18.09 33.75 10.29
CA ILE C 103 19.20 34.30 9.53
C ILE C 103 18.75 35.52 8.76
N GLY C 104 19.58 36.56 8.76
CA GLY C 104 19.33 37.74 7.97
C GLY C 104 20.55 38.16 7.18
N VAL C 105 20.33 39.16 6.32
CA VAL C 105 21.39 39.78 5.53
C VAL C 105 21.40 41.27 5.84
N LYS C 106 22.58 41.78 6.21
CA LYS C 106 22.75 43.19 6.52
C LYS C 106 23.45 43.92 5.37
N TYR C 107 23.03 45.16 5.14
CA TYR C 107 23.72 46.10 4.26
C TYR C 107 24.80 46.81 5.07
N ASP C 108 26.07 46.58 4.69
CA ASP C 108 27.17 47.03 5.54
C ASP C 108 27.29 48.54 5.60
N ALA C 109 26.73 49.27 4.64
CA ALA C 109 26.84 50.73 4.67
C ALA C 109 25.98 51.34 5.77
N SER C 110 24.92 50.65 6.19
CA SER C 110 24.05 51.13 7.25
C SER C 110 23.99 50.23 8.47
N ASN C 111 24.43 48.98 8.35
CA ASN C 111 24.39 48.02 9.45
C ASN C 111 22.96 47.66 9.82
N LYS C 112 22.04 47.74 8.86
N LYS C 112 22.05 47.72 8.85
CA LYS C 112 20.65 47.36 9.08
CA LYS C 112 20.65 47.37 9.06
C LYS C 112 20.28 46.16 8.22
C LYS C 112 20.29 46.15 8.22
N LEU C 113 19.30 45.40 8.70
CA LEU C 113 18.80 44.24 7.97
C LEU C 113 18.03 44.65 6.71
N ILE C 114 18.33 43.97 5.61
CA ILE C 114 17.60 44.10 4.36
C ILE C 114 17.05 42.78 3.85
N GLY C 115 17.17 41.71 4.62
CA GLY C 115 16.66 40.40 4.24
C GLY C 115 16.59 39.50 5.45
N PHE C 116 15.66 38.54 5.40
CA PHE C 116 15.42 37.64 6.53
C PHE C 116 14.76 36.36 6.04
N ILE C 117 15.08 35.25 6.72
CA ILE C 117 14.35 34.00 6.57
C ILE C 117 14.54 33.17 7.84
N SER C 118 13.53 32.38 8.21
CA SER C 118 13.62 31.63 9.46
C SER C 118 12.98 30.26 9.32
N ALA C 119 13.32 29.37 10.26
CA ALA C 119 12.70 28.06 10.36
C ALA C 119 12.69 27.59 11.82
N ILE C 120 11.74 26.73 12.14
CA ILE C 120 11.67 26.05 13.44
C ILE C 120 11.49 24.55 13.21
N PRO C 121 11.96 23.69 14.11
CA PRO C 121 11.81 22.24 13.92
C PRO C 121 10.47 21.72 14.40
N THR C 122 9.97 20.71 13.69
CA THR C 122 8.70 20.10 14.07
C THR C 122 8.57 18.70 13.47
N ASP C 123 7.75 17.86 14.12
CA ASP C 123 7.38 16.55 13.61
C ASP C 123 6.10 16.67 12.80
N ILE C 124 6.13 16.25 11.53
CA ILE C 124 5.02 16.41 10.61
C ILE C 124 4.59 15.03 10.14
N CYS C 125 3.29 14.74 10.24
CA CYS C 125 2.71 13.51 9.72
C CYS C 125 2.07 13.80 8.36
N ILE C 126 2.61 13.18 7.30
CA ILE C 126 2.08 13.32 5.95
C ILE C 126 1.65 11.94 5.46
N HIS C 127 0.37 11.79 5.12
CA HIS C 127 -0.18 10.51 4.69
C HIS C 127 0.21 9.40 5.65
N LYS C 128 0.19 9.69 6.94
CA LYS C 128 0.40 8.75 8.04
C LYS C 128 1.86 8.37 8.25
N ARG C 129 2.78 9.14 7.67
N ARG C 129 2.78 9.17 7.70
CA ARG C 129 4.20 8.97 7.90
CA ARG C 129 4.21 8.97 7.90
C ARG C 129 4.70 10.19 8.66
C ARG C 129 4.76 10.18 8.63
N THR C 130 5.32 9.96 9.82
CA THR C 130 5.79 11.06 10.66
C THR C 130 7.26 11.34 10.32
N ILE C 131 7.56 12.57 9.93
CA ILE C 131 8.89 12.98 9.47
C ILE C 131 9.32 14.24 10.23
N LYS C 132 10.58 14.28 10.67
CA LYS C 132 11.15 15.50 11.25
C LYS C 132 11.36 16.52 10.13
N MET C 133 10.77 17.70 10.28
CA MET C 133 10.83 18.72 9.25
C MET C 133 11.18 20.10 9.82
N ALA C 134 11.54 21.01 8.93
CA ALA C 134 11.70 22.42 9.23
C ALA C 134 10.48 23.17 8.69
N GLU C 135 9.92 24.05 9.53
CA GLU C 135 8.80 24.93 9.15
C GLU C 135 9.36 26.31 8.84
N VAL C 136 9.27 26.72 7.58
CA VAL C 136 9.94 27.93 7.10
C VAL C 136 8.93 29.08 7.02
N ASN C 137 9.34 30.25 7.50
CA ASN C 137 8.43 31.40 7.55
C ASN C 137 9.24 32.70 7.55
N PHE C 138 8.53 33.79 7.23
CA PHE C 138 9.06 35.16 7.32
C PHE C 138 10.18 35.44 6.32
N LEU C 139 10.14 34.83 5.14
CA LEU C 139 11.02 35.27 4.06
C LEU C 139 10.68 36.70 3.64
N CYS C 140 11.69 37.59 3.65
CA CYS C 140 11.45 39.00 3.38
C CYS C 140 12.68 39.62 2.75
N VAL C 141 12.50 40.39 1.69
CA VAL C 141 13.54 41.17 1.07
C VAL C 141 13.06 42.62 0.99
N HIS C 142 13.94 43.55 1.34
CA HIS C 142 13.63 44.97 1.34
C HIS C 142 13.12 45.41 -0.03
N LYS C 143 12.09 46.27 -0.02
CA LYS C 143 11.44 46.70 -1.27
C LYS C 143 12.43 47.26 -2.30
N THR C 144 13.48 47.95 -1.85
CA THR C 144 14.45 48.55 -2.77
C THR C 144 15.35 47.53 -3.45
N LEU C 145 15.36 46.27 -3.00
CA LEU C 145 16.22 45.24 -3.58
C LEU C 145 15.43 44.12 -4.25
N ARG C 146 14.18 44.38 -4.65
CA ARG C 146 13.35 43.32 -5.21
C ARG C 146 13.79 42.99 -6.62
N SER C 147 13.55 41.75 -7.02
CA SER C 147 13.83 41.27 -8.37
C SER C 147 15.32 41.31 -8.71
N LYS C 148 16.17 41.13 -7.70
CA LYS C 148 17.61 41.01 -7.88
C LYS C 148 18.13 39.60 -7.55
N ARG C 149 17.23 38.64 -7.38
CA ARG C 149 17.57 37.24 -7.18
C ARG C 149 18.23 37.00 -5.83
N LEU C 150 17.87 37.79 -4.81
N LEU C 150 17.86 37.80 -4.82
CA LEU C 150 18.37 37.54 -3.46
CA LEU C 150 18.36 37.55 -3.46
C LEU C 150 17.59 36.43 -2.75
C LEU C 150 17.59 36.44 -2.76
N ALA C 151 16.31 36.25 -3.10
CA ALA C 151 15.52 35.23 -2.42
C ALA C 151 16.09 33.84 -2.61
N PRO C 152 16.47 33.39 -3.81
CA PRO C 152 17.11 32.06 -3.92
C PRO C 152 18.33 31.91 -3.01
N VAL C 153 19.09 32.97 -2.77
CA VAL C 153 20.26 32.84 -1.91
C VAL C 153 19.85 32.60 -0.46
N LEU C 154 18.84 33.33 0.01
CA LEU C 154 18.30 33.07 1.33
C LEU C 154 17.78 31.64 1.44
N ILE C 155 17.08 31.15 0.42
CA ILE C 155 16.51 29.81 0.48
C ILE C 155 17.62 28.75 0.53
N LYS C 156 18.65 28.92 -0.29
CA LYS C 156 19.77 27.99 -0.33
C LYS C 156 20.56 27.97 0.99
N GLU C 157 20.80 29.14 1.58
CA GLU C 157 21.54 29.19 2.84
C GLU C 157 20.77 28.53 4.00
N ILE C 158 19.46 28.76 4.10
CA ILE C 158 18.75 28.11 5.19
C ILE C 158 18.60 26.61 4.94
N THR C 159 18.51 26.21 3.66
CA THR C 159 18.51 24.77 3.36
C THR C 159 19.79 24.13 3.88
N ARG C 160 20.93 24.76 3.61
CA ARG C 160 22.21 24.22 4.05
C ARG C 160 22.27 24.08 5.57
N ARG C 161 21.77 25.09 6.30
CA ARG C 161 21.85 25.04 7.76
C ARG C 161 20.91 23.99 8.35
N ILE C 162 19.77 23.74 7.68
CA ILE C 162 18.86 22.69 8.13
C ILE C 162 19.44 21.31 7.84
N ASN C 163 20.03 21.12 6.65
CA ASN C 163 20.67 19.85 6.33
C ASN C 163 21.77 19.47 7.35
N LEU C 164 22.46 20.48 7.91
CA LEU C 164 23.52 20.18 8.86
C LEU C 164 22.98 19.63 10.19
N GLU C 165 21.67 19.66 10.39
CA GLU C 165 21.02 19.01 11.52
C GLU C 165 20.41 17.66 11.14
N ASN C 166 20.80 17.12 9.96
CA ASN C 166 20.29 15.83 9.47
C ASN C 166 18.78 15.89 9.23
N ILE C 167 18.29 17.06 8.79
CA ILE C 167 16.89 17.27 8.42
C ILE C 167 16.82 17.64 6.94
N TRP C 168 15.98 16.94 6.18
CA TRP C 168 16.00 16.99 4.71
C TRP C 168 14.65 17.31 4.08
N GLN C 169 13.60 17.53 4.88
CA GLN C 169 12.28 17.94 4.41
C GLN C 169 11.88 19.25 5.08
N ALA C 170 11.00 20.01 4.42
CA ALA C 170 10.46 21.23 5.00
C ALA C 170 8.99 21.40 4.59
N ILE C 171 8.28 22.21 5.36
CA ILE C 171 6.89 22.59 5.07
C ILE C 171 6.82 24.11 5.11
N TYR C 172 6.05 24.69 4.18
CA TYR C 172 5.88 26.14 4.09
C TYR C 172 4.57 26.43 3.37
N THR C 173 4.02 27.61 3.66
CA THR C 173 2.85 28.16 2.98
C THR C 173 3.21 29.47 2.29
N ALA C 174 2.43 29.82 1.27
CA ALA C 174 2.55 31.11 0.60
C ALA C 174 1.28 31.40 -0.21
N GLY C 175 1.06 32.68 -0.43
CA GLY C 175 -0.06 33.09 -1.27
C GLY C 175 0.20 32.99 -2.75
N VAL C 176 1.44 32.85 -3.16
CA VAL C 176 1.81 32.78 -4.57
C VAL C 176 1.87 31.33 -5.00
N TYR C 177 1.68 31.11 -6.31
CA TYR C 177 1.67 29.77 -6.90
C TYR C 177 3.09 29.40 -7.31
N LEU C 178 3.64 28.38 -6.70
CA LEU C 178 4.98 27.87 -6.97
C LEU C 178 4.86 26.38 -7.23
N PRO C 179 5.92 25.76 -7.77
CA PRO C 179 5.93 24.30 -7.90
C PRO C 179 6.21 23.61 -6.56
N LYS C 180 5.27 22.79 -6.09
CA LYS C 180 3.89 22.64 -6.54
C LYS C 180 3.07 22.34 -5.27
N PRO C 181 1.89 22.96 -5.12
CA PRO C 181 1.17 22.83 -3.85
C PRO C 181 0.72 21.40 -3.59
N VAL C 182 0.82 20.97 -2.32
CA VAL C 182 0.15 19.73 -1.92
C VAL C 182 -1.30 19.99 -1.53
N SER C 183 -1.66 21.22 -1.16
CA SER C 183 -3.06 21.60 -1.00
C SER C 183 -3.21 23.10 -1.16
N ASP C 184 -4.45 23.55 -1.38
CA ASP C 184 -4.74 24.99 -1.51
C ASP C 184 -6.03 25.32 -0.77
N ALA C 185 -6.02 26.39 0.00
CA ALA C 185 -7.13 26.71 0.89
C ALA C 185 -7.49 28.19 0.75
N ARG C 186 -8.71 28.44 0.27
CA ARG C 186 -9.27 29.80 0.26
C ARG C 186 -9.40 30.31 1.68
N TYR C 187 -9.28 31.63 1.85
CA TYR C 187 -9.51 32.25 3.16
C TYR C 187 -10.81 33.06 3.16
N TYR C 188 -11.37 33.20 4.36
CA TYR C 188 -12.68 33.79 4.60
C TYR C 188 -12.59 34.67 5.84
N HIS C 189 -13.54 35.59 5.99
CA HIS C 189 -13.54 36.54 7.09
C HIS C 189 -14.96 36.75 7.61
N ARG C 190 -15.09 36.92 8.92
CA ARG C 190 -16.36 37.30 9.55
C ARG C 190 -16.19 38.68 10.16
N SER C 191 -16.90 39.66 9.59
CA SER C 191 -16.77 41.03 10.03
C SER C 191 -17.42 41.23 11.40
N ILE C 192 -16.73 41.97 12.28
CA ILE C 192 -17.22 42.21 13.63
C ILE C 192 -17.48 43.69 13.86
N ASN C 193 -16.45 44.53 13.66
CA ASN C 193 -16.60 45.98 13.71
CA ASN C 193 -16.61 45.98 13.72
C ASN C 193 -16.98 46.48 12.31
N VAL C 194 -18.25 46.30 11.97
CA VAL C 194 -18.71 46.59 10.62
C VAL C 194 -18.46 48.05 10.26
N LYS C 195 -18.75 48.96 11.18
CA LYS C 195 -18.63 50.38 10.88
C LYS C 195 -17.20 50.74 10.47
N LYS C 196 -16.20 50.17 11.16
CA LYS C 196 -14.83 50.45 10.81
C LYS C 196 -14.47 49.87 9.46
N LEU C 197 -14.86 48.62 9.20
CA LEU C 197 -14.57 47.99 7.92
C LEU C 197 -15.21 48.74 6.75
N ILE C 198 -16.30 49.47 7.00
CA ILE C 198 -16.88 50.30 5.95
C ILE C 198 -16.04 51.55 5.76
N GLU C 199 -15.68 52.22 6.85
CA GLU C 199 -14.91 53.46 6.76
C GLU C 199 -13.60 53.28 6.02
N ILE C 200 -12.89 52.17 6.27
CA ILE C 200 -11.59 51.94 5.63
C ILE C 200 -11.80 51.33 4.25
N GLY C 201 -13.05 51.28 3.81
CA GLY C 201 -13.34 50.83 2.46
C GLY C 201 -12.90 49.41 2.17
N PHE C 202 -12.90 48.55 3.17
N PHE C 202 -12.91 48.54 3.17
CA PHE C 202 -12.55 47.16 2.95
CA PHE C 202 -12.57 47.15 2.94
C PHE C 202 -13.68 46.44 2.23
C PHE C 202 -13.70 46.45 2.21
N SER C 203 -13.33 45.73 1.16
N SER C 203 -13.36 45.78 1.11
CA SER C 203 -14.32 44.99 0.38
CA SER C 203 -14.33 45.02 0.34
C SER C 203 -13.60 43.88 -0.37
C SER C 203 -13.62 43.89 -0.39
N SER C 204 -14.38 42.88 -0.78
CA SER C 204 -13.89 41.75 -1.56
C SER C 204 -14.79 41.55 -2.76
N LEU C 205 -14.20 41.07 -3.85
CA LEU C 205 -14.97 40.80 -5.06
C LEU C 205 -16.02 39.73 -4.80
N ASN C 206 -15.71 38.76 -3.93
CA ASN C 206 -16.65 37.70 -3.59
C ASN C 206 -17.48 38.04 -2.36
N SER C 207 -17.27 39.21 -1.74
CA SER C 207 -18.04 39.62 -0.58
C SER C 207 -18.06 41.14 -0.45
N ARG C 208 -18.88 41.80 -1.27
CA ARG C 208 -18.94 43.25 -1.27
C ARG C 208 -19.75 43.75 -0.08
N LEU C 209 -19.17 44.68 0.67
CA LEU C 209 -19.76 45.16 1.92
C LEU C 209 -20.68 46.35 1.64
N THR C 210 -21.82 46.03 1.06
CA THR C 210 -22.86 47.02 0.84
C THR C 210 -23.68 47.19 2.10
N MET C 211 -24.56 48.20 2.09
CA MET C 211 -25.45 48.39 3.23
C MET C 211 -26.37 47.19 3.42
N SER C 212 -26.90 46.64 2.33
N SER C 212 -26.89 46.63 2.33
CA SER C 212 -27.77 45.47 2.43
CA SER C 212 -27.77 45.47 2.43
C SER C 212 -27.07 44.34 3.18
C SER C 212 -27.07 44.33 3.16
N ARG C 213 -25.83 44.04 2.80
CA ARG C 213 -25.08 42.99 3.51
C ARG C 213 -24.69 43.45 4.91
N ALA C 214 -24.24 44.72 5.06
CA ALA C 214 -23.67 45.15 6.33
C ALA C 214 -24.70 45.11 7.45
N ILE C 215 -25.95 45.47 7.15
CA ILE C 215 -27.00 45.49 8.17
C ILE C 215 -27.11 44.13 8.84
N LYS C 216 -26.95 43.06 8.08
CA LYS C 216 -27.13 41.71 8.59
C LYS C 216 -26.00 41.23 9.49
N LEU C 217 -24.95 42.02 9.66
CA LEU C 217 -23.75 41.55 10.34
C LEU C 217 -23.53 42.15 11.72
N TYR C 218 -24.33 43.14 12.12
CA TYR C 218 -24.02 43.87 13.35
C TYR C 218 -24.34 43.06 14.60
N ARG C 219 -25.39 42.24 14.56
CA ARG C 219 -25.89 41.60 15.78
C ARG C 219 -25.03 40.41 16.18
N VAL C 220 -24.60 40.41 17.44
CA VAL C 220 -23.90 39.28 18.03
C VAL C 220 -24.30 39.17 19.50
N GLU C 221 -25.19 38.23 19.81
CA GLU C 221 -25.63 38.03 21.19
C GLU C 221 -24.42 37.76 22.09
N ASP C 222 -24.36 38.48 23.21
CA ASP C 222 -23.24 38.34 24.14
C ASP C 222 -23.46 37.20 25.14
N THR C 223 -23.86 36.03 24.65
CA THR C 223 -24.02 34.86 25.51
C THR C 223 -23.42 33.64 24.80
N LEU C 224 -22.53 32.95 25.49
CA LEU C 224 -21.87 31.78 24.90
C LEU C 224 -22.83 30.61 24.78
N ASN C 225 -22.66 29.82 23.71
CA ASN C 225 -23.38 28.55 23.62
C ASN C 225 -22.84 27.53 24.62
N ILE C 226 -21.54 27.55 24.86
CA ILE C 226 -20.86 26.69 25.83
C ILE C 226 -20.54 27.58 27.03
N LYS C 227 -21.40 27.54 28.04
CA LYS C 227 -21.42 28.58 29.05
C LYS C 227 -20.14 28.62 29.89
N ASN C 228 -19.44 27.49 30.05
CA ASN C 228 -18.29 27.44 30.94
C ASN C 228 -16.92 27.57 30.23
N MET C 229 -16.91 27.99 28.96
N MET C 229 -16.91 27.99 28.96
CA MET C 229 -15.64 28.22 28.28
CA MET C 229 -15.64 28.22 28.29
C MET C 229 -14.81 29.24 29.07
C MET C 229 -14.81 29.24 29.07
N ARG C 230 -13.54 28.90 29.31
CA ARG C 230 -12.67 29.72 30.15
C ARG C 230 -11.26 29.68 29.59
N LEU C 231 -10.44 30.65 29.97
CA LEU C 231 -9.06 30.69 29.50
C LEU C 231 -8.30 29.45 29.98
N MET C 232 -7.48 28.89 29.10
CA MET C 232 -6.68 27.72 29.43
C MET C 232 -5.63 28.07 30.48
N LYS C 233 -5.43 27.15 31.41
CA LYS C 233 -4.42 27.26 32.45
C LYS C 233 -3.38 26.16 32.26
N LYS C 234 -2.27 26.27 32.99
CA LYS C 234 -1.20 25.29 32.89
C LYS C 234 -1.67 23.90 33.29
N LYS C 235 -2.60 23.80 34.24
N LYS C 235 -2.60 23.80 34.24
CA LYS C 235 -3.10 22.50 34.66
CA LYS C 235 -3.10 22.50 34.66
C LYS C 235 -3.81 21.76 33.53
C LYS C 235 -3.83 21.76 33.54
N ASP C 236 -4.23 22.47 32.48
CA ASP C 236 -5.00 21.89 31.37
C ASP C 236 -4.14 21.31 30.24
N VAL C 237 -2.82 21.42 30.31
CA VAL C 237 -1.97 21.00 29.20
C VAL C 237 -2.23 19.54 28.85
N GLU C 238 -2.28 18.67 29.85
CA GLU C 238 -2.42 17.24 29.58
C GLU C 238 -3.75 16.96 28.88
N GLY C 239 -4.83 17.57 29.37
CA GLY C 239 -6.11 17.36 28.73
C GLY C 239 -6.19 17.92 27.31
N VAL C 240 -5.57 19.07 27.07
CA VAL C 240 -5.56 19.64 25.72
C VAL C 240 -4.73 18.74 24.80
N HIS C 241 -3.62 18.21 25.31
CA HIS C 241 -2.80 17.29 24.54
C HIS C 241 -3.63 16.11 24.06
N LYS C 242 -4.41 15.50 24.97
CA LYS C 242 -5.20 14.31 24.62
C LYS C 242 -6.29 14.64 23.61
N LEU C 243 -7.04 15.71 23.85
CA LEU C 243 -8.13 16.08 22.95
C LEU C 243 -7.63 16.42 21.56
N LEU C 244 -6.65 17.30 21.45
CA LEU C 244 -6.20 17.74 20.14
C LEU C 244 -5.45 16.64 19.40
N GLY C 245 -4.66 15.87 20.14
CA GLY C 245 -3.92 14.78 19.51
C GLY C 245 -4.83 13.73 18.90
N SER C 246 -5.91 13.39 19.60
N SER C 246 -5.91 13.38 19.60
CA SER C 246 -6.86 12.43 19.02
CA SER C 246 -6.86 12.44 19.03
C SER C 246 -7.58 13.03 17.81
C SER C 246 -7.57 13.03 17.82
N TYR C 247 -7.94 14.31 17.88
CA TYR C 247 -8.66 14.93 16.77
C TYR C 247 -7.83 14.98 15.49
N LEU C 248 -6.56 15.37 15.60
CA LEU C 248 -5.76 15.63 14.39
C LEU C 248 -5.41 14.34 13.64
N GLU C 249 -5.56 13.18 14.26
CA GLU C 249 -5.12 11.95 13.61
C GLU C 249 -5.94 11.62 12.37
N GLN C 250 -7.09 12.25 12.15
CA GLN C 250 -7.92 11.99 11.00
C GLN C 250 -7.45 12.66 9.70
N PHE C 251 -6.52 13.61 9.76
CA PHE C 251 -6.14 14.39 8.59
C PHE C 251 -4.89 13.82 7.91
N ASN C 252 -4.69 14.25 6.65
CA ASN C 252 -3.56 13.78 5.86
C ASN C 252 -2.29 14.58 6.11
N LEU C 253 -2.37 15.69 6.83
CA LEU C 253 -1.21 16.55 7.07
C LEU C 253 -1.44 17.25 8.40
N TYR C 254 -0.59 16.95 9.39
CA TYR C 254 -0.77 17.55 10.70
C TYR C 254 0.52 17.44 11.50
N ALA C 255 0.63 18.32 12.50
CA ALA C 255 1.78 18.29 13.40
C ALA C 255 1.52 17.35 14.57
N VAL C 256 2.59 16.71 15.03
CA VAL C 256 2.55 15.83 16.19
C VAL C 256 3.15 16.60 17.35
N PHE C 257 2.30 16.95 18.33
CA PHE C 257 2.70 17.80 19.44
C PHE C 257 3.18 16.96 20.61
N THR C 258 4.32 17.34 21.19
CA THR C 258 4.65 16.87 22.54
C THR C 258 3.94 17.75 23.56
N LYS C 259 3.95 17.29 24.82
CA LYS C 259 3.36 18.10 25.89
C LYS C 259 4.04 19.47 25.98
N GLU C 260 5.35 19.52 25.80
CA GLU C 260 6.04 20.80 25.89
C GLU C 260 5.61 21.75 24.77
N GLU C 261 5.32 21.21 23.59
CA GLU C 261 4.87 22.05 22.48
C GLU C 261 3.43 22.53 22.69
N ILE C 262 2.58 21.68 23.28
CA ILE C 262 1.22 22.11 23.60
C ILE C 262 1.25 23.32 24.53
N ALA C 263 2.07 23.25 25.59
CA ALA C 263 2.20 24.38 26.51
C ALA C 263 2.66 25.63 25.78
N HIS C 264 3.66 25.51 24.90
CA HIS C 264 4.16 26.68 24.19
C HIS C 264 3.11 27.28 23.25
N TRP C 265 2.46 26.44 22.46
CA TRP C 265 1.64 26.94 21.38
C TRP C 265 0.23 27.38 21.79
N PHE C 266 -0.25 27.00 22.97
CA PHE C 266 -1.62 27.30 23.38
C PHE C 266 -1.79 28.04 24.70
N LEU C 267 -0.81 28.00 25.61
CA LEU C 267 -1.00 28.79 26.83
C LEU C 267 -1.14 30.27 26.47
N PRO C 268 -2.16 30.95 26.96
CA PRO C 268 -2.51 32.26 26.38
C PRO C 268 -1.54 33.37 26.76
N ILE C 269 -1.37 34.29 25.80
CA ILE C 269 -0.53 35.47 25.93
C ILE C 269 -1.31 36.63 25.32
N GLU C 270 -1.53 37.68 26.10
CA GLU C 270 -2.35 38.79 25.63
C GLU C 270 -1.76 39.40 24.37
N ASN C 271 -2.62 39.64 23.38
CA ASN C 271 -2.26 40.24 22.10
C ASN C 271 -1.38 39.32 21.25
N VAL C 272 -1.41 38.01 21.54
CA VAL C 272 -0.66 37.03 20.77
C VAL C 272 -1.50 35.77 20.52
N ILE C 273 -1.86 35.06 21.58
CA ILE C 273 -2.52 33.77 21.45
C ILE C 273 -3.60 33.61 22.53
N TYR C 274 -4.79 33.20 22.11
CA TYR C 274 -5.96 33.07 22.97
C TYR C 274 -6.48 31.65 22.86
N THR C 275 -6.60 30.96 23.99
CA THR C 275 -7.09 29.60 24.02
C THR C 275 -8.11 29.46 25.14
N TYR C 276 -9.28 28.89 24.81
CA TYR C 276 -10.36 28.64 25.75
C TYR C 276 -10.72 27.16 25.73
N VAL C 277 -11.08 26.64 26.92
CA VAL C 277 -11.43 25.24 27.07
C VAL C 277 -12.71 25.10 27.88
N ASN C 278 -13.37 23.96 27.67
CA ASN C 278 -14.53 23.57 28.46
C ASN C 278 -14.17 22.32 29.24
N GLU C 279 -14.19 22.40 30.56
CA GLU C 279 -13.86 21.28 31.44
C GLU C 279 -15.15 20.76 32.04
N GLU C 280 -15.43 19.47 31.79
N GLU C 280 -15.44 19.48 31.78
CA GLU C 280 -16.64 18.82 32.29
CA GLU C 280 -16.65 18.83 32.30
C GLU C 280 -16.23 17.56 33.03
C GLU C 280 -16.23 17.56 33.02
N ASN C 281 -16.47 17.52 34.33
CA ASN C 281 -16.18 16.35 35.15
C ASN C 281 -14.70 15.98 35.09
N GLY C 282 -13.84 17.00 35.15
CA GLY C 282 -12.41 16.77 35.19
C GLY C 282 -11.74 16.51 33.87
N LYS C 283 -12.46 16.61 32.75
CA LYS C 283 -11.92 16.32 31.43
C LYS C 283 -12.08 17.54 30.53
N ILE C 284 -11.04 17.83 29.74
CA ILE C 284 -11.14 18.88 28.72
C ILE C 284 -11.89 18.29 27.53
N LYS C 285 -13.06 18.83 27.22
CA LYS C 285 -13.93 18.27 26.19
C LYS C 285 -14.13 19.17 24.97
N ASP C 286 -13.83 20.47 25.06
CA ASP C 286 -13.93 21.38 23.93
C ASP C 286 -12.82 22.42 24.05
N MET C 287 -12.36 22.93 22.89
CA MET C 287 -11.31 23.94 22.90
C MET C 287 -11.49 24.89 21.72
N ILE C 288 -11.17 26.15 21.95
CA ILE C 288 -11.17 27.22 20.96
C ILE C 288 -9.85 27.96 21.05
N SER C 289 -9.24 28.29 19.89
CA SER C 289 -8.04 29.13 19.94
C SER C 289 -7.92 29.97 18.68
N PHE C 290 -7.32 31.15 18.84
CA PHE C 290 -7.06 32.06 17.74
C PHE C 290 -5.87 32.94 18.12
N TYR C 291 -5.12 33.36 17.12
CA TYR C 291 -3.99 34.25 17.35
C TYR C 291 -4.21 35.63 16.73
N SER C 292 -3.40 36.58 17.20
CA SER C 292 -3.61 38.00 16.94
C SER C 292 -2.57 38.46 15.92
N LEU C 293 -3.04 38.99 14.79
CA LEU C 293 -2.16 39.47 13.71
C LEU C 293 -2.76 40.73 13.11
N PRO C 294 -2.31 41.89 13.56
CA PRO C 294 -2.83 43.14 12.98
C PRO C 294 -2.36 43.33 11.54
N SER C 295 -3.08 44.16 10.81
CA SER C 295 -2.64 44.67 9.50
C SER C 295 -2.56 46.18 9.58
N GLN C 296 -1.45 46.72 9.12
CA GLN C 296 -1.35 48.17 8.95
C GLN C 296 -2.26 48.59 7.80
N ILE C 297 -2.99 49.69 8.01
CA ILE C 297 -3.89 50.24 6.99
C ILE C 297 -3.13 51.34 6.26
N LEU C 298 -2.78 51.07 5.01
CA LEU C 298 -1.92 51.98 4.26
C LEU C 298 -2.69 53.21 3.85
N GLY C 299 -2.22 54.38 4.28
CA GLY C 299 -2.85 55.64 3.91
C GLY C 299 -4.20 55.87 4.56
N ASN C 300 -4.21 56.16 5.86
CA ASN C 300 -5.42 56.47 6.60
C ASN C 300 -5.05 57.33 7.79
N ASP C 301 -5.95 58.22 8.20
N ASP C 301 -5.93 58.28 8.11
CA ASP C 301 -5.58 59.17 9.24
CA ASP C 301 -5.84 59.13 9.28
C ASP C 301 -5.81 58.64 10.66
C ASP C 301 -6.91 58.68 10.28
N LYS C 302 -7.08 58.62 11.11
N LYS C 302 -6.55 58.74 11.57
CA LYS C 302 -7.36 58.23 12.49
CA LYS C 302 -7.35 58.20 12.66
C LYS C 302 -7.11 56.75 12.71
C LYS C 302 -7.13 56.69 12.77
N TYR C 303 -7.30 55.93 11.69
CA TYR C 303 -7.09 54.48 11.74
C TYR C 303 -5.75 54.13 11.10
N SER C 304 -4.85 53.56 11.88
CA SER C 304 -3.61 53.03 11.36
C SER C 304 -3.55 51.51 11.41
N THR C 305 -4.52 50.85 12.06
CA THR C 305 -4.38 49.46 12.43
C THR C 305 -5.73 48.75 12.40
N LEU C 306 -5.75 47.58 11.79
CA LEU C 306 -6.89 46.68 11.86
C LEU C 306 -6.53 45.49 12.74
N ASN C 307 -7.32 45.26 13.80
N ASN C 307 -7.28 45.32 13.84
CA ASN C 307 -7.05 44.21 14.77
CA ASN C 307 -7.09 44.20 14.76
C ASN C 307 -7.78 42.93 14.35
C ASN C 307 -7.80 42.97 14.21
N ALA C 308 -7.04 41.95 13.84
CA ALA C 308 -7.60 40.72 13.32
C ALA C 308 -7.25 39.51 14.16
N ALA C 309 -8.25 38.66 14.39
CA ALA C 309 -8.04 37.34 14.98
C ALA C 309 -8.05 36.28 13.89
N TYR C 310 -7.14 35.31 13.97
CA TYR C 310 -7.02 34.22 13.01
C TYR C 310 -7.34 32.91 13.73
N SER C 311 -8.29 32.17 13.20
CA SER C 311 -8.63 30.85 13.74
C SER C 311 -7.41 29.92 13.73
N PHE C 312 -7.21 29.21 14.85
CA PHE C 312 -6.03 28.36 15.04
C PHE C 312 -6.51 26.91 15.08
N TYR C 313 -6.76 26.34 16.27
CA TYR C 313 -7.30 24.98 16.36
C TYR C 313 -8.55 24.97 17.21
N ASN C 314 -9.60 24.30 16.72
CA ASN C 314 -10.89 24.26 17.40
C ASN C 314 -11.44 22.84 17.38
N VAL C 315 -11.88 22.33 18.53
CA VAL C 315 -12.34 20.96 18.68
C VAL C 315 -13.52 20.95 19.66
N THR C 316 -14.59 20.25 19.29
CA THR C 316 -15.73 20.10 20.18
C THR C 316 -16.23 18.66 20.23
N THR C 317 -16.54 18.18 21.43
CA THR C 317 -17.20 16.89 21.60
C THR C 317 -18.54 16.99 22.32
N THR C 318 -18.93 18.15 22.81
CA THR C 318 -20.19 18.32 23.53
C THR C 318 -21.17 19.24 22.82
N ALA C 319 -20.77 19.85 21.71
CA ALA C 319 -21.61 20.76 20.95
C ALA C 319 -21.46 20.50 19.46
N THR C 320 -22.29 21.14 18.65
CA THR C 320 -22.04 21.16 17.21
C THR C 320 -20.86 22.06 16.87
N PHE C 321 -20.27 21.84 15.69
CA PHE C 321 -19.15 22.67 15.29
C PHE C 321 -19.63 24.10 15.05
N LYS C 322 -20.83 24.29 14.49
N LYS C 322 -20.83 24.28 14.50
CA LYS C 322 -21.37 25.63 14.29
CA LYS C 322 -21.37 25.63 14.29
C LYS C 322 -21.51 26.37 15.62
C LYS C 322 -21.51 26.37 15.62
N GLN C 323 -22.08 25.72 16.63
CA GLN C 323 -22.16 26.34 17.95
C GLN C 323 -20.78 26.75 18.47
N LEU C 324 -19.79 25.89 18.28
CA LEU C 324 -18.46 26.19 18.80
C LEU C 324 -17.85 27.41 18.12
N MET C 325 -17.99 27.50 16.79
CA MET C 325 -17.37 28.62 16.09
C MET C 325 -18.14 29.92 16.29
N GLN C 326 -19.44 29.83 16.54
CA GLN C 326 -20.20 31.00 16.95
C GLN C 326 -19.62 31.58 18.24
N ASP C 327 -19.32 30.71 19.22
CA ASP C 327 -18.67 31.18 20.45
C ASP C 327 -17.26 31.71 20.21
N ALA C 328 -16.52 31.13 19.28
CA ALA C 328 -15.20 31.66 18.96
C ALA C 328 -15.27 33.08 18.42
N ILE C 329 -16.28 33.37 17.60
CA ILE C 329 -16.47 34.73 17.07
C ILE C 329 -16.85 35.70 18.19
N LEU C 330 -17.70 35.26 19.11
CA LEU C 330 -18.02 36.08 20.27
C LEU C 330 -16.79 36.34 21.16
N LEU C 331 -15.96 35.32 21.35
CA LEU C 331 -14.76 35.49 22.17
C LEU C 331 -13.79 36.49 21.54
N ALA C 332 -13.69 36.48 20.22
CA ALA C 332 -12.87 37.46 19.54
C ALA C 332 -13.44 38.87 19.70
N LYS C 333 -14.75 39.01 19.54
CA LYS C 333 -15.39 40.31 19.76
C LYS C 333 -15.15 40.82 21.18
N ARG C 334 -15.31 39.95 22.18
CA ARG C 334 -15.08 40.35 23.57
C ARG C 334 -13.63 40.81 23.81
N ASN C 335 -12.68 40.32 23.02
CA ASN C 335 -11.29 40.72 23.16
C ASN C 335 -10.89 41.83 22.19
N ASN C 336 -11.89 42.54 21.62
CA ASN C 336 -11.71 43.79 20.90
C ASN C 336 -11.15 43.62 19.49
N PHE C 337 -11.40 42.48 18.85
CA PHE C 337 -10.98 42.27 17.48
C PHE C 337 -12.00 42.80 16.48
N ASP C 338 -11.49 43.34 15.36
CA ASP C 338 -12.35 43.95 14.34
C ASP C 338 -12.89 42.95 13.32
N VAL C 339 -12.25 41.79 13.20
CA VAL C 339 -12.59 40.82 12.17
C VAL C 339 -11.99 39.48 12.60
N PHE C 340 -12.65 38.38 12.19
CA PHE C 340 -12.23 37.01 12.47
C PHE C 340 -11.97 36.27 11.16
N ASN C 341 -10.73 35.85 10.92
CA ASN C 341 -10.30 35.24 9.67
C ASN C 341 -10.13 33.73 9.82
N ALA C 342 -10.34 32.99 8.73
CA ALA C 342 -10.22 31.55 8.78
C ALA C 342 -9.95 31.00 7.40
N LEU C 343 -9.35 29.80 7.37
CA LEU C 343 -9.12 29.06 6.13
C LEU C 343 -10.09 27.88 6.02
N GLU C 344 -10.26 27.39 4.81
CA GLU C 344 -11.14 26.24 4.57
C GLU C 344 -10.44 24.93 4.89
N VAL C 345 -9.74 24.85 6.02
CA VAL C 345 -9.10 23.62 6.45
C VAL C 345 -9.91 22.98 7.56
N MET C 346 -9.55 21.74 7.93
CA MET C 346 -10.25 20.94 8.96
C MET C 346 -11.76 20.99 8.69
N GLN C 347 -12.59 21.33 9.67
CA GLN C 347 -14.04 21.36 9.51
C GLN C 347 -14.58 22.74 9.14
N ASN C 348 -13.71 23.71 8.89
CA ASN C 348 -14.12 25.11 8.89
C ASN C 348 -15.15 25.41 7.82
N LYS C 349 -15.01 24.81 6.63
CA LYS C 349 -15.87 25.22 5.52
C LYS C 349 -17.35 24.98 5.86
N SER C 350 -17.64 24.02 6.74
CA SER C 350 -19.03 23.63 6.97
C SER C 350 -19.87 24.72 7.63
N VAL C 351 -19.24 25.74 8.22
CA VAL C 351 -19.98 26.75 8.97
C VAL C 351 -19.92 28.14 8.34
N PHE C 352 -19.17 28.31 7.25
CA PHE C 352 -18.96 29.66 6.74
C PHE C 352 -20.27 30.30 6.26
N GLU C 353 -21.12 29.54 5.59
CA GLU C 353 -22.36 30.15 5.06
C GLU C 353 -23.30 30.55 6.19
N ASP C 354 -23.50 29.67 7.18
CA ASP C 354 -24.51 29.93 8.21
C ASP C 354 -24.07 31.02 9.18
N LEU C 355 -22.76 31.18 9.40
CA LEU C 355 -22.25 32.19 10.32
C LEU C 355 -21.87 33.50 9.63
N LYS C 356 -22.17 33.64 8.34
CA LYS C 356 -22.10 34.91 7.61
C LYS C 356 -20.67 35.34 7.31
N PHE C 357 -19.80 34.38 7.02
CA PHE C 357 -18.48 34.69 6.50
C PHE C 357 -18.60 35.16 5.06
N GLY C 358 -17.71 36.05 4.66
CA GLY C 358 -17.51 36.41 3.26
C GLY C 358 -16.21 35.79 2.75
N GLU C 359 -16.14 35.57 1.44
CA GLU C 359 -14.96 34.94 0.84
C GLU C 359 -13.97 36.02 0.43
N GLY C 360 -12.70 35.80 0.75
CA GLY C 360 -11.64 36.69 0.32
C GLY C 360 -11.32 36.50 -1.15
N ASP C 361 -10.24 37.13 -1.58
CA ASP C 361 -9.91 37.25 -2.99
C ASP C 361 -8.78 36.32 -3.43
N GLY C 362 -8.21 35.54 -2.53
CA GLY C 362 -7.12 34.66 -2.89
C GLY C 362 -7.10 33.41 -2.05
N SER C 363 -5.99 32.66 -2.12
CA SER C 363 -5.86 31.40 -1.42
C SER C 363 -4.44 31.24 -0.89
N LEU C 364 -4.30 30.37 0.09
CA LEU C 364 -3.03 30.04 0.72
C LEU C 364 -2.64 28.64 0.26
N LYS C 365 -1.48 28.52 -0.37
CA LYS C 365 -0.96 27.23 -0.83
C LYS C 365 -0.04 26.62 0.22
N TYR C 366 -0.16 25.30 0.42
CA TYR C 366 0.70 24.51 1.29
C TYR C 366 1.70 23.72 0.45
N TYR C 367 2.96 23.72 0.90
CA TYR C 367 4.07 23.14 0.14
C TYR C 367 4.94 22.25 1.01
N LEU C 368 5.52 21.22 0.40
CA LEU C 368 6.55 20.39 1.01
C LEU C 368 7.82 20.40 0.15
N TYR C 369 8.99 20.45 0.78
CA TYR C 369 10.28 20.41 0.10
C TYR C 369 10.85 19.00 0.20
N ASN C 370 11.31 18.47 -0.93
CA ASN C 370 11.89 17.12 -1.00
C ASN C 370 10.93 16.03 -0.50
N TRP C 371 9.68 16.09 -0.97
CA TRP C 371 8.71 15.05 -0.67
C TRP C 371 7.76 14.87 -1.85
N LYS C 372 7.63 13.64 -2.35
N LYS C 372 7.60 13.63 -2.28
CA LYS C 372 6.73 13.34 -3.45
CA LYS C 372 6.75 13.25 -3.41
C LYS C 372 5.54 12.57 -2.91
C LYS C 372 5.51 12.53 -2.88
N CYS C 373 4.34 13.08 -3.17
CA CYS C 373 3.10 12.50 -2.68
C CYS C 373 1.94 13.13 -3.43
N ALA C 374 0.79 12.47 -3.38
CA ALA C 374 -0.41 13.00 -3.99
C ALA C 374 -0.93 14.22 -3.22
N SER C 375 -1.50 15.17 -3.95
CA SER C 375 -2.19 16.31 -3.36
C SER C 375 -3.59 15.93 -2.87
N PHE C 376 -4.21 16.83 -2.12
CA PHE C 376 -5.51 16.54 -1.53
C PHE C 376 -6.27 17.85 -1.26
N ALA C 377 -7.57 17.72 -1.08
CA ALA C 377 -8.42 18.85 -0.78
C ALA C 377 -8.11 19.43 0.60
N PRO C 378 -8.42 20.70 0.82
CA PRO C 378 -7.99 21.36 2.08
C PRO C 378 -8.73 20.89 3.32
N ALA C 379 -9.91 20.27 3.18
CA ALA C 379 -10.56 19.68 4.34
C ALA C 379 -9.72 18.58 5.00
N HIS C 380 -8.75 18.04 4.29
CA HIS C 380 -7.85 17.03 4.82
C HIS C 380 -6.55 17.62 5.38
N VAL C 381 -6.42 18.93 5.36
CA VAL C 381 -5.31 19.61 6.01
C VAL C 381 -5.69 19.85 7.47
N GLY C 382 -4.81 19.45 8.38
CA GLY C 382 -5.03 19.66 9.80
C GLY C 382 -3.86 20.34 10.47
N ILE C 383 -3.31 21.36 9.80
CA ILE C 383 -2.23 22.14 10.37
C ILE C 383 -2.38 23.59 9.92
N VAL C 384 -2.12 24.52 10.82
CA VAL C 384 -2.18 25.95 10.55
C VAL C 384 -0.80 26.52 10.83
N LEU C 385 -0.19 27.15 9.82
CA LEU C 385 1.06 27.88 10.01
C LEU C 385 0.78 29.35 10.28
N LEU C 386 1.70 29.98 10.99
CA LEU C 386 1.51 31.36 11.43
C LEU C 386 1.72 32.40 10.31
S1 MYA D . 1.75 -15.69 -29.70
C2 MYA D . 0.56 -16.73 -30.74
C3 MYA D . 1.23 -17.22 -32.04
N4 MYA D . 0.29 -17.67 -33.08
C5 MYA D . -0.32 -18.86 -33.13
O5 MYA D . -0.01 -19.63 -32.21
C6 MYA D . -1.32 -19.28 -34.24
C7 MYA D . -1.18 -20.70 -34.81
N8 MYA D . 0.18 -20.99 -35.22
C9 MYA D . 0.87 -20.38 -36.25
O9 MYA D . 0.29 -19.48 -36.92
C10 MYA D . 2.35 -20.82 -36.60
O10 MYA D . 2.53 -22.06 -36.00
C11 MYA D . 3.41 -19.78 -36.07
C12 MYA D . 4.90 -20.32 -36.36
C13 MYA D . 3.25 -19.54 -34.57
C14 MYA D . 3.16 -18.43 -36.81
N1A MYA D . 6.29 -16.85 -31.06
O1A MYA D . 7.68 -20.58 -39.60
P1A MYA D . 8.16 -21.69 -38.75
C1X MYA D . 9.42 -20.20 -33.54
C2A MYA D . 7.60 -16.73 -31.51
O2A MYA D . 8.73 -22.88 -39.40
P2A MYA D . 5.38 -22.23 -38.06
C2M MYA D . 2.04 -14.05 -30.50
O2M MYA D . 1.29 -13.67 -31.37
C2X MYA D . 10.02 -21.60 -33.31
O2X MYA D . 10.61 -21.65 -32.07
N3A MYA D . 8.36 -17.66 -32.14
O3A MYA D . 6.97 -22.24 -37.87
C3M MYA D . 3.28 -13.21 -30.13
C3X MYA D . 11.16 -21.58 -34.41
O3X MYA D . 12.26 -20.98 -33.95
P3X MYA D . 13.61 -21.79 -33.56
C4A MYA D . 7.68 -18.87 -32.37
O4A MYA D . 4.71 -23.10 -37.07
C4M MYA D . 4.40 -13.30 -31.20
C4X MYA D . 10.41 -20.80 -35.58
O4X MYA D . 9.33 -20.06 -34.96
C5A MYA D . 6.30 -19.08 -31.96
O5A MYA D . 4.90 -22.29 -39.48
C5M MYA D . 5.79 -12.79 -30.86
C5X MYA D . 9.91 -21.75 -36.67
O5X MYA D . 9.28 -21.07 -37.76
C6A MYA D . 5.63 -18.03 -31.30
N6A MYA D . 4.33 -18.17 -30.89
O6A MYA D . 4.99 -20.77 -37.67
C6M MYA D . 6.84 -13.14 -31.95
N7A MYA D . 5.93 -20.38 -32.34
O7A MYA D . 14.61 -20.73 -33.17
C7M MYA D . 8.27 -12.68 -31.70
C8A MYA D . 7.02 -20.91 -32.96
O8A MYA D . 13.11 -22.70 -32.46
C8M MYA D . 8.41 -11.16 -31.54
N9A MYA D . 8.09 -20.01 -32.98
O9A MYA D . 13.90 -22.47 -34.89
C9M MYA D . 9.81 -10.60 -31.06
CAM MYA D . 9.88 -9.12 -31.02
CBM MYA D . 10.07 -8.37 -32.37
CCM MYA D . 10.07 -6.88 -32.21
CDM MYA D . 11.40 -6.27 -31.75
CEM MYA D . 11.46 -4.73 -31.67
CFM MYA D . 12.63 -4.18 -30.84
H2 MYA D . 0.27 -17.55 -30.07
H2A MYA D . -0.30 -16.09 -30.90
H3 MYA D . 1.87 -16.41 -32.42
H3A MYA D . 1.94 -18.03 -31.78
HN4 MYA D . 0.08 -17.01 -33.81
H6 MYA D . -2.36 -19.13 -33.86
H6A MYA D . -1.30 -18.54 -35.06
H7 MYA D . -1.90 -20.80 -35.66
H7A MYA D . -1.56 -21.42 -34.05
HN8 MYA D . 0.67 -21.71 -34.69
H10 MYA D . 2.43 -20.88 -37.74
HO10 MYA D . 3.32 -22.46 -36.37
H12 MYA D . 5.62 -19.50 -36.13
H12A MYA D . 5.15 -21.12 -35.62
H13 MYA D . 2.38 -18.94 -34.32
H13A MYA D . 3.14 -20.47 -34.00
H13B MYA D . 4.11 -19.03 -34.12
H14 MYA D . 2.19 -17.95 -36.60
H14A MYA D . 3.88 -17.63 -36.59
H14B MYA D . 3.17 -18.49 -37.91
H1X MYA D . 9.95 -19.36 -33.04
H2AA MYA D . 8.10 -15.76 -31.32
H2X MYA D . 9.36 -22.47 -33.53
HO2X MYA D . 11.47 -22.05 -32.17
H3M MYA D . 3.64 -13.52 -29.13
H3MA MYA D . 2.96 -12.16 -29.95
H3X MYA D . 11.25 -22.67 -34.63
H4M MYA D . 4.05 -12.77 -32.12
H4MA MYA D . 4.49 -14.36 -31.52
H4X MYA D . 10.98 -19.96 -36.04
H5M MYA D . 5.76 -11.69 -30.70
H5MA MYA D . 6.11 -13.19 -29.87
H5X MYA D . 9.22 -22.47 -36.15
H5XA MYA D . 10.78 -22.36 -36.98
HN6A MYA D . 3.81 -17.37 -30.55
HN6B MYA D . 3.83 -19.02 -30.87
H6M MYA D . 6.52 -12.73 -32.93
H6MA MYA D . 6.86 -14.23 -32.11
H7M MYA D . 8.67 -13.19 -30.80
H7MA MYA D . 8.93 -13.03 -32.53
H8A MYA D . 7.12 -21.91 -33.42
H8M MYA D . 8.15 -10.67 -32.50
H8MA MYA D . 7.64 -10.79 -30.85
H9M MYA D . 10.07 -11.02 -30.07
H9MA MYA D . 10.63 -11.00 -31.70
HAM MYA D . 8.98 -8.74 -30.51
HAMA MYA D . 10.69 -8.83 -30.33
HBM MYA D . 11.00 -8.70 -32.88
HBMA MYA D . 9.26 -8.66 -33.08
HCM MYA D . 9.28 -6.58 -31.50
HCMA MYA D . 9.79 -6.41 -33.17
HDM MYA D . 12.22 -6.61 -32.40
HDMA MYA D . 11.66 -6.67 -30.75
HEM MYA D . 11.51 -4.30 -32.69
HEMA MYA D . 10.51 -4.32 -31.26
HFM MYA D . 13.36 -4.93 -30.53
HFMA MYA D . 12.33 -3.70 -29.90
HFMB MYA D . 13.22 -3.41 -31.35
C01 A1AB7 E . -5.30 -21.01 -25.83
C01 A1AB7 E . -5.78 -21.83 -25.92
C02 A1AB7 E . -6.77 -21.39 -25.83
C02 A1AB7 E . -7.28 -21.64 -25.73
C03 A1AB7 E . -7.54 -21.74 -24.74
C03 A1AB7 E . -7.94 -21.54 -24.52
C04 A1AB7 E . -8.83 -21.99 -25.21
C04 A1AB7 E . -9.29 -21.38 -24.78
C05 A1AB7 E . -10.07 -22.40 -24.43
C05 A1AB7 E . -10.43 -21.21 -23.78
C07 A1AB7 E . -11.23 -23.77 -22.67
C07 A1AB7 E . -12.82 -21.53 -23.08
C08 A1AB7 E . -11.51 -22.88 -21.46
C08 A1AB7 E . -12.86 -22.65 -22.03
C14 A1AB7 E . -7.13 -21.10 -28.23
C14 A1AB7 E . -7.93 -21.54 -28.11
C15 A1AB7 E . -7.04 -21.84 -23.29
C15 A1AB7 E . -7.27 -21.64 -23.14
C16 A1AB7 E . -7.23 -20.54 -22.51
C16 A1AB7 E . -7.32 -20.32 -22.37
C18 A1AB7 E . -6.04 -18.53 -21.94
C18 A1AB7 E . -6.02 -18.42 -21.85
C19 A1AB7 E . -5.15 -17.53 -22.31
C19 A1AB7 E . -5.13 -17.43 -22.29
C20 A1AB7 E . -4.21 -17.70 -23.49
C20 A1AB7 E . -4.23 -17.65 -23.49
C21 A1AB7 E . -3.89 -16.60 -24.25
C21 A1AB7 E . -3.92 -16.56 -24.28
C22 A1AB7 E . -3.03 -16.73 -25.32
C22 A1AB7 E . -3.08 -16.72 -25.38
C24 A1AB7 E . -3.24 -14.18 -25.93
C24 A1AB7 E . -1.77 -15.60 -27.31
C25 A1AB7 E . -2.17 -13.10 -25.98
C25 A1AB7 E . -0.72 -14.51 -27.21
C27 A1AB7 E . -0.73 -14.49 -27.28
C27 A1AB7 E . -2.14 -13.12 -25.97
C28 A1AB7 E . -1.77 -15.61 -27.28
C28 A1AB7 E . -3.25 -14.17 -25.97
C30 A1AB7 E . -2.76 -18.96 -24.90
C30 A1AB7 E . -2.83 -18.95 -24.91
C31 A1AB7 E . -3.61 -18.93 -23.81
C31 A1AB7 E . -3.66 -18.88 -23.80
C33 A1AB7 E . -5.87 -16.16 -20.60
C33 A1AB7 E . -5.78 -15.98 -20.61
C34 A1AB7 E . -6.78 -17.11 -20.16
C34 A1AB7 E . -6.68 -16.91 -20.10
C35 A1AB7 E . -6.88 -18.32 -20.85
C35 A1AB7 E . -6.81 -18.14 -20.74
N06 A1AB7 E . -10.01 -23.39 -23.37
N06 A1AB7 E . -11.75 -21.72 -24.06
N12 A1AB7 E . -8.82 -21.78 -26.53
N12 A1AB7 E . -9.43 -21.35 -26.13
N13 A1AB7 E . -7.55 -21.42 -26.88
N13 A1AB7 E . -8.19 -21.52 -26.67
N23 A1AB7 E . -2.69 -15.56 -26.13
N23 A1AB7 E . -2.77 -15.56 -26.21
N26 A1AB7 E . -1.27 -13.19 -27.07
N26 A1AB7 E . -1.30 -13.22 -27.10
N29 A1AB7 E . -2.49 -17.89 -25.63
N29 A1AB7 E . -2.57 -17.89 -25.67
N32 A1AB7 E . -5.10 -16.39 -21.64
N32 A1AB7 E . -5.04 -16.26 -21.66
O09 A1AB7 E . -10.69 -21.99 -21.13
O09 A1AB7 E . -13.60 -22.57 -21.02
O10 A1AB7 E . -12.58 -23.04 -20.80
O10 A1AB7 E . -12.15 -23.67 -22.19
O11 A1AB7 E . -11.11 -21.91 -24.71
O11 A1AB7 E . -10.23 -20.64 -22.75
O17 A1AB7 E . -6.09 -19.74 -22.68
O17 A1AB7 E . -6.11 -19.64 -22.53
H012 A1AB7 E . -4.82 -21.42 -24.94
H012 A1AB7 E . -5.49 -22.79 -25.50
H013 A1AB7 E . -5.18 -19.94 -25.85
H013 A1AB7 E . -5.24 -21.04 -25.42
H011 A1AB7 E . -4.82 -21.43 -26.71
H011 A1AB7 E . -5.55 -21.82 -26.99
H072 A1AB7 E . -11.13 -24.79 -22.33
H072 A1AB7 E . -13.77 -21.49 -23.59
H071 A1AB7 E . -12.06 -23.70 -23.35
H071 A1AB7 E . -12.66 -20.58 -22.56
H141 A1AB7 E . -7.95 -21.28 -28.92
H141 A1AB7 E . -8.79 -21.12 -28.63
H143 A1AB7 E . -6.28 -21.72 -28.50
H143 A1AB7 E . -7.78 -22.56 -28.44
H142 A1AB7 E . -6.84 -20.05 -28.29
H142 A1AB7 E . -7.05 -20.94 -28.32
H152 A1AB7 E . -5.98 -22.09 -23.30
H152 A1AB7 E . -6.22 -21.92 -23.27
H151 A1AB7 E . -7.59 -22.63 -22.79
H151 A1AB7 E . -7.76 -22.41 -22.56
H161 A1AB7 E . -7.36 -20.76 -21.45
H161 A1AB7 E . -7.48 -20.52 -21.32
H162 A1AB7 E . -8.10 -20.01 -22.89
H162 A1AB7 E . -8.13 -19.72 -22.76
H211 A1AB7 E . -4.33 -15.63 -24.02
H211 A1AB7 E . -4.34 -15.59 -24.06
H242 A1AB7 E . -3.73 -14.15 -24.97
H242 A1AB7 E . -1.27 -16.57 -27.28
H241 A1AB7 E . -3.96 -13.99 -26.72
H241 A1AB7 E . -2.29 -15.50 -28.26
H251 A1AB7 E . -1.59 -13.15 -25.05
H251 A1AB7 E . -0.09 -14.55 -28.08
H252 A1AB7 E . -2.66 -12.13 -26.03
H252 A1AB7 E . -0.11 -14.69 -26.32
H271 A1AB7 E . -0.02 -14.70 -26.48
H271 A1AB7 E . -2.59 -12.13 -25.95
H272 A1AB7 E . -0.21 -14.50 -28.23
H272 A1AB7 E . -1.53 -13.26 -25.07
H282 A1AB7 E . -1.24 -16.56 -27.28
H282 A1AB7 E . -3.76 -14.14 -25.02
H281 A1AB7 E . -2.36 -15.53 -28.20
H281 A1AB7 E . -3.96 -13.91 -26.77
H301 A1AB7 E . -2.30 -19.90 -25.17
H301 A1AB7 E . -2.39 -19.90 -25.17
H311 A1AB7 E . -3.82 -19.81 -23.22
H311 A1AB7 E . -3.86 -19.76 -23.19
H331 A1AB7 E . -5.79 -15.22 -20.06
H331 A1AB7 E . -5.68 -15.01 -20.13
H341 A1AB7 E . -7.40 -16.91 -19.30
H341 A1AB7 E . -7.27 -16.68 -19.22
H351 A1AB7 E . -7.59 -19.08 -20.53
H351 A1AB7 E . -7.51 -18.88 -20.37
H061 A1AB7 E . -9.13 -23.81 -23.12
H061 A1AB7 E . -11.93 -22.19 -24.92
H262 A1AB7 E . -0.51 -12.55 -26.92
H262 A1AB7 E . -0.56 -12.54 -27.04
H261 A1AB7 E . -1.77 -12.93 -27.91
H261 A1AB7 E . -1.85 -13.04 -27.94
CL CL F . -3.34 -15.68 -0.96
CL CL G . 18.73 -12.45 -42.05
CL CL H . 22.09 -22.13 -22.18
CL CL I . 2.83 -16.39 -7.95
CL CL J . -19.60 11.41 -19.39
CL CL K . 21.05 7.53 -36.26
CL CL L . 10.28 -10.39 -51.89
CL CL M . -7.74 -18.28 -44.21
CL CL N . -2.57 -26.93 -36.16
CL CL O . -8.42 -27.17 -9.98
CL CL P . 9.45 -13.91 -7.52
CL CL Q . -23.14 -20.79 -29.78
CL CL R . -18.41 -41.65 -11.47
C1 GOL S . -3.56 -3.33 -23.22
O1 GOL S . -3.08 -4.56 -23.80
C2 GOL S . -2.70 -2.96 -22.02
O2 GOL S . -2.84 -3.96 -21.00
C3 GOL S . -1.23 -2.86 -22.40
O3 GOL S . -1.03 -1.84 -23.38
H11 GOL S . -4.59 -3.45 -22.91
H12 GOL S . -3.51 -2.53 -23.96
HO1 GOL S . -2.32 -4.37 -24.36
H2 GOL S . -3.04 -1.99 -21.67
HO2 GOL S . -2.21 -4.67 -21.15
H31 GOL S . -0.64 -2.63 -21.52
H32 GOL S . -0.88 -3.82 -22.79
HO3 GOL S . -0.08 -1.71 -23.53
OH2 1PE T . -27.18 -0.77 -20.79
C12 1PE T . -26.06 -1.58 -20.46
C22 1PE T . -26.31 -3.03 -20.75
OH3 1PE T . -25.55 -3.46 -21.86
C13 1PE T . -23.55 -2.35 -22.49
C23 1PE T . -24.14 -3.45 -21.66
OH4 1PE T . -22.20 -2.59 -22.84
C14 1PE T . -21.69 -0.26 -23.12
C24 1PE T . -21.69 -1.62 -23.75
OH5 1PE T . -21.33 0.74 -24.08
C15 1PE T . -22.06 2.77 -23.04
C25 1PE T . -22.27 1.80 -24.15
OH6 1PE T . -23.15 2.72 -22.11
C16 1PE T . -24.09 4.05 -20.37
C26 1PE T . -22.86 3.38 -20.89
OH7 1PE T . -24.03 4.23 -18.96
HO2 1PE T . -27.07 -0.51 -21.59
H121 1PE T . -25.30 -1.28 -20.98
H122 1PE T . -25.86 -1.48 -19.52
H221 1PE T . -27.26 -3.16 -20.93
H222 1PE T . -26.06 -3.56 -19.97
H131 1PE T . -23.60 -1.53 -21.98
H132 1PE T . -24.08 -2.26 -23.30
H231 1PE T . -23.76 -4.31 -21.92
H232 1PE T . -23.94 -3.29 -20.72
H141 1PE T . -21.04 -0.25 -22.40
H142 1PE T . -22.57 -0.06 -22.76
H241 1PE T . -20.79 -1.85 -24.01
H242 1PE T . -22.26 -1.59 -24.54
H151 1PE T . -22.00 3.66 -23.41
H152 1PE T . -21.24 2.55 -22.58
H251 1PE T . -23.17 1.43 -24.09
H252 1PE T . -22.17 2.26 -25.00
H161 1PE T . -24.18 4.91 -20.79
H162 1PE T . -24.86 3.49 -20.58
H261 1PE T . -22.16 4.05 -21.04
H262 1PE T . -22.53 2.74 -20.25
HO7 1PE T . -23.92 3.46 -18.62
S1 MYA U . -4.37 -23.31 19.45
C2 MYA U . -3.96 -25.06 19.95
C3 MYA U . -4.82 -25.49 21.11
N4 MYA U . -4.37 -26.70 21.79
C5 MYA U . -4.53 -28.00 21.32
O5 MYA U . -5.14 -28.13 20.25
C6 MYA U . -4.03 -29.24 22.09
C7 MYA U . -4.98 -30.42 22.07
N8 MYA U . -6.33 -30.06 22.53
C9 MYA U . -6.66 -29.57 23.78
O9 MYA U . -5.78 -29.40 24.62
C10 MYA U . -8.15 -29.24 24.14
O10 MYA U . -8.91 -29.92 23.16
C11 MYA U . -8.46 -27.73 24.14
C12 MYA U . -10.03 -27.54 24.37
C13 MYA U . -8.04 -27.13 22.78
C14 MYA U . -7.67 -27.02 25.28
N1A MYA U . -8.93 -22.29 20.84
O1A MYA U . -12.88 -27.31 27.63
P1A MYA U . -13.77 -27.71 26.46
C1X MYA U . -13.61 -24.14 22.24
C2A MYA U . -10.05 -21.69 21.41
O2A MYA U . -14.99 -28.55 26.72
P2A MYA U . -11.64 -29.35 25.27
C2M MYA U . -3.76 -22.11 20.79
O2M MYA U . -2.97 -22.51 21.64
C2X MYA U . -14.83 -24.79 21.58
O2X MYA U . -15.20 -24.00 20.50
N3A MYA U . -11.23 -22.25 21.76
O3A MYA U . -12.94 -28.45 25.32
C3M MYA U . -4.28 -20.67 20.87
C3X MYA U . -15.90 -24.66 22.73
O3X MYA U . -16.53 -23.46 22.70
P3X MYA U . -17.98 -23.27 22.16
C4A MYA U . -11.29 -23.60 21.44
O4A MYA U . -11.50 -30.02 23.97
C4M MYA U . -5.61 -20.57 21.67
C4X MYA U . -14.96 -24.82 24.02
O4X MYA U . -13.60 -24.57 23.59
C5A MYA U . -10.20 -24.33 20.83
O5A MYA U . -11.41 -30.18 26.49
C5M MYA U . -6.27 -19.21 21.86
C5X MYA U . -15.07 -26.19 24.66
O5X MYA U . -14.28 -26.35 25.83
C6A MYA U . -9.03 -23.62 20.53
N6A MYA U . -7.93 -24.20 19.94
O6A MYA U . -10.46 -28.32 25.39
C6M MYA U . -7.80 -19.29 22.16
N7A MYA U . -10.62 -25.67 20.64
O7A MYA U . -18.26 -21.78 22.21
C7M MYA U . -8.43 -18.15 22.98
C8A MYA U . -11.88 -25.75 21.13
O8A MYA U . -17.93 -23.85 20.77
C8M MYA U . -7.67 -16.85 23.09
N9A MYA U . -12.30 -24.51 21.63
O9A MYA U . -18.79 -24.07 23.17
C9M MYA U . -8.53 -15.52 23.15
CAM MYA U . -7.79 -14.31 23.68
CBM MYA U . -7.78 -14.11 25.23
CCM MYA U . -7.04 -12.86 25.75
CDM MYA U . -7.73 -11.53 25.53
CEM MYA U . -6.96 -10.26 26.09
CFM MYA U . -7.57 -8.92 25.72
H2 MYA U . -4.10 -25.66 19.05
H2A MYA U . -2.89 -25.06 20.19
H3 MYA U . -4.89 -24.63 21.81
H3A MYA U . -5.86 -25.61 20.73
HN4 MYA U . -3.90 -26.58 22.67
H6 MYA U . -3.78 -28.96 23.14
H6A MYA U . -3.03 -29.54 21.71
H7 MYA U . -4.54 -31.25 22.67
H7A MYA U . -5.00 -30.84 21.03
HN8 MYA U . -7.08 -30.17 21.86
H10 MYA U . -8.32 -29.63 25.19
HO10 MYA U . -9.84 -29.91 23.44
H12 MYA U . -10.56 -27.75 23.41
H12A MYA U . -10.23 -26.45 24.56
H13 MYA U . -8.59 -26.21 22.54
H13A MYA U . -8.20 -27.82 21.95
H13B MYA U . -6.97 -26.86 22.76
H14 MYA U . -7.92 -25.97 25.43
H14A MYA U . -6.58 -27.02 25.16
H14B MYA U . -7.82 -27.46 26.28
H1X MYA U . -13.57 -23.02 22.14
H2AA MYA U . -9.96 -20.60 21.63
H2X MYA U . -14.76 -25.88 21.36
HO2X MYA U . -16.17 -23.97 20.51
H3M MYA U . -3.50 -20.02 21.30
H3MA MYA U . -4.39 -20.26 19.84
H3X MYA U . -16.53 -25.56 22.52
H4M MYA U . -6.35 -21.24 21.18
H4MA MYA U . -5.45 -21.01 22.67
H4X MYA U . -15.10 -24.03 24.79
H5M MYA U . -6.10 -18.58 20.96
H5MA MYA U . -5.76 -18.66 22.67
H5X MYA U . -14.82 -26.92 23.86
H5XA MYA U . -16.17 -26.34 24.86
HN6A MYA U . -7.95 -25.17 19.67
HN6B MYA U . -7.07 -23.73 19.73
H6M MYA U . -8.36 -19.37 21.21
H6MA MYA U . -8.02 -20.24 22.69
H7M MYA U . -8.64 -18.52 24.00
H7MA MYA U . -9.43 -17.93 22.56
H8A MYA U . -12.55 -26.63 21.18
H8M MYA U . -6.96 -16.77 22.25
H8MA MYA U . -7.01 -16.89 23.97
H9M MYA U . -9.44 -15.69 23.75
H9MA MYA U . -8.94 -15.28 22.15
HAM MYA U . -6.76 -14.32 23.32
HAMA MYA U . -8.21 -13.40 23.21
HBM MYA U . -8.82 -14.09 25.60
HBMA MYA U . -7.33 -15.01 25.71
HCM MYA U . -6.85 -12.99 26.82
HCMA MYA U . -6.04 -12.82 25.28
HDM MYA U . -7.91 -11.36 24.45
HDMA MYA U . -8.73 -11.54 25.99
HEM MYA U . -6.88 -10.31 27.19
HEMA MYA U . -5.90 -10.26 25.74
HFM MYA U . -8.52 -8.99 25.19
HFMA MYA U . -7.80 -8.27 26.58
HFMB MYA U . -6.94 -8.30 25.08
C01 A1AB7 V . -0.62 -29.84 13.27
C01 A1AB7 V . -0.87 -30.29 13.14
C02 A1AB7 V . 0.52 -30.81 13.01
C02 A1AB7 V . 0.47 -30.94 12.89
C03 A1AB7 V . 1.14 -31.04 11.80
C03 A1AB7 V . 1.21 -30.90 11.72
C04 A1AB7 V . 2.13 -31.99 12.02
C04 A1AB7 V . 2.36 -31.62 11.94
C05 A1AB7 V . 3.11 -32.59 11.01
C05 A1AB7 V . 3.51 -31.86 10.95
C07 A1AB7 V . 3.58 -33.68 8.81
C07 A1AB7 V . 5.48 -33.28 10.27
C08 A1AB7 V . 4.13 -32.59 7.90
C08 A1AB7 V . 4.94 -33.82 8.94
C14 A1AB7 V . 0.76 -31.65 15.30
C14 A1AB7 V . 0.76 -31.97 15.12
C15 A1AB7 V . 0.80 -30.34 10.47
C15 A1AB7 V . 0.80 -30.17 10.44
C16 A1AB7 V . 1.68 -29.12 10.18
C16 A1AB7 V . 1.69 -28.96 10.12
C18 A1AB7 V . 1.64 -26.75 10.40
C18 A1AB7 V . 1.66 -26.60 10.37
C19 A1AB7 V . 1.33 -25.66 11.21
C19 A1AB7 V . 1.38 -25.52 11.21
C20 A1AB7 V . 0.34 -25.74 12.35
C20 A1AB7 V . 0.38 -25.66 12.35
C21 A1AB7 V . 0.57 -25.01 13.49
C21 A1AB7 V . 0.62 -24.97 13.52
C22 A1AB7 V . -0.33 -25.06 14.54
C22 A1AB7 V . -0.27 -25.05 14.58
C24 A1AB7 V . 0.99 -23.26 15.88
C24 A1AB7 V . -1.00 -24.25 16.92
C25 A1AB7 V . 0.49 -21.88 16.33
C25 A1AB7 V . -1.47 -22.83 17.20
C27 A1AB7 V . -1.45 -22.86 17.29
C27 A1AB7 V . 0.48 -21.88 16.31
C28 A1AB7 V . -1.00 -24.26 16.90
C28 A1AB7 V . 1.03 -23.26 15.94
C30 A1AB7 V . -1.67 -26.51 13.38
C30 A1AB7 V . -1.61 -26.47 13.37
C31 A1AB7 V . -0.82 -26.51 12.28
C31 A1AB7 V . -0.77 -26.42 12.26
C33 A1AB7 V . 2.80 -24.30 10.05
C33 A1AB7 V . 2.85 -24.15 10.09
C34 A1AB7 V . 3.15 -25.34 9.20
C34 A1AB7 V . 3.18 -25.16 9.19
C35 A1AB7 V . 2.56 -26.59 9.38
C35 A1AB7 V . 2.58 -26.41 9.33
N06 A1AB7 V . 2.62 -33.12 9.75
N06 A1AB7 V . 4.39 -33.01 11.19
N12 A1AB7 V . 2.10 -32.31 13.30
N12 A1AB7 V . 2.33 -32.09 13.18
N13 A1AB7 V . 1.11 -31.57 13.88
N13 A1AB7 V . 1.17 -31.65 13.74
N23 A1AB7 V . -0.08 -24.28 15.75
N23 A1AB7 V . -0.01 -24.31 15.81
N26 A1AB7 V . -0.41 -21.92 17.42
N26 A1AB7 V . -0.39 -21.93 17.43
N29 A1AB7 V . -1.42 -25.80 14.48
N29 A1AB7 V . -1.36 -25.80 14.49
N32 A1AB7 V . 1.92 -24.49 11.01
N32 A1AB7 V . 1.97 -24.36 11.04
O09 A1AB7 V . 3.37 -31.64 7.53
O09 A1AB7 V . 5.70 -33.95 7.95
O10 A1AB7 V . 5.34 -32.65 7.49
O10 A1AB7 V . 3.73 -34.15 8.87
O11 A1AB7 V . 4.27 -32.63 11.28
O11 A1AB7 V . 3.70 -31.14 10.02
O17 A1AB7 V . 1.02 -27.99 10.62
O17 A1AB7 V . 1.01 -27.82 10.55
H012 A1AB7 V . -1.53 -30.41 13.44
H012 A1AB7 V . -1.66 -30.93 12.77
H013 A1AB7 V . -0.76 -29.20 12.42
H013 A1AB7 V . -0.91 -29.34 12.63
H011 A1AB7 V . -0.39 -29.25 14.15
H011 A1AB7 V . -1.01 -30.13 14.21
H072 A1AB7 V . 3.09 -34.45 8.21
H072 A1AB7 V . 6.03 -32.37 10.09
H071 A1AB7 V . 4.41 -34.13 9.35
H071 A1AB7 V . 6.14 -34.02 10.72
H141 A1AB7 V . 1.61 -32.04 15.86
H141 A1AB7 V . 1.64 -32.28 15.68
H143 A1AB7 V . 0.50 -30.66 15.67
H143 A1AB7 V . 0.33 -31.08 15.58
H142 A1AB7 V . -0.10 -32.31 15.43
H142 A1AB7 V . 0.03 -32.77 15.11
H152 A1AB7 V . 0.91 -31.06 9.66
H152 A1AB7 V . 0.84 -30.87 9.61
H151 A1AB7 V . -0.24 -30.02 10.50
H151 A1AB7 V . -0.23 -29.82 10.54
H161 A1AB7 V . 1.85 -29.05 9.10
H161 A1AB7 V . 1.87 -28.91 9.05
H162 A1AB7 V . 2.62 -29.23 10.69
H162 A1AB7 V . 2.63 -29.06 10.65
H211 A1AB7 V . 1.45 -24.39 13.57
H211 A1AB7 V . 1.50 -24.34 13.61
H242 A1AB7 V . 1.47 -23.14 14.91
H242 A1AB7 V . -1.85 -24.85 16.65
H241 A1AB7 V . 1.73 -23.62 16.59
H241 A1AB7 V . -0.53 -24.65 17.81
H251 A1AB7 V . 0.00 -21.40 15.49
H251 A1AB7 V . -2.04 -22.47 16.35
H252 A1AB7 V . 1.36 -21.29 16.62
H252 A1AB7 V . -2.11 -22.85 18.08
H271 A1AB7 V . -2.14 -22.52 16.52
H271 A1AB7 V . -0.07 -21.48 15.47
H272 A1AB7 V . -1.98 -22.93 18.23
H272 A1AB7 V . 1.31 -21.23 16.55
H282 A1AB7 V . -1.87 -24.86 16.66
H282 A1AB7 V . 1.55 -23.17 15.00
H281 A1AB7 V . -0.49 -24.71 17.75
H281 A1AB7 V . 1.72 -23.57 16.71
H301 A1AB7 V . -2.58 -27.11 13.35
H301 A1AB7 V . -2.51 -27.06 13.32
H311 A1AB7 V . -1.05 -27.08 11.39
H311 A1AB7 V . -1.01 -26.98 11.36
H331 A1AB7 V . 3.25 -23.33 9.93
H331 A1AB7 V . 3.33 -23.18 10.00
H341 A1AB7 V . 3.86 -25.18 8.40
H341 A1AB7 V . 3.88 -24.99 8.39
H351 A1AB7 V . 2.82 -27.41 8.73
H351 A1AB7 V . 2.81 -27.21 8.66
H061 A1AB7 V . 1.65 -33.09 9.54
H061 A1AB7 V . 4.23 -33.61 11.97
H262 A1AB7 V . 0.12 -22.14 18.26
H262 A1AB7 V . 0.11 -22.23 18.24
H261 A1AB7 V . -0.81 -21.00 17.52
H261 A1AB7 V . -0.77 -21.00 17.60
CL CL W . -18.26 -15.97 33.84
CL CL X . -7.71 -9.82 0.11
CL CL Y . -5.39 -41.16 8.66
CL CL Z . 13.58 -41.26 15.21
MG MG AA . 4.55 -46.72 10.15
C1 GOL BA . 6.49 -12.02 18.07
O1 GOL BA . 5.38 -11.24 17.62
C2 GOL BA . 6.88 -13.10 17.05
O2 GOL BA . 6.28 -14.35 17.43
C3 GOL BA . 6.45 -12.70 15.65
O3 GOL BA . 6.66 -13.79 14.74
H11 GOL BA . 7.34 -11.36 18.25
H12 GOL BA . 6.23 -12.51 19.01
HO1 GOL BA . 4.57 -11.75 17.69
H2 GOL BA . 7.98 -13.19 17.04
HO2 GOL BA . 6.72 -14.70 18.21
H31 GOL BA . 5.40 -12.41 15.65
H32 GOL BA . 7.03 -11.83 15.31
HO3 GOL BA . 6.61 -14.62 15.23
S1 MYA CA . 5.72 33.19 2.17
C2 MYA CA . 5.64 35.09 2.07
C3 MYA CA . 6.92 35.66 1.48
N4 MYA CA . 7.20 37.08 1.84
C5 MYA CA . 6.60 38.17 1.25
O5 MYA CA . 5.76 37.91 0.39
C6 MYA CA . 6.94 39.64 1.61
C7 MYA CA . 6.99 40.62 0.43
N8 MYA CA . 7.78 40.13 -0.69
C9 MYA CA . 9.16 39.87 -0.66
O9 MYA CA . 9.80 40.08 0.37
C10 MYA CA . 9.94 39.36 -1.92
O10 MYA CA . 9.07 39.61 -3.00
C11 MYA CA . 10.32 37.87 -1.84
C12 MYA CA . 10.95 37.41 -3.26
C13 MYA CA . 9.11 37.03 -1.52
C14 MYA CA . 11.40 37.71 -0.74
N1A MYA CA . 8.41 31.76 -1.63
O1A MYA CA . 14.79 37.50 -5.28
P1A MYA CA . 13.89 37.35 -6.44
C1X MYA CA . 10.71 32.90 -6.15
C2A MYA CA . 9.37 31.10 -2.37
O2A MYA CA . 14.23 37.95 -7.73
P2A MYA CA . 11.93 39.03 -5.02
C2M MYA CA . 7.09 32.60 3.30
O2M MYA CA . 7.56 33.32 4.12
C2X MYA CA . 10.25 33.04 -7.62
O2X MYA CA . 9.54 31.94 -7.97
N3A MYA CA . 9.93 31.47 -3.53
O3A MYA CA . 12.44 37.93 -6.02
C3M MYA CA . 7.66 31.21 3.16
C3X MYA CA . 11.62 33.03 -8.38
O3X MYA CA . 12.04 31.81 -8.69
P3X MYA CA . 12.01 31.20 -10.24
C4A MYA CA . 9.43 32.68 -4.01
O4A MYA CA . 10.53 39.41 -5.24
C4M MYA CA . 8.66 31.05 1.97
C4X MYA CA . 12.57 33.74 -7.28
O4X MYA CA . 11.87 33.71 -6.05
C5A MYA CA . 8.43 33.44 -3.34
O5A MYA CA . 12.89 40.17 -4.75
C5M MYA CA . 9.42 29.73 1.83
C5X MYA CA . 12.97 35.15 -7.70
O5X MYA CA . 13.81 35.79 -6.71
C6A MYA CA . 7.92 32.94 -2.11
N6A MYA CA . 6.95 33.61 -1.37
O6A MYA CA . 11.94 38.27 -3.64
C6M MYA CA . 10.62 29.77 0.82
N7A MYA CA . 8.14 34.60 -4.13
O7A MYA CA . 12.56 29.81 -10.10
C7M MYA CA . 11.02 28.42 0.26
C8A MYA CA . 8.94 34.51 -5.21
O8A MYA CA . 10.53 31.29 -10.55
C8M MYA CA . 11.51 27.41 1.29
N9A MYA CA . 9.74 33.37 -5.15
O9A MYA CA . 12.90 32.21 -10.93
C9M MYA CA . 11.85 25.96 0.78
CAM MYA CA . 12.46 25.00 1.81
CBM MYA CA . 13.78 25.45 2.49
CCM MYA CA . 14.25 24.48 3.58
CDM MYA CA . 14.66 23.11 3.09
CEM MYA CA . 15.07 22.07 4.18
CFM MYA CA . 15.27 20.66 3.62
H2 MYA CA . 4.75 35.30 1.48
H2A MYA CA . 5.46 35.41 3.10
H3 MYA CA . 6.87 35.53 0.38
H3A MYA CA . 7.76 35.00 1.78
HN4 MYA CA . 7.88 37.26 2.56
H6 MYA CA . 7.90 39.68 2.18
H6A MYA CA . 6.23 40.01 2.39
H7 MYA CA . 7.37 41.60 0.82
H7A MYA CA . 5.94 40.86 0.14
HN8 MYA CA . 7.29 39.96 -1.56
H10 MYA CA . 10.91 39.94 -1.99
HO10 MYA CA . 9.56 39.51 -3.82
H12 MYA CA . 11.31 36.36 -3.16
H12A MYA CA . 10.12 37.34 -4.00
H13 MYA CA . 8.90 37.00 -0.44
H13A MYA CA . 9.23 35.98 -1.83
H13B MYA CA . 8.20 37.39 -1.99
H14 MYA CA . 12.32 38.29 -0.89
H14A MYA CA . 11.77 36.68 -0.59
H14B MYA CA . 11.08 38.00 0.27
H1X MYA CA . 10.87 31.85 -5.79
H2AA MYA CA . 9.73 30.13 -1.95
H2X MYA CA . 9.77 34.01 -7.91
HO2X MYA CA . 9.84 31.66 -8.84
H3M MYA CA . 8.13 30.90 4.12
H3MA MYA CA . 6.83 30.48 3.09
H3X MYA CA . 11.32 33.70 -9.22
H4M MYA CA . 9.39 31.88 2.02
H4MA MYA CA . 8.10 31.23 1.03
H4X MYA CA . 13.47 33.15 -7.01
H5M MYA CA . 9.79 29.41 2.83
H5MA MYA CA . 8.73 28.93 1.53
H5X MYA CA . 12.01 35.69 -7.88
H5XA MYA CA . 13.45 35.05 -8.70
HN6A MYA CA . 6.58 34.47 -1.70
HN6B MYA CA . 6.57 33.26 -0.52
H6M MYA CA . 11.51 30.23 1.31
H6MA MYA CA . 10.39 30.45 -0.01
H7M MYA CA . 10.15 27.99 -0.29
H7MA MYA CA . 11.79 28.56 -0.51
H8A MYA CA . 9.02 35.22 -6.06
H8M MYA CA . 10.76 27.33 2.11
H8MA MYA CA . 12.40 27.82 1.81
H9M MYA CA . 12.53 26.04 -0.09
H9MA MYA CA . 10.95 25.51 0.35
HAM MYA CA . 12.62 24.02 1.34
HAMA MYA CA . 11.71 24.79 2.59
HBM MYA CA . 13.66 26.46 2.91
HBMA MYA CA . 14.58 25.56 1.73
HCM MYA CA . 13.46 24.37 4.33
HCMA MYA CA . 15.10 24.94 4.13
HDM MYA CA . 13.86 22.67 2.48
HDMA MYA CA . 15.52 23.21 2.38
HEM MYA CA . 14.31 22.03 4.99
HEMA MYA CA . 16.00 22.37 4.71
HFM MYA CA . 15.53 20.63 2.56
HFMA MYA CA . 16.05 20.08 4.11
HFMB MYA CA . 14.38 20.02 3.68
C01 A1AB7 DA . -2.32 39.32 2.49
C01 A1AB7 DA . -2.05 38.65 3.03
C02 A1AB7 DA . -3.20 40.06 3.51
C02 A1AB7 DA . -3.02 39.74 3.47
C03 A1AB7 DA . -4.51 39.79 3.81
C03 A1AB7 DA . -4.39 39.69 3.37
C04 A1AB7 DA . -4.89 40.70 4.79
C04 A1AB7 DA . -4.89 40.88 3.89
C05 A1AB7 DA . -6.26 40.79 5.45
C05 A1AB7 DA . -6.35 41.29 3.99
C07 A1AB7 DA . -7.85 42.06 6.95
C07 A1AB7 DA . -8.57 41.61 2.86
C08 A1AB7 DA . -8.99 41.67 6.03
C08 A1AB7 DA . -8.93 42.41 1.61
C14 A1AB7 DA . -1.51 41.68 4.22
C14 A1AB7 DA . -1.37 41.34 4.31
C15 A1AB7 DA . -5.38 38.68 3.21
C15 A1AB7 DA . -5.22 38.55 2.79
C16 A1AB7 DA . -5.73 37.56 4.18
C16 A1AB7 DA . -5.67 37.53 3.84
C18 A1AB7 DA . -4.96 35.43 4.91
C18 A1AB7 DA . -4.91 35.49 4.84
C19 A1AB7 DA . -3.92 34.54 5.08
C19 A1AB7 DA . -3.92 34.54 5.06
C20 A1AB7 DA . -2.58 34.71 4.36
C20 A1AB7 DA . -2.58 34.67 4.34
C21 A1AB7 DA . -1.42 34.51 5.08
C21 A1AB7 DA . -1.41 34.48 5.06
C22 A1AB7 DA . -0.19 34.64 4.46
C22 A1AB7 DA . -0.19 34.57 4.42
C24 A1AB7 DA . 2.37 34.52 4.62
C24 A1AB7 DA . 1.09 33.60 6.44
C25 A1AB7 DA . 3.11 33.18 4.55
C25 A1AB7 DA . 1.84 32.27 6.29
C27 A1AB7 DA . 1.79 32.28 6.27
C27 A1AB7 DA . 3.21 33.21 4.57
C28 A1AB7 DA . 1.05 33.61 6.46
C28 A1AB7 DA . 2.38 34.50 4.57
C30 A1AB7 DA . -1.22 35.14 2.45
C30 A1AB7 DA . -1.22 35.03 2.41
C31 A1AB7 DA . -2.50 35.02 3.01
C31 A1AB7 DA . -2.48 34.94 2.98
C33 A1AB7 DA . -5.15 33.26 6.56
C33 A1AB7 DA . -5.23 33.37 6.53
C34 A1AB7 DA . -6.24 34.11 6.43
C34 A1AB7 DA . -6.29 34.26 6.37
C35 A1AB7 DA . -6.14 35.22 5.60
C35 A1AB7 DA . -6.11 35.34 5.51
N06 A1AB7 DA . -6.54 41.93 6.30
N06 A1AB7 DA . -7.18 41.21 2.80
N12 A1AB7 DA . -3.86 41.50 5.05
N12 A1AB7 DA . -3.84 41.61 4.30
N13 A1AB7 DA . -2.83 41.08 4.24
N13 A1AB7 DA . -2.72 40.89 4.02
N23 A1AB7 DA . 1.02 34.44 5.23
N23 A1AB7 DA . 1.03 34.38 5.18
N26 A1AB7 DA . 3.12 32.47 5.78
N26 A1AB7 DA . 3.13 32.40 5.73
N29 A1AB7 DA . -0.13 34.95 3.17
N29 A1AB7 DA . -0.12 34.85 3.13
N32 A1AB7 DA . -4.03 33.50 5.90
N32 A1AB7 DA . -4.08 33.53 5.88
O09 A1AB7 DA . -9.68 40.64 6.29
O09 A1AB7 DA . -8.11 43.26 1.16
O10 A1AB7 DA . -9.23 42.36 5.01
O10 A1AB7 DA . -10.04 42.24 1.02
O11 A1AB7 DA . -7.06 39.93 5.28
O11 A1AB7 DA . -6.79 41.69 5.01
O17 A1AB7 DA . -4.81 36.52 4.04
O17 A1AB7 DA . -4.68 36.54 3.95
H012 A1AB7 DA . -2.63 38.28 2.45
H012 A1AB7 DA . -1.82 38.78 1.98
H013 A1AB7 DA . -2.45 39.78 1.52
H013 A1AB7 DA . -2.50 37.68 3.19
H011 A1AB7 DA . -1.29 39.39 2.79
H011 A1AB7 DA . -1.14 38.73 3.61
H072 A1AB7 DA . -7.86 41.42 7.83
H072 A1AB7 DA . -8.75 42.23 3.74
H071 A1AB7 DA . -7.97 43.09 7.26
H071 A1AB7 DA . -9.21 40.73 2.91
H141 A1AB7 DA . -1.15 41.73 3.20
H141 A1AB7 DA . -0.88 41.65 3.39
H143 A1AB7 DA . -1.56 42.68 4.63
H143 A1AB7 DA . -1.40 42.18 5.01
H142 A1AB7 DA . -0.82 41.07 4.81
H142 A1AB7 DA . -0.80 40.53 4.76
H152 A1AB7 DA . -4.85 38.24 2.37
H152 A1AB7 DA . -4.63 38.03 2.04
H151 A1AB7 DA . -6.30 39.13 2.85
H151 A1AB7 DA . -6.11 38.95 2.31
H161 A1AB7 DA . -5.69 37.94 5.20
H161 A1AB7 DA . -5.78 38.04 4.80
H162 A1AB7 DA . -6.73 37.19 3.97
H162 A1AB7 DA . -6.61 37.08 3.56
H211 A1AB7 DA . -1.47 34.27 6.13
H211 A1AB7 DA . -1.45 34.26 6.12
H242 A1AB7 DA . 2.27 34.91 3.62
H242 A1AB7 DA . 1.59 34.20 7.19
H241 A1AB7 DA . 2.97 35.20 5.21
H241 A1AB7 DA . 0.08 33.39 6.76
H251 A1AB7 DA . 2.63 32.56 3.81
H251 A1AB7 DA . 1.25 31.62 5.66
H252 A1AB7 DA . 4.13 33.36 4.26
H252 A1AB7 DA . 1.93 31.82 7.28
H271 A1AB7 DA . 1.24 31.66 5.58
H271 A1AB7 DA . 2.89 32.60 3.73
H272 A1AB7 DA . 1.85 31.77 7.24
H272 A1AB7 DA . 4.25 33.49 4.44
H282 A1AB7 DA . 0.03 33.40 6.76
H282 A1AB7 DA . 2.26 34.81 3.55
H281 A1AB7 DA . 1.56 34.18 7.24
H281 A1AB7 DA . 2.93 35.25 5.12
H301 A1AB7 DA . -1.13 35.38 1.40
H301 A1AB7 DA . -1.13 35.25 1.36
H311 A1AB7 DA . -3.39 35.18 2.41
H311 A1AB7 DA . -3.37 35.10 2.38
H331 A1AB7 DA . -5.21 32.40 7.21
H331 A1AB7 DA . -5.36 32.52 7.19
H341 A1AB7 DA . -7.16 33.92 6.97
H341 A1AB7 DA . -7.22 34.12 6.90
H351 A1AB7 DA . -6.97 35.90 5.48
H351 A1AB7 DA . -6.92 36.06 5.37
H061 A1AB7 DA . -5.85 42.64 6.44
H061 A1AB7 DA . -6.80 40.87 1.94
H262 A1AB7 DA . 3.65 32.99 6.46
H262 A1AB7 DA . 3.73 32.81 6.44
H261 A1AB7 DA . 3.54 31.57 5.64
H261 A1AB7 DA . 3.47 31.49 5.51
CL CL EA . -21.98 34.13 28.50
CL CL FA . -8.79 14.95 -1.62
CL CL GA . -18.19 40.46 5.30
CL CL HA . 27.11 11.59 7.40
CL CL IA . -12.16 20.73 0.86
CL CL JA . 4.66 14.35 25.16
CL CL KA . -0.04 33.36 -7.83
C1 GOL LA . 1.34 24.22 14.03
O1 GOL LA . 0.07 24.75 14.30
C2 GOL LA . 2.40 24.81 14.94
O2 GOL LA . 3.67 24.21 14.62
C3 GOL LA . 2.49 26.33 14.81
O3 GOL LA . 2.78 26.70 13.46
H11 GOL LA . 1.60 24.43 12.99
H12 GOL LA . 1.31 23.13 14.15
HO1 GOL LA . 0.06 25.70 14.11
H2 GOL LA . 2.11 24.60 15.99
HO2 GOL LA . 3.81 24.24 13.66
H31 GOL LA . 3.27 26.71 15.46
H32 GOL LA . 1.54 26.78 15.10
HO3 GOL LA . 3.69 26.44 13.25
OH2 1PE MA . 9.88 12.01 -9.80
C12 1PE MA . 11.20 11.67 -10.21
C22 1PE MA . 12.17 11.83 -9.10
OH3 1PE MA . 11.92 10.87 -8.08
C13 1PE MA . 12.80 9.62 -6.23
C23 1PE MA . 13.12 10.33 -7.51
OH4 1PE MA . 11.62 8.84 -6.39
C14 1PE MA . 10.47 6.85 -5.74
C24 1PE MA . 11.81 7.49 -5.98
OH5 1PE MA . 9.76 6.69 -6.96
C15 1PE MA . 7.73 6.83 -8.19
C25 1PE MA . 8.38 6.89 -6.84
OH6 1PE MA . 7.03 8.04 -8.43
C16 1PE MA . 7.66 8.60 -10.65
C26 1PE MA . 6.55 8.15 -9.75
OH7 1PE MA . 7.43 9.91 -11.13
HO2 1PE MA . 9.66 12.71 -10.23
H121 1PE MA . 11.45 12.25 -10.94
H122 1PE MA . 11.21 10.75 -10.50
H221 1PE MA . 12.09 12.73 -8.71
H222 1PE MA . 13.07 11.71 -9.43
H131 1PE MA . 13.54 9.04 -6.00
H132 1PE MA . 12.66 10.26 -5.53
H231 1PE MA . 13.51 9.71 -8.13
H232 1PE MA . 13.73 11.06 -7.32
H141 1PE MA . 10.60 5.97 -5.32
H142 1PE MA . 9.95 7.41 -5.13
H241 1PE MA . 12.27 7.00 -6.67
H242 1PE MA . 12.33 7.47 -5.16
H151 1PE MA . 7.11 6.09 -8.21
H152 1PE MA . 8.41 6.70 -8.87
H251 1PE MA . 7.99 6.20 -6.27
H252 1PE MA . 8.21 7.76 -6.44
H161 1PE MA . 7.72 7.99 -11.40
H162 1PE MA . 8.49 8.59 -10.16
H261 1PE MA . 5.83 8.79 -9.79
H262 1PE MA . 6.22 7.29 -10.06
HO7 1PE MA . 7.30 9.85 -11.98
O22 P33 NA . 10.96 51.70 0.51
C21 P33 NA . 11.00 51.19 -0.82
C20 P33 NA . 10.46 52.22 -1.79
O19 P33 NA . 10.17 51.63 -3.03
C18 P33 NA . 11.22 50.85 -3.58
C17 P33 NA . 11.32 51.04 -5.07
O16 P33 NA . 12.67 51.03 -5.47
C15 P33 NA . 13.42 52.17 -5.10
C14 P33 NA . 14.88 52.00 -5.46
O13 P33 NA . 15.19 50.66 -5.65
C12 P33 NA . 16.41 50.46 -6.33
C11 P33 NA . 17.59 50.67 -5.40
O10 P33 NA . 18.67 49.86 -5.79
C9 P33 NA . 19.51 49.46 -4.72
C8 P33 NA . 19.73 50.56 -3.71
O7 P33 NA . 20.92 50.34 -3.00
C6 P33 NA . 20.79 49.37 -1.99
C5 P33 NA . 20.62 50.04 -0.65
O4 P33 NA . 19.32 49.76 -0.15
C3 P33 NA . 19.30 49.35 1.19
C2 P33 NA . 18.01 49.79 1.84
O1 P33 NA . 18.20 51.04 2.44
H22 P33 NA . 10.15 51.69 0.77
H211 P33 NA . 11.90 50.98 -1.10
H212 P33 NA . 10.47 50.39 -0.92
H201 P33 NA . 9.66 52.63 -1.41
H202 P33 NA . 11.12 52.93 -1.90
H181 P33 NA . 11.09 49.91 -3.40
H182 P33 NA . 12.08 51.09 -3.19
H171 P33 NA . 10.90 51.88 -5.32
H172 P33 NA . 10.83 50.34 -5.52
H151 P33 NA . 13.36 52.34 -4.15
H152 P33 NA . 13.08 52.98 -5.54
H141 P33 NA . 15.42 52.38 -4.76
H142 P33 NA . 15.06 52.51 -6.27
H121 P33 NA . 16.51 51.06 -7.08
H122 P33 NA . 16.48 49.56 -6.69
H111 P33 NA . 17.85 51.60 -5.42
H112 P33 NA . 17.32 50.47 -4.49
H91 P33 NA . 19.14 48.70 -4.25
H92 P33 NA . 20.39 49.20 -5.05
H81 P33 NA . 18.97 50.59 -3.10
H82 P33 NA . 19.74 51.42 -4.16
H61 P33 NA . 21.57 48.79 -1.94
H62 P33 NA . 20.03 48.80 -2.14
H51 P33 NA . 20.75 50.99 -0.73
H52 P33 NA . 21.29 49.71 -0.03
H31 P33 NA . 20.04 49.72 1.70
H32 P33 NA . 19.36 48.38 1.27
H21 P33 NA . 17.32 49.83 1.15
H22A P33 NA . 17.74 49.12 2.48
HO1 P33 NA . 18.77 50.95 3.07
#